data_2RFY
#
_entry.id   2RFY
#
_cell.length_a   50.920
_cell.length_b   94.660
_cell.length_c   189.960
_cell.angle_alpha   90.000
_cell.angle_beta   90.030
_cell.angle_gamma   90.000
#
_symmetry.space_group_name_H-M   'P 1 21 1'
#
loop_
_entity.id
_entity.type
_entity.pdbx_description
1 polymer 'Cellulose 1,4-beta-cellobiosidase'
2 branched beta-D-glucopyranose-(1-4)-beta-D-glucopyranose
3 water water
#
_entity_poly.entity_id   1
_entity_poly.type   'polypeptide(L)'
_entity_poly.pdbx_seq_one_letter_code
;(PCA)RAGNETPENHPPLTWQRCTAPGNCQTVNAEVVIDANWRWLHDDNMQNCYDGNQWTNACSTATDCAEKCMIEGAGD
YLGTYGASTSGDALTLKFVTKHEYGTNVGSRFYLMNGPDKYQMFNLMGNELAFDVDLSTVECGINSALYFVAMEEDGGMA
SYPSNQAGARYGTGYCDAQCARDLKFVGGKANIEGWKSSTSDPNAGVGPYGSCCAEIDVWESNAYAFAFTPHACTTNEYH
VCETTNCGGTYSEDRFAGKCDANGCDYNPYRMGNPDFYGKGKTLDTSRKFTVVSRFEENKLSQYFIQDGRKIEIPPPTWE
GMPNSSEITPELCSTMFDVFNDRNRFEEVGGFEQLNNALRVPMVLVMSIWDDHYANMLWLDSIYPPEKEGQPGAARGDCP
TDSGVPAEVEAQFPDAQVVWSNIRFGPIGSTYDF
;
_entity_poly.pdbx_strand_id   A,B,C,D
#
loop_
_chem_comp.id
_chem_comp.type
_chem_comp.name
_chem_comp.formula
BGC D-saccharide, beta linking beta-D-glucopyranose 'C6 H12 O6'
#
# COMPACT_ATOMS: atom_id res chain seq x y z
N PCA A 1 -15.45 21.22 19.84
CA PCA A 1 -16.67 20.42 19.81
CB PCA A 1 -17.35 20.84 18.50
CG PCA A 1 -16.26 21.43 17.68
CD PCA A 1 -15.37 22.13 18.67
OE PCA A 1 -14.36 22.75 18.34
C PCA A 1 -16.40 18.92 19.75
O PCA A 1 -15.40 18.49 19.18
N ARG A 2 -17.31 18.15 20.35
CA ARG A 2 -17.22 16.71 20.28
C ARG A 2 -17.86 16.17 18.98
N ALA A 3 -17.44 14.94 18.69
CA ALA A 3 -17.92 14.15 17.58
C ALA A 3 -19.18 13.39 18.00
N GLY A 4 -20.11 13.36 17.07
CA GLY A 4 -21.41 12.73 17.12
C GLY A 4 -21.36 11.22 17.11
N ASN A 5 -22.51 10.59 17.33
CA ASN A 5 -22.46 9.12 17.46
C ASN A 5 -23.65 8.46 16.76
N GLU A 6 -24.67 9.26 16.47
CA GLU A 6 -25.83 8.88 15.70
C GLU A 6 -25.50 8.60 14.24
N THR A 7 -24.30 8.94 13.76
CA THR A 7 -24.03 8.69 12.34
C THR A 7 -22.54 8.67 12.06
N PRO A 8 -21.95 7.47 11.97
CA PRO A 8 -20.55 7.27 11.63
C PRO A 8 -20.07 8.06 10.42
N GLU A 9 -18.80 8.47 10.38
CA GLU A 9 -18.28 9.22 9.22
C GLU A 9 -17.53 8.32 8.25
N ASN A 10 -17.95 8.36 6.98
CA ASN A 10 -17.24 7.53 6.00
C ASN A 10 -16.80 8.44 4.84
N HIS A 11 -15.51 8.69 4.74
CA HIS A 11 -14.92 9.51 3.70
C HIS A 11 -14.85 8.79 2.35
N PRO A 12 -15.39 9.39 1.29
CA PRO A 12 -15.27 8.88 -0.08
C PRO A 12 -13.84 8.88 -0.61
N PRO A 13 -13.44 7.73 -1.14
CA PRO A 13 -12.05 7.50 -1.51
C PRO A 13 -11.69 8.00 -2.90
N LEU A 14 -10.79 8.96 -2.95
CA LEU A 14 -10.36 9.73 -4.10
C LEU A 14 -8.89 9.53 -4.45
N THR A 15 -8.58 9.41 -5.76
CA THR A 15 -7.16 9.28 -6.12
C THR A 15 -6.69 10.55 -6.85
N TRP A 16 -5.44 10.87 -6.60
CA TRP A 16 -4.69 11.99 -7.15
C TRP A 16 -3.23 11.55 -7.33
N GLN A 17 -2.43 12.26 -8.12
CA GLN A 17 -1.09 11.72 -8.33
C GLN A 17 0.05 12.71 -8.11
N ARG A 18 1.07 12.19 -7.45
CA ARG A 18 2.33 12.85 -7.16
C ARG A 18 3.32 12.68 -8.31
N CYS A 19 3.60 13.68 -9.12
CA CYS A 19 4.51 13.50 -10.25
C CYS A 19 5.95 13.87 -9.97
N THR A 20 6.89 13.30 -10.73
CA THR A 20 8.25 13.86 -10.57
C THR A 20 8.65 14.48 -11.91
N ALA A 21 8.29 13.73 -12.93
CA ALA A 21 8.54 13.99 -14.34
C ALA A 21 7.27 13.92 -15.17
N PRO A 22 7.28 14.60 -16.31
CA PRO A 22 6.10 14.70 -17.15
C PRO A 22 5.62 13.36 -17.70
N GLY A 23 4.92 12.65 -16.81
CA GLY A 23 4.47 11.29 -17.14
C GLY A 23 5.30 10.37 -16.27
N ASN A 24 5.54 10.90 -15.07
CA ASN A 24 6.14 10.17 -13.98
C ASN A 24 5.33 10.47 -12.72
N CYS A 25 4.18 9.81 -12.56
CA CYS A 25 3.31 10.02 -11.41
C CYS A 25 2.71 8.69 -10.97
N GLN A 26 1.72 8.72 -10.07
CA GLN A 26 1.17 7.44 -9.66
C GLN A 26 -0.11 7.53 -8.84
N THR A 27 -0.32 6.53 -7.98
CA THR A 27 -1.58 6.45 -7.25
C THR A 27 -1.43 6.74 -5.77
N VAL A 28 -2.05 7.86 -5.36
CA VAL A 28 -2.16 8.15 -3.93
C VAL A 28 -3.62 8.01 -3.55
N ASN A 29 -3.94 7.09 -2.62
CA ASN A 29 -5.35 6.79 -2.39
C ASN A 29 -5.93 7.53 -1.22
N ALA A 30 -5.99 8.86 -1.33
CA ALA A 30 -6.45 9.66 -0.19
C ALA A 30 -7.95 9.63 -0.04
N GLU A 31 -8.56 10.70 0.47
CA GLU A 31 -10.03 10.68 0.58
C GLU A 31 -10.60 12.09 0.64
N VAL A 32 -11.88 12.28 0.97
CA VAL A 32 -12.43 13.64 1.05
C VAL A 32 -13.49 13.70 2.14
N VAL A 33 -13.64 14.90 2.72
CA VAL A 33 -14.67 15.09 3.76
C VAL A 33 -15.25 16.49 3.82
N ILE A 34 -16.57 16.62 3.71
CA ILE A 34 -17.22 17.92 3.65
C ILE A 34 -17.15 18.69 4.96
N ASP A 35 -17.31 20.00 4.81
CA ASP A 35 -17.07 20.94 5.89
C ASP A 35 -18.02 20.72 7.07
N ALA A 36 -17.55 21.21 8.22
CA ALA A 36 -18.19 21.13 9.51
C ALA A 36 -19.61 21.67 9.50
N ASN A 37 -19.75 22.85 8.91
CA ASN A 37 -21.07 23.49 8.87
C ASN A 37 -22.15 22.62 8.26
N TRP A 38 -21.81 21.76 7.29
CA TRP A 38 -22.83 20.97 6.60
C TRP A 38 -23.35 19.81 7.44
N ARG A 39 -22.81 19.73 8.65
CA ARG A 39 -22.91 18.66 9.61
C ARG A 39 -23.86 18.91 10.77
N TRP A 40 -24.63 17.87 11.09
CA TRP A 40 -25.55 17.81 12.21
C TRP A 40 -24.80 18.03 13.53
N LEU A 41 -25.36 18.87 14.36
CA LEU A 41 -24.97 19.37 15.67
C LEU A 41 -26.11 19.20 16.67
N HIS A 42 -25.88 18.46 17.76
CA HIS A 42 -27.00 18.23 18.67
C HIS A 42 -26.49 17.84 20.04
N ASP A 43 -27.32 17.75 21.09
CA ASP A 43 -26.62 17.30 22.30
C ASP A 43 -26.71 15.78 22.44
N ASP A 44 -26.80 15.35 23.69
CA ASP A 44 -26.89 13.94 24.04
C ASP A 44 -28.36 13.54 24.22
N ASN A 45 -29.24 14.52 24.01
CA ASN A 45 -30.67 14.20 24.08
C ASN A 45 -31.27 14.33 22.68
N MET A 46 -30.38 14.74 21.79
CA MET A 46 -30.49 14.81 20.35
C MET A 46 -31.35 15.96 19.84
N GLN A 47 -31.75 16.84 20.75
CA GLN A 47 -32.28 18.15 20.35
C GLN A 47 -31.17 18.86 19.58
N ASN A 48 -31.52 19.56 18.51
CA ASN A 48 -30.49 20.25 17.74
C ASN A 48 -29.75 21.25 18.64
N CYS A 49 -28.71 21.88 18.12
CA CYS A 49 -28.03 23.02 18.75
C CYS A 49 -28.04 24.13 17.68
N TYR A 50 -28.25 23.67 16.47
CA TYR A 50 -28.50 24.45 15.27
C TYR A 50 -29.76 23.92 14.58
N ASP A 51 -30.72 24.82 14.39
CA ASP A 51 -31.93 24.57 13.63
C ASP A 51 -32.16 25.70 12.64
N GLY A 52 -32.53 25.35 11.42
CA GLY A 52 -32.74 26.32 10.35
C GLY A 52 -31.53 27.22 10.14
N ASN A 53 -31.62 28.45 10.63
CA ASN A 53 -30.47 29.36 10.62
C ASN A 53 -30.37 30.03 12.00
N GLN A 54 -30.75 29.26 13.01
CA GLN A 54 -30.68 29.72 14.39
C GLN A 54 -30.15 28.65 15.32
N TRP A 55 -29.20 29.04 16.18
CA TRP A 55 -28.81 28.12 17.25
C TRP A 55 -30.01 27.80 18.13
N THR A 56 -29.97 26.74 18.92
CA THR A 56 -31.10 26.45 19.79
C THR A 56 -30.89 27.04 21.18
N ASN A 57 -31.88 26.84 22.04
CA ASN A 57 -31.77 27.09 23.47
C ASN A 57 -31.24 25.81 24.13
N ALA A 58 -30.87 24.88 23.26
CA ALA A 58 -30.17 23.65 23.55
C ALA A 58 -28.70 23.94 23.83
N CYS A 59 -28.33 25.19 23.72
CA CYS A 59 -27.00 25.76 23.82
C CYS A 59 -26.98 27.00 24.71
N SER A 60 -26.02 27.88 24.46
CA SER A 60 -25.95 29.19 25.12
C SER A 60 -24.68 29.97 24.83
N THR A 61 -23.47 29.43 24.95
CA THR A 61 -22.34 30.35 24.73
C THR A 61 -21.29 29.82 23.77
N ALA A 62 -20.24 30.60 23.54
CA ALA A 62 -19.11 30.16 22.73
C ALA A 62 -18.52 28.83 23.22
N THR A 63 -18.44 28.69 24.53
CA THR A 63 -17.72 27.65 25.23
C THR A 63 -18.60 26.44 25.55
N ASP A 64 -19.65 26.61 26.34
CA ASP A 64 -20.47 25.47 26.73
C ASP A 64 -21.00 24.73 25.51
N CYS A 65 -21.34 25.48 24.48
CA CYS A 65 -21.77 24.87 23.21
C CYS A 65 -20.78 23.81 22.74
N ALA A 66 -19.50 24.12 22.79
CA ALA A 66 -18.42 23.23 22.35
C ALA A 66 -18.37 21.96 23.20
N GLU A 67 -18.67 22.10 24.50
CA GLU A 67 -18.72 20.91 25.35
C GLU A 67 -19.90 20.00 25.01
N LYS A 68 -21.12 20.50 25.12
CA LYS A 68 -22.37 19.77 25.13
C LYS A 68 -22.90 19.34 23.75
N CYS A 69 -22.46 19.97 22.66
CA CYS A 69 -22.94 19.54 21.35
C CYS A 69 -21.90 18.71 20.61
N MET A 70 -22.33 17.91 19.65
CA MET A 70 -21.41 17.08 18.86
C MET A 70 -21.80 17.09 17.39
N ILE A 71 -20.82 17.26 16.49
CA ILE A 71 -21.12 17.25 15.07
C ILE A 71 -21.12 15.84 14.49
N GLU A 72 -21.85 15.60 13.41
CA GLU A 72 -21.94 14.19 13.01
C GLU A 72 -21.37 13.90 11.63
N GLY A 73 -21.29 12.61 11.30
CA GLY A 73 -20.97 12.23 9.92
C GLY A 73 -22.16 12.62 9.06
N ALA A 74 -22.00 12.57 7.74
CA ALA A 74 -23.02 13.09 6.84
C ALA A 74 -23.97 12.04 6.30
N GLY A 75 -24.04 10.85 6.88
CA GLY A 75 -24.82 9.77 6.29
C GLY A 75 -24.31 9.52 4.88
N ASP A 76 -25.14 8.96 4.01
CA ASP A 76 -25.01 9.00 2.57
C ASP A 76 -24.36 10.30 2.11
N TYR A 77 -23.47 10.26 1.11
CA TYR A 77 -22.95 11.54 0.62
C TYR A 77 -23.62 11.90 -0.70
N LEU A 78 -24.43 10.99 -1.25
CA LEU A 78 -25.08 11.36 -2.51
C LEU A 78 -26.54 11.76 -2.26
N GLY A 79 -27.26 10.97 -1.45
CA GLY A 79 -28.66 11.35 -1.27
C GLY A 79 -28.79 12.60 -0.43
N THR A 80 -27.75 12.98 0.31
CA THR A 80 -27.97 14.15 1.17
C THR A 80 -27.34 15.41 0.59
N TYR A 81 -26.11 15.31 0.10
CA TYR A 81 -25.39 16.49 -0.37
C TYR A 81 -24.83 16.38 -1.78
N GLY A 82 -25.43 15.49 -2.58
CA GLY A 82 -25.09 15.36 -3.98
C GLY A 82 -23.61 15.23 -4.25
N ALA A 83 -22.85 14.69 -3.30
CA ALA A 83 -21.42 14.45 -3.56
C ALA A 83 -21.17 13.09 -4.19
N SER A 84 -20.52 13.10 -5.34
CA SER A 84 -20.31 11.89 -6.13
C SER A 84 -18.84 11.55 -6.29
N THR A 85 -18.35 10.39 -5.84
CA THR A 85 -16.96 10.01 -6.01
C THR A 85 -16.79 8.76 -6.88
N SER A 86 -15.79 8.78 -7.77
CA SER A 86 -15.44 7.63 -8.58
C SER A 86 -14.00 7.79 -9.07
N GLY A 87 -13.18 6.84 -8.64
CA GLY A 87 -11.77 6.72 -8.94
C GLY A 87 -11.04 8.02 -8.69
N ASP A 88 -10.66 8.70 -9.77
CA ASP A 88 -10.10 10.04 -9.56
C ASP A 88 -11.22 11.06 -9.46
N ALA A 89 -12.31 10.80 -10.16
CA ALA A 89 -13.33 11.82 -10.37
C ALA A 89 -14.19 12.02 -9.11
N LEU A 90 -14.37 13.29 -8.78
CA LEU A 90 -15.09 13.93 -7.71
C LEU A 90 -16.19 14.83 -8.28
N THR A 91 -17.45 14.48 -8.02
CA THR A 91 -18.54 15.27 -8.58
C THR A 91 -19.38 15.93 -7.51
N LEU A 92 -19.81 17.15 -7.82
CA LEU A 92 -20.64 17.93 -6.89
C LEU A 92 -21.92 18.42 -7.57
N LYS A 93 -23.03 18.25 -6.86
CA LYS A 93 -24.38 18.56 -7.27
C LYS A 93 -24.84 19.88 -6.65
N PHE A 94 -25.23 20.82 -7.49
CA PHE A 94 -25.63 22.13 -6.98
C PHE A 94 -26.69 22.00 -5.90
N VAL A 95 -27.80 21.47 -6.41
CA VAL A 95 -29.07 21.34 -5.72
C VAL A 95 -29.42 19.93 -5.34
N THR A 96 -29.06 19.47 -4.13
CA THR A 96 -29.53 18.12 -3.81
C THR A 96 -30.90 18.20 -3.13
N LYS A 97 -31.84 17.45 -3.69
CA LYS A 97 -33.17 17.21 -3.15
C LYS A 97 -33.24 15.76 -2.66
N HIS A 98 -33.65 15.62 -1.42
CA HIS A 98 -33.71 14.36 -0.69
C HIS A 98 -34.96 14.38 0.20
N GLU A 99 -35.47 13.19 0.45
CA GLU A 99 -36.75 12.99 1.12
C GLU A 99 -37.00 13.92 2.28
N TYR A 100 -35.96 14.30 3.02
CA TYR A 100 -36.12 15.16 4.18
C TYR A 100 -35.72 16.60 3.93
N GLY A 101 -34.86 16.91 2.96
CA GLY A 101 -34.49 18.33 2.87
C GLY A 101 -33.87 18.68 1.54
N THR A 102 -33.30 19.88 1.40
CA THR A 102 -32.78 20.24 0.07
C THR A 102 -31.49 21.03 0.19
N ASN A 103 -30.35 20.44 -0.20
CA ASN A 103 -29.07 21.08 0.06
C ASN A 103 -28.54 21.77 -1.18
N VAL A 104 -27.93 22.93 -0.95
CA VAL A 104 -27.36 23.65 -2.08
C VAL A 104 -25.93 24.03 -1.77
N GLY A 105 -25.05 23.51 -2.63
CA GLY A 105 -23.62 23.67 -2.41
C GLY A 105 -22.99 22.53 -1.63
N SER A 106 -21.68 22.36 -1.89
CA SER A 106 -20.86 21.50 -1.04
C SER A 106 -19.42 21.99 -1.16
N ARG A 107 -18.65 21.77 -0.09
CA ARG A 107 -17.24 22.17 -0.14
C ARG A 107 -16.40 21.14 0.61
N PHE A 108 -15.53 20.49 -0.18
CA PHE A 108 -14.69 19.43 0.34
C PHE A 108 -13.23 19.82 0.47
N TYR A 109 -12.49 18.93 1.11
CA TYR A 109 -11.04 18.93 1.24
C TYR A 109 -10.41 17.59 0.87
N LEU A 110 -9.45 17.57 -0.06
CA LEU A 110 -8.67 16.36 -0.26
C LEU A 110 -7.94 16.05 1.06
N MET A 111 -7.92 14.78 1.42
CA MET A 111 -7.40 14.31 2.69
C MET A 111 -6.12 13.48 2.58
N ASN A 112 -5.61 13.19 3.77
CA ASN A 112 -4.50 12.34 4.12
C ASN A 112 -4.92 11.49 5.32
N GLY A 113 -5.56 10.37 5.03
CA GLY A 113 -6.19 9.61 6.10
C GLY A 113 -7.38 10.42 6.63
N PRO A 114 -8.23 9.73 7.36
CA PRO A 114 -9.45 10.29 7.92
C PRO A 114 -9.22 11.24 9.07
N ASP A 115 -7.95 11.43 9.45
CA ASP A 115 -7.66 12.29 10.59
C ASP A 115 -6.93 13.54 10.15
N LYS A 116 -6.36 13.50 8.93
CA LYS A 116 -5.75 14.76 8.51
C LYS A 116 -5.99 15.01 7.01
N TYR A 117 -5.61 16.22 6.67
CA TYR A 117 -5.71 16.80 5.34
C TYR A 117 -4.46 16.51 4.53
N GLN A 118 -4.61 16.25 3.23
CA GLN A 118 -3.43 16.14 2.38
C GLN A 118 -2.84 17.53 2.14
N MET A 119 -1.83 17.90 2.90
CA MET A 119 -1.24 19.24 2.81
C MET A 119 -0.35 19.40 1.58
N PHE A 120 -0.37 20.57 0.98
CA PHE A 120 0.39 20.84 -0.22
C PHE A 120 1.47 21.91 -0.02
N ASN A 121 2.66 21.66 -0.56
CA ASN A 121 3.68 22.69 -0.66
C ASN A 121 3.39 23.44 -1.95
N LEU A 122 3.53 24.76 -1.99
CA LEU A 122 3.12 25.40 -3.24
C LEU A 122 4.31 25.97 -3.99
N MET A 123 5.14 26.72 -3.28
CA MET A 123 6.26 27.45 -3.90
C MET A 123 7.24 26.48 -4.55
N GLY A 124 7.29 26.60 -5.87
CA GLY A 124 8.08 25.92 -6.85
C GLY A 124 7.29 24.83 -7.55
N ASN A 125 5.98 24.79 -7.31
CA ASN A 125 5.16 23.71 -7.88
C ASN A 125 4.00 24.25 -8.71
N GLU A 126 3.23 23.31 -9.26
CA GLU A 126 2.09 23.57 -10.10
C GLU A 126 0.98 22.54 -9.91
N LEU A 127 -0.28 22.97 -9.96
CA LEU A 127 -1.33 21.97 -9.86
C LEU A 127 -1.91 21.65 -11.23
N ALA A 128 -2.45 20.45 -11.38
CA ALA A 128 -3.24 20.07 -12.54
C ALA A 128 -4.52 19.33 -12.16
N PHE A 129 -5.57 19.71 -12.90
CA PHE A 129 -6.80 18.93 -12.81
C PHE A 129 -7.56 19.08 -14.12
N ASP A 130 -8.48 18.16 -14.30
CA ASP A 130 -9.39 18.05 -15.42
C ASP A 130 -10.77 18.45 -14.92
N VAL A 131 -11.34 19.52 -15.47
CA VAL A 131 -12.66 19.92 -14.97
C VAL A 131 -13.71 19.90 -16.08
N ASP A 132 -14.92 19.43 -15.78
CA ASP A 132 -15.99 19.61 -16.76
C ASP A 132 -17.08 20.47 -16.16
N LEU A 133 -16.94 21.79 -16.16
CA LEU A 133 -18.03 22.57 -15.57
C LEU A 133 -19.09 22.89 -16.61
N SER A 134 -19.19 22.03 -17.61
CA SER A 134 -20.06 22.20 -18.77
C SER A 134 -21.46 22.68 -18.37
N THR A 135 -21.97 22.23 -17.23
CA THR A 135 -23.34 22.64 -16.91
C THR A 135 -23.41 23.60 -15.73
N VAL A 136 -22.29 24.27 -15.49
CA VAL A 136 -22.28 25.32 -14.48
C VAL A 136 -22.60 26.65 -15.18
N GLU A 137 -23.70 27.26 -14.79
CA GLU A 137 -24.28 28.47 -15.33
C GLU A 137 -24.02 29.71 -14.48
N CYS A 138 -24.45 30.89 -14.93
CA CYS A 138 -24.18 32.09 -14.15
C CYS A 138 -24.76 31.95 -12.75
N GLY A 139 -24.29 32.78 -11.83
CA GLY A 139 -24.80 32.82 -10.47
C GLY A 139 -24.24 31.72 -9.59
N ILE A 140 -23.61 30.76 -10.25
CA ILE A 140 -22.93 29.65 -9.60
C ILE A 140 -21.43 29.91 -9.66
N ASN A 141 -20.67 29.25 -8.81
CA ASN A 141 -19.22 29.27 -8.83
C ASN A 141 -18.70 27.88 -8.45
N SER A 142 -18.00 27.24 -9.38
CA SER A 142 -17.37 25.95 -9.10
C SER A 142 -15.90 26.20 -8.81
N ALA A 143 -15.52 25.95 -7.56
CA ALA A 143 -14.26 26.30 -6.97
C ALA A 143 -13.34 25.13 -6.61
N LEU A 144 -12.11 25.24 -7.07
CA LEU A 144 -10.98 24.42 -6.68
C LEU A 144 -9.89 25.34 -6.14
N TYR A 145 -9.21 24.98 -5.06
CA TYR A 145 -8.25 25.91 -4.48
C TYR A 145 -7.65 25.39 -3.17
N PHE A 146 -6.63 26.12 -2.75
CA PHE A 146 -5.85 26.04 -1.54
C PHE A 146 -6.16 27.18 -0.55
N VAL A 147 -6.12 26.81 0.73
CA VAL A 147 -6.21 27.76 1.83
C VAL A 147 -5.48 27.17 3.03
N ALA A 148 -4.43 27.83 3.50
CA ALA A 148 -3.56 27.45 4.59
C ALA A 148 -4.32 27.03 5.85
N MET A 149 -4.93 25.85 5.78
CA MET A 149 -5.68 25.32 6.91
C MET A 149 -4.73 24.63 7.87
N GLU A 150 -5.24 24.18 9.02
CA GLU A 150 -4.31 23.40 9.86
C GLU A 150 -4.47 21.92 9.53
N GLU A 151 -3.37 21.18 9.62
CA GLU A 151 -3.33 19.78 9.27
C GLU A 151 -4.42 19.01 10.01
N ASP A 152 -4.27 18.96 11.33
CA ASP A 152 -5.21 18.17 12.13
C ASP A 152 -6.52 18.93 12.31
N GLY A 153 -6.58 20.13 11.75
CA GLY A 153 -7.74 20.95 11.58
C GLY A 153 -8.26 21.73 12.76
N GLY A 154 -7.45 22.06 13.75
CA GLY A 154 -7.83 22.85 14.91
C GLY A 154 -8.03 22.05 16.17
N MET A 155 -8.04 20.73 16.02
CA MET A 155 -8.16 19.78 17.13
C MET A 155 -7.03 20.05 18.13
N ALA A 156 -5.82 20.22 17.62
CA ALA A 156 -4.65 20.46 18.44
C ALA A 156 -4.52 21.89 18.95
N SER A 157 -4.50 22.86 18.02
CA SER A 157 -4.35 24.26 18.41
C SER A 157 -5.46 24.64 19.39
N TYR A 158 -6.61 24.04 19.17
CA TYR A 158 -7.87 24.28 19.82
C TYR A 158 -8.47 23.01 20.40
N PRO A 159 -7.96 22.59 21.55
CA PRO A 159 -8.40 21.36 22.21
C PRO A 159 -9.91 21.10 22.22
N SER A 160 -10.74 22.10 22.50
CA SER A 160 -12.19 21.99 22.54
C SER A 160 -12.73 21.18 21.36
N ASN A 161 -12.22 21.47 20.17
CA ASN A 161 -12.42 20.69 18.98
C ASN A 161 -11.72 19.34 19.15
N GLN A 162 -12.49 18.31 19.48
CA GLN A 162 -11.95 16.96 19.60
C GLN A 162 -12.63 16.04 18.57
N ALA A 163 -12.95 16.63 17.42
CA ALA A 163 -13.64 16.03 16.30
C ALA A 163 -12.86 16.25 14.99
N GLY A 164 -12.21 17.39 14.94
CA GLY A 164 -11.30 18.03 14.06
C GLY A 164 -11.46 17.74 12.58
N ALA A 165 -10.33 17.78 11.89
CA ALA A 165 -10.12 17.58 10.47
C ALA A 165 -10.82 16.32 9.98
N ARG A 166 -10.89 15.29 10.84
CA ARG A 166 -11.59 14.08 10.45
C ARG A 166 -13.03 14.36 9.98
N TYR A 167 -13.61 15.41 10.53
CA TYR A 167 -14.96 15.86 10.25
C TYR A 167 -14.92 17.22 9.53
N GLY A 168 -13.82 17.47 8.84
CA GLY A 168 -13.66 18.64 8.00
C GLY A 168 -13.82 19.93 8.81
N THR A 169 -13.37 19.95 10.06
CA THR A 169 -13.38 21.22 10.80
C THR A 169 -12.30 22.12 10.18
N GLY A 170 -12.14 23.34 10.67
CA GLY A 170 -11.03 24.20 10.45
C GLY A 170 -10.95 25.10 9.26
N TYR A 171 -11.96 25.19 8.41
CA TYR A 171 -11.89 26.12 7.29
C TYR A 171 -11.61 27.56 7.70
N CYS A 172 -10.68 28.14 6.95
CA CYS A 172 -10.37 29.55 7.00
C CYS A 172 -10.22 30.01 5.54
N ASP A 173 -10.08 31.32 5.33
CA ASP A 173 -9.92 31.90 4.01
C ASP A 173 -10.02 33.43 4.14
N ALA A 174 -9.51 34.14 3.17
CA ALA A 174 -9.17 35.55 3.14
C ALA A 174 -10.36 36.48 3.30
N GLN A 175 -11.56 35.91 3.44
CA GLN A 175 -12.66 36.71 3.94
C GLN A 175 -12.65 36.71 5.48
N CYS A 176 -12.49 35.52 6.01
CA CYS A 176 -12.65 35.06 7.38
C CYS A 176 -13.99 34.38 7.57
N ALA A 177 -14.05 33.07 7.60
CA ALA A 177 -15.27 32.28 7.56
C ALA A 177 -16.23 32.52 8.72
N ARG A 178 -16.79 33.72 8.75
CA ARG A 178 -17.73 34.19 9.75
C ARG A 178 -18.99 33.32 9.78
N ASP A 179 -19.25 32.62 8.68
CA ASP A 179 -20.54 31.90 8.63
C ASP A 179 -20.47 30.51 9.24
N LEU A 180 -19.25 30.03 9.52
CA LEU A 180 -19.17 28.64 10.03
C LEU A 180 -19.77 28.65 11.41
N LYS A 181 -20.02 27.50 12.03
CA LYS A 181 -20.69 27.55 13.33
C LYS A 181 -19.72 27.28 14.47
N PHE A 182 -18.45 27.09 14.11
CA PHE A 182 -17.36 26.96 15.07
C PHE A 182 -16.07 27.54 14.48
N VAL A 183 -15.30 28.20 15.32
CA VAL A 183 -14.03 28.85 14.96
C VAL A 183 -13.09 28.81 16.17
N GLY A 184 -11.98 28.07 16.04
CA GLY A 184 -11.08 27.91 17.18
C GLY A 184 -11.63 26.90 18.17
N GLY A 185 -12.81 26.37 17.88
CA GLY A 185 -13.45 25.38 18.72
C GLY A 185 -14.37 25.96 19.78
N LYS A 186 -14.79 27.20 19.62
CA LYS A 186 -15.76 27.82 20.53
C LYS A 186 -16.71 28.71 19.72
N ALA A 187 -17.99 28.42 19.86
CA ALA A 187 -19.09 28.82 19.01
C ALA A 187 -19.18 30.31 18.70
N ASN A 188 -20.01 30.60 17.71
CA ASN A 188 -20.44 31.85 17.18
C ASN A 188 -21.88 32.19 17.55
N ILE A 189 -22.43 31.37 18.44
CA ILE A 189 -23.79 31.61 18.92
C ILE A 189 -23.98 33.03 19.43
N GLU A 190 -22.97 33.57 20.09
CA GLU A 190 -23.05 34.87 20.77
C GLU A 190 -23.40 36.01 19.83
N GLY A 191 -24.69 36.10 19.48
CA GLY A 191 -25.14 37.11 18.55
C GLY A 191 -25.07 36.71 17.09
N TRP A 192 -25.50 35.50 16.74
CA TRP A 192 -25.43 34.99 15.37
C TRP A 192 -26.34 35.79 14.44
N LYS A 193 -25.75 36.44 13.44
CA LYS A 193 -26.56 37.12 12.44
C LYS A 193 -27.04 36.17 11.34
N SER A 194 -28.34 35.94 11.29
CA SER A 194 -28.91 35.06 10.28
C SER A 194 -29.12 35.79 8.95
N SER A 195 -29.20 34.98 7.91
CA SER A 195 -29.48 35.51 6.58
C SER A 195 -30.98 35.48 6.29
N THR A 196 -31.49 36.60 5.78
CA THR A 196 -32.89 36.60 5.38
C THR A 196 -33.18 35.71 4.19
N SER A 197 -32.20 35.42 3.32
CA SER A 197 -32.55 34.61 2.15
C SER A 197 -31.85 33.24 2.13
N ASP A 198 -30.96 32.99 3.07
CA ASP A 198 -30.32 31.70 3.26
C ASP A 198 -30.76 31.06 4.57
N PRO A 199 -31.83 30.28 4.52
CA PRO A 199 -32.45 29.69 5.71
C PRO A 199 -31.51 28.81 6.52
N ASN A 200 -30.33 28.45 6.00
CA ASN A 200 -29.43 27.58 6.75
C ASN A 200 -28.18 28.31 7.21
N ALA A 201 -27.81 29.41 6.55
CA ALA A 201 -26.57 30.12 6.83
C ALA A 201 -26.74 31.19 7.90
N GLY A 202 -25.59 31.74 8.30
CA GLY A 202 -25.54 32.86 9.21
C GLY A 202 -24.14 33.41 9.38
N VAL A 203 -24.03 34.32 10.34
CA VAL A 203 -22.81 35.03 10.66
C VAL A 203 -22.62 35.14 12.17
N GLY A 204 -21.38 34.98 12.62
CA GLY A 204 -21.07 34.97 14.05
C GLY A 204 -19.80 35.75 14.34
N PRO A 205 -19.64 36.19 15.58
CA PRO A 205 -18.59 37.12 15.98
C PRO A 205 -17.21 36.79 15.44
N TYR A 206 -16.79 35.53 15.35
CA TYR A 206 -15.44 35.24 14.92
C TYR A 206 -15.33 34.74 13.49
N GLY A 207 -14.20 35.07 12.88
CA GLY A 207 -13.86 34.56 11.57
C GLY A 207 -12.73 33.54 11.69
N SER A 208 -12.46 32.87 10.59
CA SER A 208 -11.29 32.00 10.53
C SER A 208 -10.43 32.41 9.33
N CYS A 209 -9.37 33.18 9.53
CA CYS A 209 -8.65 33.79 8.41
C CYS A 209 -7.26 33.23 8.14
N CYS A 210 -6.90 33.22 6.86
CA CYS A 210 -5.68 32.64 6.36
C CYS A 210 -5.54 32.73 4.83
N ALA A 211 -4.32 32.45 4.40
CA ALA A 211 -3.90 32.30 3.02
C ALA A 211 -5.03 31.70 2.17
N GLU A 212 -5.30 32.32 1.02
CA GLU A 212 -6.35 31.82 0.15
C GLU A 212 -5.94 31.83 -1.30
N ILE A 213 -5.36 30.73 -1.80
CA ILE A 213 -5.02 30.74 -3.24
C ILE A 213 -6.19 30.10 -3.99
N ASP A 214 -6.73 30.95 -4.85
CA ASP A 214 -7.95 30.79 -5.61
C ASP A 214 -7.64 30.46 -7.06
N VAL A 215 -6.98 29.32 -7.23
CA VAL A 215 -6.73 28.76 -8.54
C VAL A 215 -8.00 28.76 -9.37
N TRP A 216 -9.07 28.22 -8.79
CA TRP A 216 -10.31 28.09 -9.52
C TRP A 216 -11.56 28.60 -8.80
N GLU A 217 -12.12 29.61 -9.43
CA GLU A 217 -13.35 30.35 -9.33
C GLU A 217 -13.89 30.46 -10.76
N SER A 218 -15.15 30.13 -11.03
CA SER A 218 -15.63 30.08 -12.40
C SER A 218 -17.02 29.48 -12.54
N ASN A 219 -17.31 29.18 -13.78
CA ASN A 219 -18.48 28.57 -14.38
C ASN A 219 -18.22 28.44 -15.88
N ALA A 220 -19.24 28.03 -16.63
CA ALA A 220 -19.14 27.90 -18.07
C ALA A 220 -19.09 29.24 -18.77
N TYR A 221 -19.02 30.37 -18.04
CA TYR A 221 -18.92 31.67 -18.69
C TYR A 221 -17.73 32.48 -18.24
N ALA A 222 -17.03 32.13 -17.15
CA ALA A 222 -15.80 32.94 -16.95
C ALA A 222 -14.90 32.27 -15.92
N PHE A 223 -13.75 32.88 -15.66
CA PHE A 223 -12.89 32.35 -14.60
C PHE A 223 -11.90 33.42 -14.14
N ALA A 224 -11.54 33.32 -12.87
CA ALA A 224 -10.58 34.19 -12.24
C ALA A 224 -9.56 33.34 -11.46
N PHE A 225 -8.34 33.85 -11.49
CA PHE A 225 -7.17 33.26 -10.85
C PHE A 225 -6.76 34.24 -9.75
N THR A 226 -6.93 33.82 -8.50
CA THR A 226 -6.84 34.79 -7.43
C THR A 226 -6.00 34.37 -6.24
N PRO A 227 -4.77 34.87 -6.17
CA PRO A 227 -3.98 34.76 -4.94
C PRO A 227 -4.38 35.88 -4.00
N HIS A 228 -4.47 35.58 -2.71
CA HIS A 228 -4.72 36.62 -1.73
C HIS A 228 -3.83 36.35 -0.50
N ALA A 229 -3.16 37.38 -0.01
CA ALA A 229 -2.32 37.28 1.16
C ALA A 229 -2.96 37.97 2.35
N CYS A 230 -2.41 37.78 3.55
CA CYS A 230 -2.79 38.52 4.74
C CYS A 230 -1.57 38.94 5.60
N THR A 231 -1.86 39.73 6.63
CA THR A 231 -0.80 40.05 7.58
C THR A 231 -0.62 38.92 8.60
N THR A 232 -1.24 37.78 8.34
CA THR A 232 -1.00 36.55 9.07
C THR A 232 -1.61 35.40 8.26
N ASN A 233 -0.89 35.06 7.20
CA ASN A 233 -1.21 33.92 6.33
C ASN A 233 -1.53 32.68 7.16
N GLU A 234 -0.88 32.51 8.30
CA GLU A 234 -1.19 31.47 9.27
C GLU A 234 -2.64 31.55 9.74
N TYR A 235 -3.28 30.41 9.99
CA TYR A 235 -4.66 30.37 10.44
C TYR A 235 -4.80 31.28 11.66
N HIS A 236 -5.87 32.08 11.71
CA HIS A 236 -6.06 32.92 12.91
C HIS A 236 -7.50 33.42 13.07
N VAL A 237 -7.90 33.58 14.32
CA VAL A 237 -9.21 34.14 14.66
C VAL A 237 -9.08 35.67 14.80
N CYS A 238 -10.02 36.37 14.21
CA CYS A 238 -10.14 37.81 14.21
C CYS A 238 -11.17 38.25 15.24
N GLU A 239 -11.46 39.55 15.32
CA GLU A 239 -12.52 39.94 16.25
C GLU A 239 -13.41 41.00 15.59
N THR A 240 -14.68 40.77 15.61
CA THR A 240 -15.91 41.43 15.24
C THR A 240 -15.74 42.59 14.26
N THR A 241 -15.24 43.75 14.69
CA THR A 241 -15.15 44.80 13.68
C THR A 241 -13.79 44.77 12.98
N ASN A 242 -13.01 43.79 13.40
CA ASN A 242 -11.69 43.39 12.96
C ASN A 242 -11.71 42.00 12.32
N CYS A 243 -12.64 41.81 11.41
CA CYS A 243 -12.80 40.70 10.49
C CYS A 243 -13.19 41.29 9.14
N GLY A 244 -12.74 40.72 8.02
CA GLY A 244 -12.87 41.40 6.75
C GLY A 244 -13.96 40.98 5.79
N GLY A 245 -13.56 40.45 4.65
CA GLY A 245 -14.20 39.90 3.52
C GLY A 245 -15.56 40.35 3.09
N THR A 246 -16.56 39.46 3.13
CA THR A 246 -17.90 39.88 2.72
C THR A 246 -18.93 39.67 3.82
N TYR A 247 -18.59 38.96 4.90
CA TYR A 247 -19.60 38.78 5.93
C TYR A 247 -19.63 39.94 6.92
N SER A 248 -18.85 40.97 6.68
CA SER A 248 -18.57 42.02 7.63
C SER A 248 -19.07 43.41 7.20
N GLU A 249 -19.08 44.29 8.19
CA GLU A 249 -19.37 45.72 8.06
C GLU A 249 -18.28 46.39 7.25
N ASP A 250 -16.99 46.07 7.44
CA ASP A 250 -16.06 46.62 6.43
C ASP A 250 -15.20 45.50 5.85
N ARG A 251 -15.40 45.24 4.56
CA ARG A 251 -14.62 44.25 3.83
C ARG A 251 -13.13 44.37 4.10
N PHE A 252 -12.57 45.57 4.09
CA PHE A 252 -11.12 45.74 4.11
C PHE A 252 -10.58 45.89 5.53
N ALA A 253 -11.47 45.73 6.50
CA ALA A 253 -11.03 45.81 7.89
C ALA A 253 -10.55 44.44 8.37
N GLY A 254 -10.00 43.62 7.48
CA GLY A 254 -9.44 42.38 8.02
C GLY A 254 -7.92 42.45 7.97
N LYS A 255 -7.26 41.46 8.58
CA LYS A 255 -5.81 41.41 8.42
C LYS A 255 -5.47 40.78 7.06
N CYS A 256 -6.51 40.41 6.30
CA CYS A 256 -6.31 39.88 4.96
C CYS A 256 -6.98 40.70 3.86
N ASP A 257 -6.62 40.29 2.66
CA ASP A 257 -7.09 40.77 1.38
C ASP A 257 -8.35 40.04 0.92
N ALA A 258 -9.47 40.76 0.98
CA ALA A 258 -10.75 40.18 0.56
C ALA A 258 -10.84 40.00 -0.96
N ASN A 259 -10.15 40.84 -1.73
CA ASN A 259 -10.27 40.80 -3.18
C ASN A 259 -8.99 40.29 -3.84
N GLY A 260 -7.83 40.74 -3.37
CA GLY A 260 -6.55 40.28 -3.83
C GLY A 260 -6.15 40.76 -5.22
N CYS A 261 -5.22 40.02 -5.82
CA CYS A 261 -4.81 40.21 -7.19
C CYS A 261 -5.47 39.18 -8.10
N ASP A 262 -6.45 39.61 -8.89
CA ASP A 262 -7.24 38.66 -9.66
C ASP A 262 -6.93 38.72 -11.15
N TYR A 263 -6.83 37.56 -11.78
CA TYR A 263 -6.76 37.44 -13.23
C TYR A 263 -7.97 36.63 -13.71
N ASN A 264 -8.84 37.33 -14.39
CA ASN A 264 -10.03 36.86 -15.09
C ASN A 264 -9.83 37.35 -16.54
N PRO A 265 -9.66 36.42 -17.46
CA PRO A 265 -9.51 36.84 -18.85
C PRO A 265 -10.66 37.72 -19.32
N TYR A 266 -11.88 37.51 -18.81
CA TYR A 266 -12.95 38.38 -19.34
C TYR A 266 -12.82 39.77 -18.73
N ARG A 267 -12.41 39.87 -17.47
CA ARG A 267 -12.27 41.19 -16.86
C ARG A 267 -11.09 41.97 -17.41
N MET A 268 -10.03 41.28 -17.85
CA MET A 268 -8.83 41.94 -18.37
C MET A 268 -8.98 42.33 -19.83
N GLY A 269 -10.13 42.01 -20.42
CA GLY A 269 -10.51 42.43 -21.75
C GLY A 269 -10.30 41.42 -22.84
N ASN A 270 -10.99 40.29 -22.80
CA ASN A 270 -10.91 39.27 -23.84
C ASN A 270 -12.19 38.44 -23.80
N PRO A 271 -13.31 38.94 -24.31
CA PRO A 271 -14.61 38.30 -24.08
C PRO A 271 -14.93 37.15 -25.03
N ASP A 272 -13.91 36.83 -25.83
CA ASP A 272 -14.00 35.82 -26.87
C ASP A 272 -13.24 34.56 -26.50
N PHE A 273 -12.48 34.63 -25.42
CA PHE A 273 -11.60 33.54 -25.02
C PHE A 273 -12.34 32.31 -24.49
N TYR A 274 -13.00 32.51 -23.35
CA TYR A 274 -13.65 31.50 -22.54
C TYR A 274 -15.16 31.51 -22.75
N GLY A 275 -15.72 30.29 -22.71
CA GLY A 275 -17.14 30.08 -22.85
C GLY A 275 -17.48 28.83 -23.62
N LYS A 276 -18.76 28.43 -23.56
CA LYS A 276 -19.11 27.33 -24.46
C LYS A 276 -18.98 27.87 -25.88
N GLY A 277 -18.33 27.08 -26.72
CA GLY A 277 -18.05 27.37 -28.11
C GLY A 277 -16.95 28.39 -28.31
N LYS A 278 -16.32 28.85 -27.23
CA LYS A 278 -15.24 29.82 -27.35
C LYS A 278 -13.91 29.14 -27.68
N THR A 279 -12.83 29.92 -27.71
CA THR A 279 -11.50 29.32 -27.92
C THR A 279 -11.26 28.23 -26.90
N LEU A 280 -11.32 28.61 -25.63
CA LEU A 280 -11.25 27.64 -24.54
C LEU A 280 -12.67 27.17 -24.23
N ASP A 281 -13.24 26.43 -25.18
CA ASP A 281 -14.61 25.97 -25.11
C ASP A 281 -14.92 25.39 -23.73
N THR A 282 -15.85 25.99 -23.00
CA THR A 282 -16.23 25.50 -21.68
C THR A 282 -17.42 24.55 -21.71
N SER A 283 -17.72 23.90 -22.85
CA SER A 283 -18.88 23.02 -22.82
C SER A 283 -18.47 21.66 -22.29
N ARG A 284 -17.20 21.51 -21.90
CA ARG A 284 -16.82 20.22 -21.35
C ARG A 284 -15.68 20.31 -20.33
N LYS A 285 -14.88 19.26 -20.51
CA LYS A 285 -13.71 19.01 -19.71
C LYS A 285 -12.48 19.53 -20.44
N PHE A 286 -11.59 20.07 -19.61
CA PHE A 286 -10.28 20.51 -20.03
C PHE A 286 -9.29 20.29 -18.89
N THR A 287 -8.06 20.72 -19.12
CA THR A 287 -7.16 20.64 -17.96
C THR A 287 -6.73 22.05 -17.63
N VAL A 288 -6.47 22.38 -16.37
CA VAL A 288 -6.05 23.76 -16.08
C VAL A 288 -4.84 23.80 -15.18
N VAL A 289 -3.65 23.81 -15.77
CA VAL A 289 -2.45 23.77 -14.90
C VAL A 289 -2.12 25.15 -14.38
N SER A 290 -1.86 25.21 -13.07
CA SER A 290 -1.51 26.52 -12.49
C SER A 290 -0.19 26.39 -11.75
N ARG A 291 0.54 27.49 -11.74
CA ARG A 291 1.94 27.63 -11.49
C ARG A 291 2.31 28.64 -10.40
N PHE A 292 2.97 28.18 -9.35
CA PHE A 292 3.39 28.98 -8.19
C PHE A 292 4.88 29.22 -8.10
N GLU A 293 5.34 30.43 -8.37
CA GLU A 293 6.76 30.74 -8.30
C GLU A 293 6.96 32.11 -7.66
N GLU A 294 8.10 32.32 -7.04
CA GLU A 294 8.54 33.60 -6.47
C GLU A 294 8.08 34.76 -7.34
N ASN A 295 7.16 35.57 -6.82
CA ASN A 295 6.57 36.70 -7.52
C ASN A 295 6.08 36.35 -8.91
N LYS A 296 5.47 35.18 -9.03
CA LYS A 296 4.86 34.77 -10.28
C LYS A 296 3.92 33.57 -10.09
N LEU A 297 2.75 33.68 -10.69
CA LEU A 297 1.75 32.61 -10.71
C LEU A 297 1.22 32.52 -12.14
N SER A 298 1.42 31.36 -12.75
CA SER A 298 1.03 31.16 -14.13
C SER A 298 -0.09 30.12 -14.21
N GLN A 299 -0.95 30.32 -15.19
CA GLN A 299 -2.10 29.42 -15.38
C GLN A 299 -2.22 29.18 -16.87
N TYR A 300 -2.52 27.96 -17.27
CA TYR A 300 -2.51 27.66 -18.71
C TYR A 300 -3.55 26.59 -19.03
N PHE A 301 -4.03 26.46 -20.27
CA PHE A 301 -5.03 25.42 -20.48
C PHE A 301 -4.51 24.25 -21.31
N ILE A 302 -5.25 23.16 -21.24
CA ILE A 302 -5.09 21.95 -22.02
C ILE A 302 -6.44 21.43 -22.50
N GLN A 303 -6.76 21.65 -23.79
CA GLN A 303 -8.07 21.17 -24.26
C GLN A 303 -8.05 20.66 -25.69
N ASP A 304 -8.64 19.47 -25.85
CA ASP A 304 -8.63 18.77 -27.13
C ASP A 304 -7.18 18.47 -27.53
N GLY A 305 -6.41 18.05 -26.53
CA GLY A 305 -5.01 17.74 -26.62
C GLY A 305 -4.08 18.93 -26.73
N ARG A 306 -4.62 20.14 -26.86
CA ARG A 306 -3.81 21.31 -27.18
C ARG A 306 -3.59 22.28 -26.02
N LYS A 307 -2.41 22.88 -26.04
CA LYS A 307 -1.94 24.01 -25.29
C LYS A 307 -2.60 25.32 -25.77
N ILE A 308 -3.52 25.77 -24.93
CA ILE A 308 -4.15 27.07 -25.02
C ILE A 308 -3.51 28.02 -24.01
N GLU A 309 -2.82 29.04 -24.51
CA GLU A 309 -2.27 30.00 -23.54
C GLU A 309 -3.41 30.90 -23.07
N ILE A 310 -3.17 31.73 -22.06
CA ILE A 310 -4.21 32.64 -21.62
C ILE A 310 -3.84 34.05 -22.08
N PRO A 311 -4.74 34.63 -22.86
CA PRO A 311 -4.50 35.90 -23.53
C PRO A 311 -4.21 37.03 -22.55
N PRO A 312 -3.33 37.97 -22.93
CA PRO A 312 -2.99 39.12 -22.09
C PRO A 312 -4.08 40.18 -22.11
N PRO A 313 -4.00 41.17 -21.22
CA PRO A 313 -5.05 42.19 -21.09
C PRO A 313 -4.80 43.39 -21.99
N THR A 314 -5.86 43.88 -22.56
CA THR A 314 -6.08 44.91 -23.53
C THR A 314 -5.81 46.33 -23.07
N TRP A 315 -6.17 46.65 -21.83
CA TRP A 315 -6.15 48.02 -21.35
C TRP A 315 -4.81 48.72 -21.45
N GLU A 316 -4.89 50.05 -21.60
CA GLU A 316 -3.67 50.85 -21.48
C GLU A 316 -3.20 50.84 -20.03
N GLY A 317 -1.90 50.71 -19.80
CA GLY A 317 -1.27 50.73 -18.50
C GLY A 317 -0.85 49.38 -17.97
N MET A 318 -1.41 48.31 -18.52
CA MET A 318 -1.21 46.95 -18.04
C MET A 318 -0.09 46.24 -18.80
N PRO A 319 0.69 45.43 -18.09
CA PRO A 319 1.80 44.69 -18.66
C PRO A 319 1.34 43.73 -19.77
N ASN A 320 2.25 43.50 -20.70
CA ASN A 320 2.03 42.73 -21.91
C ASN A 320 1.95 41.25 -21.61
N SER A 321 1.21 40.85 -20.55
CA SER A 321 1.29 39.42 -20.27
C SER A 321 0.30 38.96 -19.23
N SER A 322 -0.09 37.68 -19.34
CA SER A 322 -1.17 37.13 -18.55
C SER A 322 -0.81 36.73 -17.12
N GLU A 323 0.45 36.44 -16.85
CA GLU A 323 0.89 35.94 -15.55
C GLU A 323 0.65 36.91 -14.41
N ILE A 324 0.55 36.37 -13.19
CA ILE A 324 0.32 37.19 -12.01
C ILE A 324 1.64 37.37 -11.26
N THR A 325 2.37 38.38 -11.68
CA THR A 325 3.61 38.89 -11.15
C THR A 325 3.37 40.24 -10.48
N PRO A 326 4.29 40.71 -9.65
CA PRO A 326 4.27 42.09 -9.13
C PRO A 326 3.90 43.13 -10.19
N GLU A 327 4.34 42.91 -11.41
CA GLU A 327 4.11 43.84 -12.51
C GLU A 327 2.61 44.08 -12.69
N LEU A 328 1.86 43.02 -12.95
CA LEU A 328 0.39 43.14 -13.07
C LEU A 328 -0.22 43.77 -11.83
N CYS A 329 0.20 43.29 -10.66
CA CYS A 329 -0.36 43.83 -9.42
C CYS A 329 0.32 45.14 -9.01
N SER A 330 0.57 45.99 -9.98
CA SER A 330 0.98 47.37 -9.80
C SER A 330 0.12 48.30 -10.65
N THR A 331 -0.46 47.81 -11.74
CA THR A 331 -1.19 48.70 -12.65
C THR A 331 -2.67 48.38 -12.75
N MET A 332 -3.05 47.11 -12.67
CA MET A 332 -4.45 46.73 -12.80
C MET A 332 -5.40 47.48 -11.89
N PHE A 333 -4.95 47.71 -10.66
CA PHE A 333 -5.81 48.41 -9.70
C PHE A 333 -5.88 49.90 -10.05
N ASP A 334 -4.73 50.49 -10.37
CA ASP A 334 -4.71 51.91 -10.70
C ASP A 334 -5.44 52.21 -12.01
N VAL A 335 -5.79 51.16 -12.76
CA VAL A 335 -6.53 51.33 -14.00
C VAL A 335 -8.00 51.00 -13.71
N PHE A 336 -8.15 49.92 -12.95
CA PHE A 336 -9.42 49.43 -12.45
C PHE A 336 -9.95 50.33 -11.31
N ASN A 337 -9.14 51.29 -10.97
CA ASN A 337 -9.06 52.39 -10.05
C ASN A 337 -9.82 52.12 -8.74
N ASP A 338 -9.28 51.15 -8.02
CA ASP A 338 -9.84 50.70 -6.76
C ASP A 338 -8.78 50.50 -5.67
N ARG A 339 -9.30 50.49 -4.45
CA ARG A 339 -8.57 50.26 -3.22
C ARG A 339 -7.59 49.10 -3.38
N ASN A 340 -6.28 49.35 -3.31
CA ASN A 340 -5.35 48.23 -3.50
C ASN A 340 -5.14 47.50 -2.17
N ARG A 341 -6.10 46.64 -1.92
CA ARG A 341 -6.03 45.72 -0.78
C ARG A 341 -4.67 45.01 -0.77
N PHE A 342 -4.31 44.42 -1.89
CA PHE A 342 -3.09 43.67 -2.12
C PHE A 342 -1.88 44.34 -1.47
N GLU A 343 -1.67 45.56 -1.94
CA GLU A 343 -0.61 46.46 -1.52
C GLU A 343 -0.64 46.69 -0.01
N GLU A 344 -1.81 46.99 0.53
CA GLU A 344 -1.81 47.46 1.92
C GLU A 344 -1.44 46.35 2.90
N VAL A 345 -1.69 45.09 2.53
CA VAL A 345 -1.33 44.00 3.45
C VAL A 345 0.14 43.62 3.25
N GLY A 346 0.83 44.27 2.31
CA GLY A 346 2.24 44.11 2.04
C GLY A 346 2.59 43.40 0.76
N GLY A 347 2.04 43.83 -0.37
CA GLY A 347 2.27 43.39 -1.72
C GLY A 347 2.58 41.95 -2.00
N PHE A 348 3.20 41.68 -3.15
CA PHE A 348 3.60 40.36 -3.60
C PHE A 348 4.59 39.66 -2.69
N GLU A 349 5.40 40.45 -1.98
CA GLU A 349 6.28 39.87 -0.96
C GLU A 349 5.44 39.02 -0.01
N GLN A 350 4.48 39.59 0.71
CA GLN A 350 3.50 38.83 1.48
C GLN A 350 2.95 37.62 0.75
N LEU A 351 2.49 37.82 -0.49
CA LEU A 351 2.06 36.67 -1.28
C LEU A 351 3.16 35.63 -1.40
N ASN A 352 4.42 36.08 -1.49
CA ASN A 352 5.53 35.14 -1.53
C ASN A 352 5.53 34.21 -0.32
N ASN A 353 5.54 34.86 0.85
CA ASN A 353 5.49 34.13 2.10
C ASN A 353 4.35 33.12 2.06
N ALA A 354 3.15 33.60 1.75
CA ALA A 354 1.99 32.72 1.70
C ALA A 354 2.22 31.54 0.77
N LEU A 355 3.06 31.71 -0.25
CA LEU A 355 3.30 30.63 -1.20
C LEU A 355 4.27 29.59 -0.64
N ARG A 356 4.67 29.85 0.59
CA ARG A 356 5.43 28.91 1.39
C ARG A 356 4.56 28.36 2.51
N VAL A 357 3.36 28.93 2.70
CA VAL A 357 2.52 28.36 3.75
C VAL A 357 1.86 27.08 3.22
N PRO A 358 2.00 25.99 3.98
CA PRO A 358 1.47 24.70 3.55
C PRO A 358 -0.05 24.69 3.69
N MET A 359 -0.76 24.53 2.58
CA MET A 359 -2.22 24.64 2.67
C MET A 359 -2.97 23.41 2.17
N VAL A 360 -4.27 23.43 2.47
CA VAL A 360 -5.23 22.38 2.14
C VAL A 360 -6.00 22.69 0.86
N LEU A 361 -6.24 21.68 0.04
CA LEU A 361 -6.96 21.88 -1.21
C LEU A 361 -8.44 21.55 -1.06
N VAL A 362 -9.28 22.29 -1.76
CA VAL A 362 -10.73 22.27 -1.69
C VAL A 362 -11.43 22.21 -3.02
N MET A 363 -12.51 21.44 -3.16
CA MET A 363 -13.31 21.63 -4.38
C MET A 363 -14.73 21.98 -3.98
N SER A 364 -15.45 22.80 -4.76
CA SER A 364 -16.69 23.28 -4.16
C SER A 364 -17.61 24.04 -5.10
N ILE A 365 -18.85 24.19 -4.65
CA ILE A 365 -19.95 24.79 -5.40
C ILE A 365 -20.94 25.39 -4.43
N TRP A 366 -21.44 26.55 -4.87
CA TRP A 366 -22.17 27.44 -3.97
C TRP A 366 -22.76 28.58 -4.79
N ASP A 367 -23.72 29.26 -4.20
CA ASP A 367 -24.37 30.42 -4.81
C ASP A 367 -23.99 31.66 -4.01
N ASP A 368 -24.22 32.86 -4.55
CA ASP A 368 -23.71 34.04 -3.84
C ASP A 368 -24.83 34.93 -3.33
N HIS A 369 -25.25 34.72 -2.08
CA HIS A 369 -26.32 35.51 -1.50
C HIS A 369 -25.99 36.99 -1.43
N TYR A 370 -24.72 37.31 -1.18
CA TYR A 370 -24.31 38.70 -1.05
C TYR A 370 -24.20 39.43 -2.38
N ALA A 371 -23.72 38.78 -3.45
CA ALA A 371 -23.55 39.50 -4.72
C ALA A 371 -23.83 38.61 -5.92
N ASN A 372 -24.49 37.48 -5.71
CA ASN A 372 -25.01 36.60 -6.74
C ASN A 372 -24.02 36.35 -7.87
N MET A 373 -22.77 36.11 -7.51
CA MET A 373 -21.61 35.85 -8.34
C MET A 373 -21.34 36.90 -9.39
N LEU A 374 -22.03 38.04 -9.34
CA LEU A 374 -21.83 38.98 -10.46
C LEU A 374 -20.37 39.42 -10.54
N TRP A 375 -19.72 39.45 -9.37
CA TRP A 375 -18.31 39.79 -9.27
C TRP A 375 -17.46 38.92 -10.21
N LEU A 376 -17.90 37.68 -10.39
CA LEU A 376 -17.24 36.68 -11.19
C LEU A 376 -17.74 36.63 -12.63
N ASP A 377 -19.02 36.89 -12.88
CA ASP A 377 -19.49 36.62 -14.25
C ASP A 377 -20.33 37.71 -14.88
N SER A 378 -20.51 38.86 -14.25
CA SER A 378 -21.26 39.91 -14.93
C SER A 378 -20.46 41.20 -14.92
N ILE A 379 -21.19 42.28 -14.77
CA ILE A 379 -20.80 43.64 -14.50
C ILE A 379 -21.01 43.96 -13.02
N TYR A 380 -19.90 44.26 -12.36
CA TYR A 380 -19.81 44.47 -10.92
C TYR A 380 -18.73 45.51 -10.62
N PRO A 381 -19.02 46.49 -9.78
CA PRO A 381 -20.35 46.75 -9.25
C PRO A 381 -21.26 47.48 -10.23
N PRO A 382 -22.57 47.24 -10.18
CA PRO A 382 -23.54 47.93 -11.04
C PRO A 382 -23.29 49.44 -11.13
N GLU A 383 -23.30 50.07 -9.98
CA GLU A 383 -23.22 51.47 -9.62
C GLU A 383 -23.17 52.39 -10.83
N LYS A 384 -22.16 52.16 -11.66
CA LYS A 384 -21.96 52.77 -12.95
C LYS A 384 -22.12 51.77 -14.11
N GLU A 385 -21.07 51.01 -14.38
CA GLU A 385 -20.89 50.09 -15.49
C GLU A 385 -20.24 50.87 -16.63
N GLY A 386 -19.54 50.20 -17.54
CA GLY A 386 -18.81 50.81 -18.63
C GLY A 386 -17.39 51.15 -18.31
N GLN A 387 -16.86 50.61 -17.20
CA GLN A 387 -15.52 51.03 -16.78
C GLN A 387 -14.53 49.88 -16.78
N PRO A 388 -13.24 50.17 -16.77
CA PRO A 388 -12.25 49.07 -16.86
C PRO A 388 -12.47 48.10 -15.70
N GLY A 389 -12.45 46.82 -16.05
CA GLY A 389 -12.67 45.71 -15.13
C GLY A 389 -14.08 45.66 -14.61
N ALA A 390 -14.96 46.46 -15.21
CA ALA A 390 -16.37 46.43 -14.81
C ALA A 390 -16.96 45.09 -15.21
N ALA A 391 -16.81 44.83 -16.51
CA ALA A 391 -17.32 43.58 -17.08
C ALA A 391 -16.35 42.43 -16.86
N ARG A 392 -16.86 41.45 -16.14
CA ARG A 392 -16.11 40.25 -15.81
C ARG A 392 -16.64 39.05 -16.57
N GLY A 393 -17.92 39.12 -16.95
CA GLY A 393 -18.52 37.97 -17.62
C GLY A 393 -19.63 38.36 -18.58
N ASP A 394 -20.15 37.38 -19.30
CA ASP A 394 -21.12 37.64 -20.37
C ASP A 394 -22.56 37.59 -19.87
N CYS A 395 -22.68 36.97 -18.71
CA CYS A 395 -23.87 36.72 -17.92
C CYS A 395 -24.60 38.00 -17.53
N PRO A 396 -25.92 38.02 -17.73
CA PRO A 396 -26.73 39.18 -17.36
C PRO A 396 -26.54 39.57 -15.89
N THR A 397 -26.81 40.84 -15.62
CA THR A 397 -26.71 41.47 -14.32
C THR A 397 -27.98 41.21 -13.51
N ASP A 398 -28.79 40.31 -14.05
CA ASP A 398 -30.04 39.86 -13.49
C ASP A 398 -29.82 38.60 -12.65
N SER A 399 -28.92 37.77 -13.16
CA SER A 399 -28.63 36.44 -12.69
C SER A 399 -28.00 36.45 -11.30
N GLY A 400 -27.92 35.25 -10.73
CA GLY A 400 -27.29 34.95 -9.48
C GLY A 400 -28.23 34.61 -8.33
N VAL A 401 -29.22 35.45 -8.12
CA VAL A 401 -30.22 35.39 -7.07
C VAL A 401 -30.55 33.93 -6.69
N PRO A 402 -29.75 33.46 -5.76
CA PRO A 402 -29.73 32.07 -5.29
C PRO A 402 -31.06 31.34 -5.44
N ALA A 403 -32.15 31.97 -5.02
CA ALA A 403 -33.44 31.27 -5.12
C ALA A 403 -33.75 30.90 -6.55
N GLU A 404 -33.64 31.88 -7.44
CA GLU A 404 -33.95 31.65 -8.84
C GLU A 404 -32.93 30.68 -9.45
N VAL A 405 -31.64 30.93 -9.22
CA VAL A 405 -30.66 30.00 -9.80
C VAL A 405 -30.85 28.61 -9.19
N GLU A 406 -31.14 28.51 -7.91
CA GLU A 406 -31.27 27.24 -7.22
C GLU A 406 -32.45 26.44 -7.75
N ALA A 407 -33.48 27.14 -8.23
CA ALA A 407 -34.71 26.49 -8.64
C ALA A 407 -34.70 26.08 -10.11
N GLN A 408 -34.10 26.89 -10.97
CA GLN A 408 -33.98 26.69 -12.40
C GLN A 408 -32.83 25.80 -12.85
N PHE A 409 -31.72 25.81 -12.12
CA PHE A 409 -30.57 25.00 -12.54
C PHE A 409 -30.16 24.07 -11.41
N PRO A 410 -31.02 23.10 -11.08
CA PRO A 410 -30.77 22.25 -9.91
C PRO A 410 -30.01 20.96 -10.22
N ASP A 411 -29.87 20.60 -11.49
CA ASP A 411 -29.05 19.44 -11.84
C ASP A 411 -27.60 19.92 -11.97
N ALA A 412 -27.42 21.22 -11.75
CA ALA A 412 -26.12 21.87 -11.87
C ALA A 412 -25.08 21.06 -11.12
N GLN A 413 -23.96 20.84 -11.79
CA GLN A 413 -22.96 19.90 -11.27
C GLN A 413 -21.57 20.22 -11.80
N VAL A 414 -20.54 20.02 -10.98
CA VAL A 414 -19.16 20.19 -11.42
C VAL A 414 -18.37 18.94 -11.03
N VAL A 415 -17.50 18.54 -11.93
CA VAL A 415 -16.66 17.35 -11.84
C VAL A 415 -15.18 17.68 -11.83
N TRP A 416 -14.58 17.33 -10.70
CA TRP A 416 -13.14 17.44 -10.56
C TRP A 416 -12.56 16.01 -10.58
N SER A 417 -11.51 15.86 -11.35
CA SER A 417 -10.85 14.58 -11.62
C SER A 417 -9.40 14.83 -12.02
N ASN A 418 -8.64 13.74 -12.15
CA ASN A 418 -7.25 13.72 -12.52
C ASN A 418 -6.44 14.87 -11.93
N ILE A 419 -6.54 15.10 -10.63
CA ILE A 419 -5.64 16.03 -9.95
C ILE A 419 -4.20 15.48 -10.02
N ARG A 420 -3.28 16.29 -10.51
CA ARG A 420 -1.88 15.97 -10.72
C ARG A 420 -1.00 17.05 -10.08
N PHE A 421 0.06 16.65 -9.37
CA PHE A 421 0.93 17.63 -8.70
C PHE A 421 2.39 17.16 -8.66
N GLY A 422 3.30 18.11 -8.61
CA GLY A 422 4.73 17.94 -8.62
C GLY A 422 5.44 19.21 -9.08
N PRO A 423 6.77 19.26 -9.06
CA PRO A 423 7.49 20.50 -9.41
C PRO A 423 7.07 21.02 -10.77
N ILE A 424 7.46 22.25 -11.12
CA ILE A 424 6.99 22.73 -12.42
C ILE A 424 7.59 21.89 -13.52
N GLY A 425 6.82 21.65 -14.57
CA GLY A 425 7.23 20.88 -15.72
C GLY A 425 6.84 19.42 -15.58
N SER A 426 6.44 19.04 -14.37
CA SER A 426 6.23 17.64 -14.03
C SER A 426 4.86 17.06 -14.30
N THR A 427 3.79 17.84 -14.42
CA THR A 427 2.45 17.23 -14.48
C THR A 427 1.97 17.06 -15.92
N TYR A 428 2.29 17.96 -16.83
CA TYR A 428 2.13 17.94 -18.26
C TYR A 428 3.40 18.45 -18.95
N ASP A 429 3.82 17.86 -20.09
CA ASP A 429 5.10 18.28 -20.66
C ASP A 429 5.03 19.60 -21.42
N PHE A 430 3.99 20.38 -21.16
CA PHE A 430 3.86 21.70 -21.75
C PHE A 430 4.64 22.75 -20.99
N PCA B 1 24.04 -0.65 -23.39
CA PCA B 1 23.83 -2.06 -23.07
CB PCA B 1 24.58 -2.22 -21.74
CG PCA B 1 24.27 -0.88 -21.10
CD PCA B 1 24.45 0.12 -22.20
OE PCA B 1 24.23 1.32 -22.08
C PCA B 1 22.37 -2.37 -22.77
O PCA B 1 21.51 -1.52 -22.92
N ARG B 2 22.18 -3.59 -22.29
CA ARG B 2 20.89 -4.11 -21.88
C ARG B 2 20.92 -4.45 -20.40
N ALA B 3 19.79 -4.33 -19.72
CA ALA B 3 19.65 -4.48 -18.28
C ALA B 3 19.62 -5.92 -17.82
N GLY B 4 20.65 -6.35 -17.09
CA GLY B 4 20.65 -7.74 -16.65
C GLY B 4 19.63 -7.96 -15.55
N ASN B 5 18.92 -9.09 -15.59
CA ASN B 5 17.90 -9.32 -14.57
C ASN B 5 18.20 -10.54 -13.72
N GLU B 6 19.49 -10.79 -13.53
CA GLU B 6 19.93 -11.73 -12.51
C GLU B 6 19.77 -11.02 -11.15
N THR B 7 20.79 -10.22 -10.85
CA THR B 7 20.81 -9.52 -9.57
C THR B 7 19.91 -8.29 -9.66
N PRO B 8 18.88 -8.23 -8.83
CA PRO B 8 18.02 -7.04 -8.80
C PRO B 8 18.82 -5.78 -8.57
N GLU B 9 18.27 -4.71 -9.14
CA GLU B 9 18.74 -3.36 -8.90
C GLU B 9 17.67 -2.64 -8.08
N ASN B 10 18.01 -2.49 -6.82
CA ASN B 10 17.23 -1.81 -5.79
C ASN B 10 18.04 -0.60 -5.37
N HIS B 11 17.60 0.61 -5.68
CA HIS B 11 18.42 1.75 -5.32
C HIS B 11 18.27 2.07 -3.84
N PRO B 12 19.37 2.13 -3.10
CA PRO B 12 19.26 2.53 -1.69
C PRO B 12 18.62 3.90 -1.64
N PRO B 13 17.80 4.18 -0.64
CA PRO B 13 17.08 5.45 -0.69
C PRO B 13 18.03 6.63 -0.43
N LEU B 14 17.47 7.74 0.00
CA LEU B 14 18.13 8.97 0.41
C LEU B 14 17.15 10.15 0.38
N THR B 15 17.13 11.01 1.39
CA THR B 15 16.32 12.21 1.28
C THR B 15 17.24 13.44 1.25
N TRP B 16 16.81 14.46 0.54
CA TRP B 16 17.53 15.71 0.40
C TRP B 16 16.55 16.86 0.42
N GLN B 17 16.98 18.11 0.63
CA GLN B 17 15.93 19.13 0.71
C GLN B 17 16.05 20.23 -0.35
N ARG B 18 14.84 20.47 -0.84
CA ARG B 18 14.36 21.60 -1.61
C ARG B 18 14.16 22.76 -0.63
N CYS B 19 14.80 23.90 -0.85
CA CYS B 19 14.53 25.09 -0.04
C CYS B 19 14.21 26.27 -0.97
N THR B 20 13.36 27.17 -0.47
CA THR B 20 12.82 28.29 -1.21
C THR B 20 13.23 29.64 -0.64
N ALA B 21 13.05 29.79 0.67
CA ALA B 21 13.42 30.93 1.49
C ALA B 21 13.88 30.50 2.88
N PRO B 22 14.71 31.27 3.57
CA PRO B 22 15.20 30.83 4.87
C PRO B 22 14.01 30.65 5.84
N GLY B 23 13.70 29.39 6.05
CA GLY B 23 12.65 28.84 6.84
C GLY B 23 11.80 27.82 6.10
N ASN B 24 11.96 27.71 4.79
CA ASN B 24 11.10 26.88 3.97
C ASN B 24 11.78 25.77 3.19
N CYS B 25 12.22 24.68 3.80
CA CYS B 25 12.74 23.57 2.98
C CYS B 25 11.70 22.44 2.95
N GLN B 26 11.70 21.62 1.90
CA GLN B 26 10.84 20.44 1.83
C GLN B 26 11.69 19.20 1.54
N THR B 27 11.48 18.09 2.25
CA THR B 27 12.29 16.91 1.95
C THR B 27 11.75 16.15 0.74
N VAL B 28 12.66 15.90 -0.19
CA VAL B 28 12.42 15.10 -1.38
C VAL B 28 12.84 13.68 -1.10
N ASN B 29 11.87 12.77 -1.03
CA ASN B 29 12.13 11.36 -0.84
C ASN B 29 12.61 10.79 -2.19
N ALA B 30 13.93 10.73 -2.33
CA ALA B 30 14.72 10.41 -3.51
C ALA B 30 15.44 9.08 -3.41
N GLU B 31 16.41 8.83 -4.27
CA GLU B 31 17.16 7.58 -4.26
C GLU B 31 18.42 7.72 -5.12
N VAL B 32 19.31 6.74 -5.01
CA VAL B 32 20.65 6.83 -5.59
C VAL B 32 21.06 5.55 -6.30
N VAL B 33 22.07 5.65 -7.15
CA VAL B 33 22.47 4.52 -7.99
C VAL B 33 23.95 4.57 -8.33
N ILE B 34 24.64 3.44 -8.14
CA ILE B 34 26.06 3.34 -8.44
C ILE B 34 26.30 3.40 -9.95
N ASP B 35 27.45 3.99 -10.30
CA ASP B 35 27.86 4.03 -11.70
C ASP B 35 28.06 2.61 -12.23
N ALA B 36 27.79 2.44 -13.52
CA ALA B 36 27.72 1.21 -14.27
C ALA B 36 29.07 0.68 -14.70
N ASN B 37 30.15 1.42 -14.40
CA ASN B 37 31.45 0.84 -14.79
C ASN B 37 31.73 -0.29 -13.81
N TRP B 38 31.23 -0.08 -12.61
CA TRP B 38 31.36 -0.92 -11.43
C TRP B 38 30.67 -2.27 -11.57
N ARG B 39 29.66 -2.39 -12.42
CA ARG B 39 28.76 -3.53 -12.38
C ARG B 39 29.30 -4.81 -13.01
N TRP B 40 28.59 -5.92 -12.76
CA TRP B 40 28.75 -7.17 -13.49
C TRP B 40 28.23 -7.01 -14.91
N LEU B 41 29.05 -7.41 -15.87
CA LEU B 41 28.72 -7.35 -17.29
C LEU B 41 28.85 -8.72 -17.92
N HIS B 42 27.74 -9.42 -18.11
CA HIS B 42 27.83 -10.80 -18.58
C HIS B 42 26.93 -11.05 -19.78
N ASP B 43 27.27 -12.00 -20.63
CA ASP B 43 26.52 -12.36 -21.84
C ASP B 43 25.39 -13.34 -21.51
N ASP B 44 24.63 -13.77 -22.52
CA ASP B 44 23.44 -14.57 -22.29
C ASP B 44 23.74 -15.99 -21.82
N ASN B 45 24.97 -16.48 -22.01
CA ASN B 45 25.30 -17.80 -21.46
C ASN B 45 25.90 -17.61 -20.06
N MET B 46 25.73 -16.37 -19.61
CA MET B 46 26.26 -15.93 -18.33
C MET B 46 27.79 -15.97 -18.27
N GLN B 47 28.44 -15.90 -19.42
CA GLN B 47 29.87 -15.60 -19.51
C GLN B 47 30.05 -14.10 -19.34
N ASN B 48 31.07 -13.65 -18.62
CA ASN B 48 31.29 -12.21 -18.46
C ASN B 48 31.66 -11.57 -19.81
N CYS B 49 31.54 -10.25 -19.85
CA CYS B 49 31.82 -9.49 -21.07
C CYS B 49 33.11 -8.67 -20.96
N TYR B 50 33.59 -8.50 -19.75
CA TYR B 50 34.82 -7.86 -19.33
C TYR B 50 35.72 -8.91 -18.66
N ASP B 51 36.44 -8.54 -17.63
CA ASP B 51 37.22 -9.30 -16.67
C ASP B 51 38.71 -8.97 -16.67
N GLY B 52 39.28 -9.04 -15.46
CA GLY B 52 40.64 -8.55 -15.27
C GLY B 52 40.61 -7.09 -15.75
N ASN B 53 41.65 -6.66 -16.45
CA ASN B 53 41.53 -5.32 -17.04
C ASN B 53 41.32 -5.47 -18.55
N GLN B 54 40.55 -6.48 -18.97
CA GLN B 54 40.27 -6.60 -20.41
C GLN B 54 38.96 -7.34 -20.63
N TRP B 55 38.32 -7.16 -21.78
CA TRP B 55 37.06 -7.82 -22.09
C TRP B 55 37.28 -9.26 -22.57
N THR B 56 36.55 -10.22 -22.02
CA THR B 56 36.60 -11.64 -22.34
C THR B 56 36.72 -11.88 -23.84
N ASN B 57 35.81 -12.72 -24.35
CA ASN B 57 35.75 -12.84 -25.80
C ASN B 57 34.31 -12.95 -26.29
N ALA B 58 33.37 -12.26 -25.64
CA ALA B 58 32.02 -12.21 -26.24
C ALA B 58 31.93 -10.91 -27.04
N CYS B 59 33.10 -10.50 -27.53
CA CYS B 59 33.21 -9.18 -28.13
C CYS B 59 34.35 -9.05 -29.13
N SER B 60 34.19 -8.10 -30.03
CA SER B 60 35.22 -7.73 -31.00
C SER B 60 34.92 -6.35 -31.56
N THR B 61 33.78 -5.77 -31.17
CA THR B 61 33.38 -4.47 -31.69
C THR B 61 32.49 -3.65 -30.76
N ALA B 62 32.72 -2.35 -30.78
CA ALA B 62 32.01 -1.28 -30.12
C ALA B 62 30.49 -1.28 -30.28
N THR B 63 29.91 -2.17 -31.05
CA THR B 63 28.46 -2.30 -31.17
C THR B 63 27.92 -3.61 -30.60
N ASP B 64 28.47 -4.74 -31.01
CA ASP B 64 28.00 -6.07 -30.57
C ASP B 64 28.22 -6.30 -29.09
N CYS B 65 29.10 -5.53 -28.46
CA CYS B 65 29.16 -5.75 -27.00
C CYS B 65 27.84 -5.30 -26.40
N ALA B 66 27.29 -4.20 -26.89
CA ALA B 66 26.01 -3.79 -26.31
C ALA B 66 24.85 -4.56 -26.92
N GLU B 67 25.02 -5.35 -28.00
CA GLU B 67 23.83 -6.06 -28.49
C GLU B 67 23.75 -7.43 -27.82
N LYS B 68 24.85 -7.85 -27.20
CA LYS B 68 24.81 -9.12 -26.50
C LYS B 68 25.16 -8.93 -25.03
N CYS B 69 25.83 -7.81 -24.71
CA CYS B 69 26.16 -7.69 -23.29
C CYS B 69 25.19 -6.76 -22.57
N MET B 70 24.90 -7.24 -21.39
CA MET B 70 24.03 -6.73 -20.35
C MET B 70 24.81 -6.53 -19.05
N ILE B 71 24.62 -5.35 -18.48
CA ILE B 71 25.14 -5.00 -17.16
C ILE B 71 24.07 -5.37 -16.13
N GLU B 72 24.60 -5.60 -14.94
CA GLU B 72 23.96 -6.21 -13.79
C GLU B 72 23.53 -5.23 -12.71
N GLY B 73 22.27 -5.36 -12.34
CA GLY B 73 21.64 -4.58 -11.30
C GLY B 73 22.20 -4.95 -9.94
N ALA B 74 23.22 -4.22 -9.52
CA ALA B 74 23.91 -4.26 -8.26
C ALA B 74 23.65 -5.50 -7.41
N GLY B 75 22.71 -5.33 -6.49
CA GLY B 75 22.39 -6.29 -5.46
C GLY B 75 22.51 -5.60 -4.11
N ASP B 76 22.98 -6.32 -3.09
CA ASP B 76 23.16 -5.79 -1.75
C ASP B 76 24.37 -4.85 -1.71
N TYR B 77 24.07 -3.59 -2.04
CA TYR B 77 24.98 -2.47 -2.13
C TYR B 77 26.11 -2.52 -1.12
N LEU B 78 25.73 -2.48 0.15
CA LEU B 78 26.61 -2.62 1.29
C LEU B 78 27.73 -3.64 1.07
N GLY B 79 27.31 -4.90 1.00
CA GLY B 79 28.19 -6.02 0.78
C GLY B 79 29.12 -5.88 -0.39
N THR B 80 28.57 -5.65 -1.59
CA THR B 80 29.41 -5.50 -2.76
C THR B 80 30.20 -4.19 -2.70
N TYR B 81 29.49 -3.10 -2.96
CA TYR B 81 30.11 -1.80 -3.20
C TYR B 81 30.34 -0.99 -1.93
N GLY B 82 30.12 -1.58 -0.76
CA GLY B 82 30.43 -0.98 0.51
C GLY B 82 29.74 0.34 0.78
N ALA B 83 28.71 0.63 0.00
CA ALA B 83 27.95 1.86 0.17
C ALA B 83 26.57 1.49 0.68
N SER B 84 26.14 2.19 1.72
CA SER B 84 24.76 1.99 2.20
C SER B 84 24.20 3.36 2.53
N THR B 85 22.94 3.44 2.96
CA THR B 85 22.45 4.80 3.25
C THR B 85 21.64 4.81 4.53
N SER B 86 21.56 5.99 5.15
CA SER B 86 20.69 6.07 6.34
C SER B 86 20.08 7.45 6.48
N GLY B 87 18.77 7.47 6.32
CA GLY B 87 17.97 8.65 6.35
C GLY B 87 18.38 9.70 5.35
N ASP B 88 19.35 10.54 5.72
CA ASP B 88 19.72 11.64 4.84
C ASP B 88 21.18 11.52 4.40
N ALA B 89 21.74 10.40 4.86
CA ALA B 89 23.17 10.18 4.78
C ALA B 89 23.53 9.01 3.87
N LEU B 90 24.51 9.28 3.03
CA LEU B 90 25.20 8.34 2.18
C LEU B 90 26.55 8.02 2.83
N THR B 91 26.80 6.75 3.04
CA THR B 91 28.05 6.24 3.63
C THR B 91 28.79 5.41 2.59
N LEU B 92 30.03 5.74 2.25
CA LEU B 92 30.74 4.95 1.25
C LEU B 92 32.13 4.62 1.74
N LYS B 93 32.42 3.39 2.18
CA LYS B 93 33.78 3.12 2.66
C LYS B 93 34.78 3.27 1.52
N PHE B 94 36.06 3.14 1.83
CA PHE B 94 37.09 3.26 0.79
C PHE B 94 37.10 1.98 -0.04
N VAL B 95 37.49 0.90 0.64
CA VAL B 95 37.64 -0.38 -0.04
C VAL B 95 36.89 -1.48 0.68
N THR B 96 36.33 -2.40 -0.12
CA THR B 96 35.66 -3.57 0.42
C THR B 96 36.43 -4.83 0.03
N LYS B 97 36.99 -5.55 1.00
CA LYS B 97 37.63 -6.83 0.70
C LYS B 97 36.67 -7.94 1.17
N HIS B 98 35.67 -8.20 0.34
CA HIS B 98 34.62 -9.18 0.61
C HIS B 98 34.97 -10.53 -0.01
N GLU B 99 34.20 -11.54 0.33
CA GLU B 99 34.34 -12.91 -0.10
C GLU B 99 34.81 -13.05 -1.55
N TYR B 100 34.42 -12.16 -2.45
CA TYR B 100 34.71 -12.34 -3.86
C TYR B 100 35.43 -11.18 -4.53
N GLY B 101 35.31 -9.96 -4.02
CA GLY B 101 35.95 -8.81 -4.65
C GLY B 101 37.01 -8.13 -3.82
N THR B 102 37.16 -6.81 -3.98
CA THR B 102 38.14 -6.04 -3.25
C THR B 102 37.94 -4.53 -3.50
N ASN B 103 36.90 -4.23 -4.24
CA ASN B 103 36.45 -2.98 -4.80
C ASN B 103 37.23 -1.76 -4.31
N VAL B 104 37.67 -0.91 -5.24
CA VAL B 104 38.34 0.31 -4.75
C VAL B 104 37.54 1.53 -5.22
N GLY B 105 36.93 2.24 -4.27
CA GLY B 105 36.08 3.36 -4.60
C GLY B 105 34.73 2.99 -5.18
N SER B 106 33.92 4.00 -5.47
CA SER B 106 32.59 3.82 -6.07
C SER B 106 31.99 5.18 -6.37
N ARG B 107 31.21 5.30 -7.44
CA ARG B 107 30.70 6.63 -7.81
C ARG B 107 29.18 6.62 -7.88
N PHE B 108 28.52 7.59 -7.24
CA PHE B 108 27.07 7.60 -7.27
C PHE B 108 26.48 8.85 -7.91
N TYR B 109 25.18 8.76 -8.20
CA TYR B 109 24.40 9.93 -8.59
C TYR B 109 23.16 9.97 -7.71
N LEU B 110 22.51 11.13 -7.64
CA LEU B 110 21.19 11.27 -7.03
C LEU B 110 20.16 11.36 -8.16
N MET B 111 19.08 10.59 -8.10
CA MET B 111 18.08 10.58 -9.14
C MET B 111 16.69 10.93 -8.63
N ASN B 112 15.77 10.96 -9.57
CA ASN B 112 14.45 11.56 -9.59
C ASN B 112 13.41 10.55 -10.04
N GLY B 113 13.32 9.46 -9.28
CA GLY B 113 12.56 8.30 -9.72
C GLY B 113 13.59 7.23 -10.05
N PRO B 114 13.18 5.99 -10.21
CA PRO B 114 14.12 4.91 -10.53
C PRO B 114 14.71 5.02 -11.94
N ASP B 115 14.15 5.81 -12.85
CA ASP B 115 14.71 5.86 -14.20
C ASP B 115 15.12 7.25 -14.68
N LYS B 116 15.43 8.18 -13.79
CA LYS B 116 15.72 9.56 -14.10
C LYS B 116 16.70 10.11 -13.06
N TYR B 117 17.83 10.64 -13.49
CA TYR B 117 18.74 11.40 -12.67
C TYR B 117 18.11 12.71 -12.20
N GLN B 118 18.23 13.04 -10.92
CA GLN B 118 17.68 14.36 -10.55
C GLN B 118 18.46 15.43 -11.30
N MET B 119 17.85 16.37 -12.01
CA MET B 119 18.70 17.41 -12.60
C MET B 119 18.60 18.70 -11.79
N PHE B 120 19.69 19.45 -11.69
CA PHE B 120 19.65 20.68 -10.90
C PHE B 120 19.83 21.91 -11.78
N ASN B 121 19.12 22.97 -11.42
CA ASN B 121 19.16 24.25 -12.10
C ASN B 121 20.17 25.20 -11.47
N LEU B 122 21.38 24.72 -11.36
CA LEU B 122 22.53 25.27 -10.67
C LEU B 122 22.53 26.78 -10.56
N MET B 123 22.35 27.48 -11.68
CA MET B 123 22.40 28.93 -11.67
C MET B 123 21.43 29.55 -10.66
N GLY B 124 21.89 30.62 -10.02
CA GLY B 124 21.14 31.38 -9.03
C GLY B 124 20.96 30.65 -7.71
N ASN B 125 21.18 29.34 -7.69
CA ASN B 125 21.04 28.56 -6.47
C ASN B 125 22.40 28.07 -5.97
N GLU B 126 22.35 27.54 -4.76
CA GLU B 126 23.44 26.92 -4.05
C GLU B 126 23.01 25.52 -3.63
N LEU B 127 23.97 24.65 -3.40
CA LEU B 127 23.63 23.38 -2.72
C LEU B 127 24.16 23.51 -1.30
N ALA B 128 23.81 22.56 -0.44
CA ALA B 128 24.52 22.46 0.82
C ALA B 128 24.68 20.97 1.12
N PHE B 129 25.70 20.70 1.94
CA PHE B 129 25.74 19.34 2.48
C PHE B 129 26.62 19.38 3.71
N ASP B 130 26.36 18.51 4.67
CA ASP B 130 27.35 18.46 5.76
C ASP B 130 28.31 17.37 5.28
N VAL B 131 29.24 16.87 6.08
CA VAL B 131 30.14 15.83 5.61
C VAL B 131 31.22 15.51 6.64
N ASP B 132 31.40 14.21 6.87
CA ASP B 132 32.50 13.68 7.65
C ASP B 132 33.47 12.86 6.79
N LEU B 133 34.67 13.38 6.61
CA LEU B 133 35.76 12.85 5.83
C LEU B 133 37.00 12.67 6.71
N SER B 134 36.73 12.57 8.00
CA SER B 134 37.72 12.46 9.04
C SER B 134 38.58 11.21 8.90
N THR B 135 38.18 10.27 8.05
CA THR B 135 38.91 9.01 7.89
C THR B 135 39.44 8.84 6.48
N VAL B 136 39.22 9.86 5.68
CA VAL B 136 39.63 9.90 4.29
C VAL B 136 41.04 10.49 4.21
N GLU B 137 41.98 9.60 3.96
CA GLU B 137 43.39 9.90 4.20
C GLU B 137 44.12 10.39 2.96
N CYS B 138 45.42 10.65 3.07
CA CYS B 138 46.22 11.24 2.00
C CYS B 138 45.98 10.48 0.70
N GLY B 139 46.36 11.07 -0.42
CA GLY B 139 45.79 10.56 -1.66
C GLY B 139 44.26 10.65 -1.47
N ILE B 140 43.54 9.64 -1.92
CA ILE B 140 42.12 9.42 -1.73
C ILE B 140 41.28 10.66 -1.91
N ASN B 141 40.10 10.54 -2.53
CA ASN B 141 39.30 11.71 -2.84
C ASN B 141 37.82 11.48 -2.54
N SER B 142 37.35 12.18 -1.51
CA SER B 142 35.92 12.11 -1.22
C SER B 142 35.24 13.32 -1.87
N ALA B 143 34.54 13.09 -2.98
CA ALA B 143 33.98 14.23 -3.68
C ALA B 143 32.50 14.12 -4.03
N LEU B 144 31.92 15.31 -4.08
CA LEU B 144 30.54 15.54 -4.49
C LEU B 144 30.55 16.69 -5.48
N TYR B 145 30.03 16.45 -6.68
CA TYR B 145 30.13 17.40 -7.77
C TYR B 145 29.00 17.21 -8.76
N PHE B 146 28.93 18.10 -9.74
CA PHE B 146 27.82 18.16 -10.67
C PHE B 146 28.26 17.80 -12.09
N VAL B 147 27.85 16.67 -12.66
CA VAL B 147 28.25 16.47 -14.07
C VAL B 147 27.04 16.66 -14.99
N ALA B 148 27.31 17.22 -16.17
CA ALA B 148 26.28 17.56 -17.13
C ALA B 148 25.94 16.42 -18.07
N MET B 149 25.70 15.29 -17.45
CA MET B 149 25.15 14.04 -17.92
C MET B 149 23.78 14.25 -18.55
N GLU B 150 23.08 13.14 -18.85
CA GLU B 150 21.76 13.22 -19.44
C GLU B 150 20.69 12.92 -18.40
N GLU B 151 19.52 13.54 -18.56
CA GLU B 151 18.40 13.28 -17.66
C GLU B 151 18.16 11.79 -17.49
N ASP B 152 18.22 11.09 -18.62
CA ASP B 152 17.94 9.67 -18.67
C ASP B 152 19.16 8.78 -18.92
N GLY B 153 20.36 9.23 -18.62
CA GLY B 153 21.61 8.51 -18.80
C GLY B 153 22.13 8.49 -20.21
N GLY B 154 21.37 8.97 -21.19
CA GLY B 154 21.79 8.84 -22.58
C GLY B 154 21.02 7.74 -23.28
N MET B 155 19.78 7.52 -22.82
CA MET B 155 18.97 6.47 -23.43
C MET B 155 18.46 6.96 -24.80
N ALA B 156 17.80 8.10 -24.78
CA ALA B 156 17.15 8.71 -25.93
C ALA B 156 18.15 9.21 -26.96
N SER B 157 19.26 9.76 -26.47
CA SER B 157 20.25 10.16 -27.47
C SER B 157 20.94 8.93 -28.03
N TYR B 158 20.83 7.82 -27.32
CA TYR B 158 21.63 6.64 -27.55
C TYR B 158 20.85 5.34 -27.33
N PRO B 159 19.82 5.09 -28.13
CA PRO B 159 18.86 4.03 -27.91
C PRO B 159 19.43 2.63 -27.91
N SER B 160 20.74 2.45 -28.11
CA SER B 160 21.30 1.12 -27.82
C SER B 160 21.49 1.02 -26.31
N ASN B 161 21.78 2.17 -25.67
CA ASN B 161 21.75 2.13 -24.21
C ASN B 161 20.30 1.96 -23.73
N GLN B 162 20.03 0.73 -23.32
CA GLN B 162 18.73 0.33 -22.80
C GLN B 162 18.82 0.12 -21.30
N ALA B 163 19.91 0.61 -20.71
CA ALA B 163 20.05 0.54 -19.26
C ALA B 163 19.48 1.81 -18.63
N GLY B 164 20.00 2.94 -19.13
CA GLY B 164 19.54 4.25 -18.68
C GLY B 164 19.93 4.44 -17.22
N ALA B 165 19.63 5.63 -16.72
CA ALA B 165 19.84 6.17 -15.40
C ALA B 165 19.56 5.16 -14.30
N ARG B 166 18.59 4.27 -14.54
CA ARG B 166 18.26 3.32 -13.48
C ARG B 166 19.47 2.42 -13.19
N TYR B 167 20.35 2.27 -14.15
CA TYR B 167 21.59 1.53 -14.22
C TYR B 167 22.78 2.44 -14.50
N GLY B 168 22.96 3.45 -13.67
CA GLY B 168 23.97 4.46 -13.66
C GLY B 168 24.81 4.61 -14.90
N THR B 169 24.20 4.55 -16.09
CA THR B 169 24.94 4.79 -17.33
C THR B 169 25.21 6.28 -17.51
N GLY B 170 25.76 6.66 -18.64
CA GLY B 170 25.89 8.00 -19.14
C GLY B 170 26.75 9.01 -18.45
N TYR B 171 27.54 8.59 -17.46
CA TYR B 171 28.43 9.53 -16.77
C TYR B 171 29.32 10.28 -17.76
N CYS B 172 29.65 11.51 -17.41
CA CYS B 172 30.51 12.36 -18.23
C CYS B 172 31.04 13.48 -17.35
N ASP B 173 32.29 13.86 -17.51
CA ASP B 173 32.86 15.01 -16.83
C ASP B 173 33.83 15.76 -17.74
N ALA B 174 34.91 16.32 -17.17
CA ALA B 174 35.73 17.21 -17.97
C ALA B 174 37.04 16.57 -18.37
N GLN B 175 37.39 15.47 -17.70
CA GLN B 175 38.60 14.80 -18.19
C GLN B 175 38.28 13.93 -19.39
N CYS B 176 37.00 13.85 -19.74
CA CYS B 176 36.58 12.85 -20.72
C CYS B 176 36.85 11.45 -20.17
N ALA B 177 35.81 10.64 -20.12
CA ALA B 177 35.70 9.35 -19.46
C ALA B 177 36.14 8.15 -20.28
N ARG B 178 37.32 8.18 -20.85
CA ARG B 178 37.87 7.12 -21.69
C ARG B 178 38.01 5.79 -20.98
N ASP B 179 37.82 5.75 -19.66
CA ASP B 179 37.90 4.44 -18.98
C ASP B 179 36.67 3.60 -19.36
N LEU B 180 35.52 4.10 -18.94
CA LEU B 180 34.16 3.68 -19.19
C LEU B 180 34.00 2.53 -20.18
N LYS B 181 33.23 1.52 -19.79
CA LYS B 181 32.99 0.36 -20.63
C LYS B 181 31.67 0.51 -21.41
N PHE B 182 31.37 1.72 -21.83
CA PHE B 182 30.26 2.16 -22.64
C PHE B 182 30.22 3.69 -22.63
N VAL B 183 30.34 4.27 -23.82
CA VAL B 183 30.20 5.70 -24.09
C VAL B 183 29.19 5.81 -25.25
N GLY B 184 28.27 6.75 -25.11
CA GLY B 184 27.18 6.90 -26.07
C GLY B 184 26.50 5.61 -26.45
N GLY B 185 26.16 4.76 -25.48
CA GLY B 185 25.53 3.49 -25.79
C GLY B 185 26.39 2.63 -26.70
N LYS B 186 27.71 2.64 -26.53
CA LYS B 186 28.65 1.84 -27.30
C LYS B 186 29.81 1.33 -26.43
N ALA B 187 30.42 0.21 -26.84
CA ALA B 187 31.47 -0.39 -26.01
C ALA B 187 32.87 0.10 -26.35
N ASN B 188 33.81 0.00 -25.41
CA ASN B 188 35.13 0.57 -25.73
C ASN B 188 36.13 -0.54 -26.02
N ILE B 189 35.63 -1.75 -26.28
CA ILE B 189 36.44 -2.90 -26.61
C ILE B 189 37.55 -2.64 -27.64
N GLU B 190 37.28 -1.80 -28.63
CA GLU B 190 38.31 -1.44 -29.60
C GLU B 190 39.58 -0.94 -28.92
N GLY B 191 40.63 -1.71 -29.14
CA GLY B 191 41.98 -1.47 -28.68
C GLY B 191 42.08 -1.20 -27.19
N TRP B 192 41.18 -1.80 -26.40
CA TRP B 192 41.19 -1.63 -24.95
C TRP B 192 42.51 -2.17 -24.40
N LYS B 193 43.22 -1.30 -23.72
CA LYS B 193 44.48 -1.55 -23.03
C LYS B 193 44.26 -1.53 -21.52
N SER B 194 44.73 -2.57 -20.85
CA SER B 194 44.48 -2.75 -19.42
C SER B 194 45.03 -1.59 -18.60
N SER B 195 45.15 -1.74 -17.27
CA SER B 195 45.71 -0.64 -16.50
C SER B 195 47.06 -1.01 -15.85
N THR B 196 47.84 0.02 -15.72
CA THR B 196 49.15 0.24 -15.16
C THR B 196 49.21 -0.08 -13.67
N SER B 197 48.07 -0.21 -13.01
CA SER B 197 48.07 -0.56 -11.59
C SER B 197 46.63 -0.83 -11.09
N ASP B 198 45.66 -0.27 -11.80
CA ASP B 198 44.24 -0.52 -11.60
C ASP B 198 43.86 -1.85 -12.24
N PRO B 199 43.83 -2.89 -11.40
CA PRO B 199 43.63 -4.26 -11.85
C PRO B 199 42.24 -4.54 -12.40
N ASN B 200 41.39 -3.53 -12.48
CA ASN B 200 40.03 -3.75 -12.96
C ASN B 200 39.62 -2.67 -13.95
N ALA B 201 40.50 -1.70 -14.11
CA ALA B 201 40.33 -0.56 -15.01
C ALA B 201 41.12 -0.68 -16.31
N GLY B 202 41.03 0.36 -17.14
CA GLY B 202 41.65 0.44 -18.45
C GLY B 202 41.17 1.66 -19.23
N VAL B 203 41.66 1.84 -20.45
CA VAL B 203 41.27 2.90 -21.37
C VAL B 203 41.20 2.41 -22.81
N GLY B 204 40.26 2.99 -23.55
CA GLY B 204 40.04 2.79 -24.96
C GLY B 204 39.77 4.06 -25.74
N PRO B 205 39.16 3.85 -26.90
CA PRO B 205 38.94 4.90 -27.88
C PRO B 205 38.01 6.01 -27.45
N TYR B 206 36.98 5.75 -26.64
CA TYR B 206 36.04 6.86 -26.40
C TYR B 206 36.02 7.39 -24.98
N GLY B 207 35.99 8.72 -24.89
CA GLY B 207 35.89 9.40 -23.59
C GLY B 207 34.64 10.26 -23.55
N SER B 208 33.86 10.20 -22.47
CA SER B 208 32.67 11.04 -22.40
C SER B 208 33.04 12.42 -21.89
N CYS B 209 32.64 13.46 -22.64
CA CYS B 209 32.96 14.77 -22.06
C CYS B 209 31.66 15.57 -21.94
N CYS B 210 31.67 16.44 -20.94
CA CYS B 210 30.61 17.39 -20.64
C CYS B 210 31.13 18.32 -19.54
N ALA B 211 30.37 19.32 -19.12
CA ALA B 211 30.95 20.24 -18.14
C ALA B 211 31.17 19.49 -16.82
N GLU B 212 31.73 20.19 -15.86
CA GLU B 212 31.98 19.72 -14.51
C GLU B 212 32.24 20.94 -13.61
N ILE B 213 31.42 21.03 -12.58
CA ILE B 213 31.37 22.04 -11.54
C ILE B 213 31.81 21.44 -10.20
N ASP B 214 33.07 21.06 -10.09
CA ASP B 214 33.64 20.30 -9.00
C ASP B 214 33.58 20.99 -7.63
N VAL B 215 32.38 20.95 -7.10
CA VAL B 215 31.92 21.48 -5.82
C VAL B 215 32.90 21.13 -4.70
N TRP B 216 32.98 19.87 -4.32
CA TRP B 216 33.86 19.39 -3.26
C TRP B 216 34.68 18.17 -3.70
N GLU B 217 35.99 18.34 -3.74
CA GLU B 217 37.05 17.38 -3.96
C GLU B 217 38.05 17.50 -2.82
N SER B 218 38.25 16.44 -2.04
CA SER B 218 39.07 16.61 -0.86
C SER B 218 39.19 15.32 -0.03
N ASN B 219 39.90 15.52 1.05
CA ASN B 219 40.12 14.58 2.14
C ASN B 219 40.45 15.35 3.41
N ALA B 220 40.52 14.76 4.60
CA ALA B 220 40.92 15.54 5.77
C ALA B 220 42.21 16.33 5.65
N TYR B 221 43.02 16.30 4.58
CA TYR B 221 44.21 17.17 4.62
C TYR B 221 44.14 18.34 3.66
N ALA B 222 43.14 18.34 2.78
CA ALA B 222 43.07 19.47 1.84
C ALA B 222 41.72 19.46 1.14
N PHE B 223 41.35 20.59 0.55
CA PHE B 223 40.20 20.56 -0.36
C PHE B 223 40.52 21.48 -1.53
N ALA B 224 39.61 21.46 -2.48
CA ALA B 224 39.68 22.28 -3.68
C ALA B 224 38.29 22.55 -4.22
N PHE B 225 38.01 23.78 -4.64
CA PHE B 225 36.69 24.04 -5.24
C PHE B 225 36.92 24.45 -6.69
N THR B 226 36.38 23.70 -7.65
CA THR B 226 36.94 23.64 -8.99
C THR B 226 35.99 23.55 -10.16
N PRO B 227 35.73 24.68 -10.81
CA PRO B 227 35.00 24.72 -12.08
C PRO B 227 35.87 24.38 -13.28
N HIS B 228 35.32 23.60 -14.20
CA HIS B 228 35.80 23.28 -15.53
C HIS B 228 34.71 23.57 -16.57
N ALA B 229 35.08 24.19 -17.69
CA ALA B 229 34.08 24.32 -18.76
C ALA B 229 34.56 23.60 -20.02
N CYS B 230 33.66 23.48 -20.99
CA CYS B 230 34.10 22.96 -22.28
C CYS B 230 33.52 23.83 -23.40
N THR B 231 34.21 23.82 -24.52
CA THR B 231 33.74 24.52 -25.71
C THR B 231 32.43 23.89 -26.21
N THR B 232 32.24 22.64 -25.83
CA THR B 232 31.04 21.83 -25.92
C THR B 232 30.67 21.37 -24.50
N ASN B 233 29.55 21.88 -24.00
CA ASN B 233 29.28 21.74 -22.57
C ASN B 233 28.23 20.68 -22.27
N GLU B 234 27.26 20.48 -23.15
CA GLU B 234 26.34 19.36 -23.03
C GLU B 234 27.10 18.08 -23.35
N TYR B 235 26.59 16.93 -22.97
CA TYR B 235 27.21 15.63 -23.23
C TYR B 235 27.72 15.54 -24.67
N HIS B 236 28.92 14.99 -24.86
CA HIS B 236 29.49 14.83 -26.20
C HIS B 236 30.61 13.81 -26.22
N VAL B 237 30.86 13.22 -27.40
CA VAL B 237 31.82 12.13 -27.50
C VAL B 237 33.17 12.54 -28.08
N CYS B 238 34.26 12.13 -27.42
CA CYS B 238 35.57 12.43 -28.01
C CYS B 238 36.18 11.14 -28.54
N GLU B 239 36.78 11.22 -29.71
CA GLU B 239 37.34 10.01 -30.31
C GLU B 239 38.86 10.04 -30.23
N THR B 240 39.45 9.24 -29.34
CA THR B 240 40.89 9.03 -29.36
C THR B 240 41.75 10.29 -29.39
N THR B 241 42.47 10.53 -30.47
CA THR B 241 43.46 11.59 -30.62
C THR B 241 42.93 12.99 -30.31
N ASN B 242 41.61 13.16 -30.22
CA ASN B 242 41.10 14.48 -29.84
C ASN B 242 40.39 14.40 -28.49
N CYS B 243 40.91 13.55 -27.62
CA CYS B 243 40.51 13.38 -26.23
C CYS B 243 41.60 13.90 -25.29
N GLY B 244 41.17 14.55 -24.23
CA GLY B 244 42.05 15.18 -23.27
C GLY B 244 41.93 14.67 -21.85
N GLY B 245 42.47 15.45 -20.92
CA GLY B 245 42.54 15.05 -19.53
C GLY B 245 43.37 13.77 -19.41
N THR B 246 43.56 13.36 -18.19
CA THR B 246 44.25 12.24 -17.63
C THR B 246 44.52 11.08 -18.58
N TYR B 247 43.51 10.61 -19.31
CA TYR B 247 43.62 9.29 -19.95
C TYR B 247 44.23 9.36 -21.33
N SER B 248 44.31 10.57 -21.88
CA SER B 248 44.82 10.74 -23.24
C SER B 248 46.33 11.02 -23.21
N GLU B 249 46.91 11.12 -24.38
CA GLU B 249 48.31 11.49 -24.58
C GLU B 249 48.53 12.94 -24.14
N ASP B 250 47.71 13.78 -24.74
CA ASP B 250 47.60 15.22 -24.61
C ASP B 250 46.45 15.62 -23.70
N ARG B 251 46.73 16.10 -22.50
CA ARG B 251 45.64 16.44 -21.58
C ARG B 251 44.77 17.56 -22.13
N PHE B 252 45.25 18.31 -23.12
CA PHE B 252 44.55 19.48 -23.57
C PHE B 252 43.97 19.39 -24.97
N ALA B 253 43.91 18.20 -25.56
CA ALA B 253 43.58 18.10 -26.98
C ALA B 253 42.08 18.17 -27.26
N GLY B 254 41.25 17.50 -26.50
CA GLY B 254 39.81 17.48 -26.82
C GLY B 254 39.19 18.86 -26.83
N LYS B 255 37.98 19.02 -26.29
CA LYS B 255 37.26 20.28 -26.32
C LYS B 255 37.07 20.89 -24.92
N CYS B 256 37.41 20.16 -23.88
CA CYS B 256 37.22 20.48 -22.49
C CYS B 256 38.50 20.90 -21.78
N ASP B 257 38.33 21.61 -20.67
CA ASP B 257 39.40 21.96 -19.76
C ASP B 257 39.40 20.98 -18.58
N ALA B 258 40.46 20.17 -18.49
CA ALA B 258 40.64 19.15 -17.49
C ALA B 258 41.14 19.69 -16.16
N ASN B 259 41.72 20.88 -16.19
CA ASN B 259 42.39 21.50 -15.07
C ASN B 259 41.51 22.46 -14.26
N GLY B 260 40.68 23.25 -14.94
CA GLY B 260 39.74 24.17 -14.36
C GLY B 260 40.33 25.41 -13.72
N CYS B 261 39.59 26.10 -12.85
CA CYS B 261 40.01 27.27 -12.11
C CYS B 261 39.88 27.03 -10.61
N ASP B 262 40.80 26.27 -10.04
CA ASP B 262 40.62 25.67 -8.72
C ASP B 262 40.88 26.61 -7.56
N TYR B 263 40.06 26.56 -6.51
CA TYR B 263 40.43 27.33 -5.34
C TYR B 263 40.54 26.38 -4.14
N ASN B 264 41.79 26.08 -3.83
CA ASN B 264 42.18 25.37 -2.60
C ASN B 264 42.98 26.36 -1.76
N PRO B 265 42.45 26.80 -0.63
CA PRO B 265 43.08 27.87 0.15
C PRO B 265 44.43 27.48 0.72
N TYR B 266 44.79 26.20 0.63
CA TYR B 266 46.18 25.78 0.84
C TYR B 266 46.99 26.36 -0.33
N ARG B 267 46.75 25.83 -1.53
CA ARG B 267 47.43 26.22 -2.75
C ARG B 267 47.41 27.73 -2.98
N MET B 268 46.45 28.43 -2.40
CA MET B 268 46.27 29.88 -2.46
C MET B 268 46.64 30.57 -1.15
N GLY B 269 47.63 30.03 -0.44
CA GLY B 269 48.35 30.61 0.64
C GLY B 269 48.02 30.41 2.08
N ASN B 270 47.06 29.56 2.44
CA ASN B 270 46.67 29.42 3.84
C ASN B 270 46.77 28.00 4.34
N PRO B 271 48.00 27.54 4.56
CA PRO B 271 48.19 26.20 5.12
C PRO B 271 47.60 26.05 6.51
N ASP B 272 47.18 27.14 7.17
CA ASP B 272 46.72 26.91 8.56
C ASP B 272 45.21 26.76 8.58
N PHE B 273 44.54 26.80 7.43
CA PHE B 273 43.09 26.84 7.43
C PHE B 273 42.38 25.52 7.71
N TYR B 274 42.28 24.68 6.69
CA TYR B 274 41.51 23.45 6.70
C TYR B 274 42.41 22.26 7.04
N GLY B 275 41.92 21.35 7.85
CA GLY B 275 42.72 20.17 8.19
C GLY B 275 42.40 19.70 9.58
N LYS B 276 42.99 18.59 10.01
CA LYS B 276 42.70 18.17 11.38
C LYS B 276 43.13 19.22 12.39
N GLY B 277 42.23 19.55 13.31
CA GLY B 277 42.47 20.50 14.38
C GLY B 277 42.73 21.92 13.90
N LYS B 278 42.38 22.20 12.64
CA LYS B 278 42.63 23.53 12.09
C LYS B 278 41.47 24.49 12.31
N THR B 279 41.53 25.67 11.68
CA THR B 279 40.44 26.64 11.73
C THR B 279 39.14 25.92 11.39
N LEU B 280 39.08 25.44 10.16
CA LEU B 280 38.12 24.42 9.76
C LEU B 280 38.86 23.07 9.94
N ASP B 281 38.35 22.31 10.88
CA ASP B 281 38.81 21.04 11.37
C ASP B 281 38.22 19.90 10.53
N THR B 282 39.05 19.07 9.94
CA THR B 282 38.50 17.91 9.23
C THR B 282 38.39 16.65 10.07
N SER B 283 38.74 16.73 11.35
CA SER B 283 38.58 15.63 12.30
C SER B 283 37.10 15.53 12.69
N ARG B 284 36.40 16.63 12.43
CA ARG B 284 35.01 16.72 12.86
C ARG B 284 34.12 16.74 11.62
N LYS B 285 32.82 16.93 11.82
CA LYS B 285 31.83 17.08 10.76
C LYS B 285 31.65 18.55 10.42
N PHE B 286 31.54 18.91 9.15
CA PHE B 286 31.33 20.31 8.81
C PHE B 286 30.24 20.45 7.73
N THR B 287 29.97 21.67 7.29
CA THR B 287 28.92 21.87 6.31
C THR B 287 29.39 22.65 5.07
N VAL B 288 29.20 22.06 3.88
CA VAL B 288 29.59 22.84 2.71
C VAL B 288 28.34 23.43 2.04
N VAL B 289 28.46 24.71 1.75
CA VAL B 289 27.44 25.55 1.16
C VAL B 289 28.05 26.35 0.03
N SER B 290 27.46 26.26 -1.17
CA SER B 290 28.12 26.80 -2.36
C SER B 290 27.12 27.34 -3.37
N ARG B 291 27.33 28.57 -3.78
CA ARG B 291 26.55 29.46 -4.60
C ARG B 291 27.10 29.73 -6.00
N PHE B 292 26.34 29.43 -7.04
CA PHE B 292 26.80 29.54 -8.41
C PHE B 292 26.24 30.73 -9.17
N GLU B 293 27.08 31.75 -9.42
CA GLU B 293 26.56 32.96 -10.04
C GLU B 293 27.27 33.35 -11.33
N GLU B 294 26.61 34.23 -12.07
CA GLU B 294 27.23 34.74 -13.29
C GLU B 294 28.58 35.35 -12.91
N ASN B 295 29.66 34.77 -13.39
CA ASN B 295 31.03 35.22 -13.18
C ASN B 295 31.43 35.35 -11.73
N LYS B 296 31.03 34.40 -10.89
CA LYS B 296 31.40 34.45 -9.48
C LYS B 296 30.78 33.26 -8.76
N LEU B 297 31.61 32.27 -8.44
CA LEU B 297 31.13 31.17 -7.60
C LEU B 297 31.68 31.42 -6.20
N SER B 298 31.02 30.94 -5.17
CA SER B 298 31.41 31.19 -3.78
C SER B 298 31.16 29.96 -2.90
N GLN B 299 31.58 29.95 -1.64
CA GLN B 299 31.38 28.71 -0.87
C GLN B 299 31.84 28.88 0.57
N TYR B 300 31.05 28.47 1.56
CA TYR B 300 31.50 28.66 2.95
C TYR B 300 31.15 27.43 3.80
N PHE B 301 31.64 27.40 5.03
CA PHE B 301 31.46 26.28 5.93
C PHE B 301 30.64 26.69 7.15
N ILE B 302 30.03 25.70 7.79
CA ILE B 302 29.35 25.87 9.07
C ILE B 302 29.72 24.79 10.07
N GLN B 303 30.64 25.13 10.99
CA GLN B 303 31.10 24.09 11.90
C GLN B 303 30.75 24.37 13.34
N ASP B 304 30.19 23.38 14.03
CA ASP B 304 29.78 23.58 15.42
C ASP B 304 28.80 24.74 15.57
N GLY B 305 28.08 25.07 14.50
CA GLY B 305 26.98 26.03 14.52
C GLY B 305 27.46 27.41 14.14
N ARG B 306 28.77 27.52 13.93
CA ARG B 306 29.38 28.78 13.53
C ARG B 306 29.61 28.83 12.02
N LYS B 307 29.68 30.01 11.43
CA LYS B 307 29.97 30.17 10.01
C LYS B 307 31.45 30.50 9.81
N ILE B 308 32.15 29.57 9.20
CA ILE B 308 33.54 29.60 8.79
C ILE B 308 33.68 29.98 7.32
N GLU B 309 34.35 31.08 7.03
CA GLU B 309 34.57 31.73 5.76
C GLU B 309 35.97 31.48 5.21
N ILE B 310 36.06 31.31 3.88
CA ILE B 310 37.34 30.95 3.26
C ILE B 310 38.22 32.17 3.03
N PRO B 311 39.46 32.14 3.49
CA PRO B 311 40.40 33.26 3.28
C PRO B 311 40.85 33.35 1.83
N PRO B 312 41.20 34.58 1.46
CA PRO B 312 41.63 34.93 0.10
C PRO B 312 43.07 34.53 -0.15
N PRO B 313 43.59 34.72 -1.37
CA PRO B 313 44.99 34.35 -1.60
C PRO B 313 45.95 35.34 -0.96
N THR B 314 47.04 34.80 -0.43
CA THR B 314 48.16 35.61 0.03
C THR B 314 49.04 36.10 -1.11
N TRP B 315 48.84 35.55 -2.30
CA TRP B 315 49.62 35.74 -3.51
C TRP B 315 49.48 37.10 -4.18
N GLU B 316 50.62 37.82 -4.15
CA GLU B 316 50.74 39.14 -4.72
C GLU B 316 50.43 39.05 -6.21
N GLY B 317 49.35 39.74 -6.57
CA GLY B 317 48.83 39.65 -7.92
C GLY B 317 47.49 38.94 -7.90
N MET B 318 46.78 39.04 -6.77
CA MET B 318 45.51 38.33 -6.71
C MET B 318 44.51 39.02 -5.78
N PRO B 319 43.24 38.76 -6.09
CA PRO B 319 42.13 39.29 -5.32
C PRO B 319 42.22 39.00 -3.82
N ASN B 320 41.75 39.99 -3.07
CA ASN B 320 41.57 39.97 -1.63
C ASN B 320 40.29 39.23 -1.26
N SER B 321 40.01 38.13 -1.97
CA SER B 321 38.74 37.41 -1.84
C SER B 321 38.92 35.91 -1.91
N SER B 322 37.84 35.17 -1.71
CA SER B 322 37.84 33.72 -1.76
C SER B 322 37.13 33.19 -3.00
N GLU B 323 36.20 33.99 -3.48
CA GLU B 323 35.28 33.67 -4.55
C GLU B 323 35.93 33.44 -5.90
N ILE B 324 35.46 32.47 -6.68
CA ILE B 324 36.01 32.21 -8.00
C ILE B 324 35.37 33.16 -9.02
N THR B 325 36.16 34.07 -9.58
CA THR B 325 35.75 35.10 -10.51
C THR B 325 36.74 35.26 -11.68
N PRO B 326 36.29 35.88 -12.75
CA PRO B 326 37.16 36.14 -13.91
C PRO B 326 38.52 36.71 -13.52
N GLU B 327 38.59 37.49 -12.46
CA GLU B 327 39.84 38.18 -12.12
C GLU B 327 40.76 37.32 -11.27
N LEU B 328 40.19 36.27 -10.66
CA LEU B 328 40.93 35.29 -9.88
C LEU B 328 41.66 34.42 -10.92
N CYS B 329 40.81 33.67 -11.61
CA CYS B 329 41.22 32.72 -12.64
C CYS B 329 42.30 33.40 -13.48
N SER B 330 41.98 34.59 -13.98
CA SER B 330 42.89 35.48 -14.68
C SER B 330 44.21 35.67 -13.95
N THR B 331 44.23 36.52 -12.95
CA THR B 331 45.46 36.79 -12.21
C THR B 331 46.12 35.53 -11.63
N MET B 332 45.32 34.49 -11.44
CA MET B 332 45.78 33.22 -10.90
C MET B 332 46.88 32.63 -11.77
N PHE B 333 46.66 32.70 -13.08
CA PHE B 333 47.69 32.31 -14.05
C PHE B 333 48.73 33.41 -14.15
N ASP B 334 48.45 34.53 -13.49
CA ASP B 334 49.50 35.56 -13.41
C ASP B 334 50.52 35.17 -12.33
N VAL B 335 50.20 34.10 -11.63
CA VAL B 335 50.91 33.61 -10.47
C VAL B 335 51.38 32.17 -10.61
N PHE B 336 50.52 31.17 -10.75
CA PHE B 336 51.07 29.81 -10.73
C PHE B 336 51.56 29.30 -12.09
N ASN B 337 51.88 30.19 -13.00
CA ASN B 337 52.48 30.15 -14.32
C ASN B 337 52.03 29.06 -15.27
N ASP B 338 51.32 28.00 -14.88
CA ASP B 338 50.94 26.97 -15.88
C ASP B 338 50.10 27.53 -17.01
N ARG B 339 49.86 26.77 -18.08
CA ARG B 339 49.14 27.42 -19.18
C ARG B 339 47.68 27.59 -18.79
N ASN B 340 47.00 28.56 -19.38
CA ASN B 340 45.66 28.95 -18.99
C ASN B 340 44.57 28.21 -19.73
N ARG B 341 44.52 26.88 -19.62
CA ARG B 341 43.54 26.15 -20.44
C ARG B 341 42.12 26.57 -20.14
N PHE B 342 41.84 27.12 -18.96
CA PHE B 342 40.46 27.58 -18.73
C PHE B 342 40.15 28.75 -19.65
N GLU B 343 41.19 29.44 -20.13
CA GLU B 343 41.11 30.57 -21.05
C GLU B 343 40.92 30.11 -22.49
N GLU B 344 41.76 29.19 -22.95
CA GLU B 344 41.62 28.72 -24.32
C GLU B 344 40.29 28.01 -24.55
N VAL B 345 39.62 27.52 -23.52
CA VAL B 345 38.33 26.85 -23.75
C VAL B 345 37.18 27.85 -23.73
N GLY B 346 37.50 29.11 -23.44
CA GLY B 346 36.47 30.14 -23.45
C GLY B 346 36.12 30.71 -22.10
N GLY B 347 36.92 30.35 -21.10
CA GLY B 347 36.92 30.91 -19.79
C GLY B 347 35.65 31.09 -19.01
N PHE B 348 35.17 32.33 -18.87
CA PHE B 348 34.11 32.53 -17.88
C PHE B 348 32.72 32.66 -18.47
N GLU B 349 32.61 33.30 -19.63
CA GLU B 349 31.32 33.23 -20.34
C GLU B 349 31.07 31.75 -20.55
N GLN B 350 32.10 31.04 -21.03
CA GLN B 350 32.02 29.60 -21.16
C GLN B 350 31.56 28.93 -19.87
N LEU B 351 32.13 29.33 -18.74
CA LEU B 351 31.58 28.76 -17.50
C LEU B 351 30.14 29.23 -17.32
N ASN B 352 29.91 30.48 -17.68
CA ASN B 352 28.62 31.14 -17.57
C ASN B 352 27.53 30.33 -18.26
N ASN B 353 27.83 29.67 -19.37
CA ASN B 353 26.80 28.82 -19.97
C ASN B 353 26.94 27.39 -19.51
N ALA B 354 28.04 27.05 -18.81
CA ALA B 354 28.02 25.70 -18.22
C ALA B 354 27.14 25.75 -16.98
N LEU B 355 27.14 26.86 -16.24
CA LEU B 355 26.45 26.85 -14.95
C LEU B 355 24.92 26.85 -15.09
N ARG B 356 24.47 26.89 -16.32
CA ARG B 356 23.16 26.86 -16.90
C ARG B 356 22.72 25.47 -17.34
N VAL B 357 23.57 24.69 -18.00
CA VAL B 357 23.20 23.33 -18.41
C VAL B 357 22.70 22.54 -17.20
N PRO B 358 21.67 21.72 -17.38
CA PRO B 358 21.17 20.87 -16.27
C PRO B 358 22.24 19.89 -15.77
N MET B 359 22.41 19.89 -14.46
CA MET B 359 23.54 19.20 -13.86
C MET B 359 23.16 18.03 -12.98
N VAL B 360 23.97 16.96 -13.09
CA VAL B 360 23.63 15.87 -12.16
C VAL B 360 24.44 16.02 -10.89
N LEU B 361 24.04 15.41 -9.77
CA LEU B 361 24.89 15.49 -8.59
C LEU B 361 25.48 14.11 -8.33
N VAL B 362 26.79 14.07 -8.14
CA VAL B 362 27.58 12.89 -7.90
C VAL B 362 28.23 12.87 -6.52
N MET B 363 28.52 11.68 -6.02
CA MET B 363 29.16 11.50 -4.71
C MET B 363 30.07 10.29 -4.74
N SER B 364 31.38 10.44 -4.69
CA SER B 364 32.14 9.18 -4.74
C SER B 364 33.41 9.24 -3.90
N ILE B 365 34.15 8.14 -3.94
CA ILE B 365 35.42 7.91 -3.28
C ILE B 365 36.35 7.23 -4.28
N TRP B 366 37.50 7.85 -4.51
CA TRP B 366 38.49 7.35 -5.44
C TRP B 366 39.89 7.85 -5.08
N ASP B 367 40.90 7.41 -5.82
CA ASP B 367 42.29 7.83 -5.71
C ASP B 367 42.92 7.73 -7.10
N ASP B 368 43.94 8.54 -7.36
CA ASP B 368 44.57 8.64 -8.67
C ASP B 368 45.66 7.60 -8.88
N HIS B 369 45.49 6.81 -9.94
CA HIS B 369 46.54 5.86 -10.32
C HIS B 369 47.49 6.55 -11.31
N TYR B 370 47.32 7.87 -11.44
CA TYR B 370 48.05 8.68 -12.38
C TYR B 370 48.93 9.74 -11.70
N ALA B 371 48.49 10.23 -10.55
CA ALA B 371 49.20 11.25 -9.80
C ALA B 371 49.18 10.98 -8.31
N ASN B 372 48.39 10.00 -7.87
CA ASN B 372 48.35 9.64 -6.46
C ASN B 372 47.81 10.78 -5.59
N MET B 373 46.80 11.49 -6.07
CA MET B 373 46.13 12.65 -5.54
C MET B 373 47.07 13.74 -5.01
N LEU B 374 48.36 13.71 -5.38
CA LEU B 374 49.30 14.69 -4.86
C LEU B 374 48.86 16.09 -5.27
N TRP B 375 48.15 16.16 -6.41
CA TRP B 375 47.66 17.44 -6.89
C TRP B 375 46.86 18.11 -5.77
N LEU B 376 46.10 17.25 -5.11
CA LEU B 376 45.12 17.59 -4.11
C LEU B 376 45.68 17.62 -2.70
N ASP B 377 46.84 17.01 -2.43
CA ASP B 377 47.15 17.09 -0.98
C ASP B 377 48.64 17.23 -0.73
N SER B 378 49.37 17.82 -1.68
CA SER B 378 50.83 17.86 -1.51
C SER B 378 51.49 18.56 -2.68
N ILE B 379 52.75 18.24 -2.97
CA ILE B 379 53.41 19.09 -3.98
C ILE B 379 53.22 18.52 -5.37
N TYR B 380 52.59 19.32 -6.22
CA TYR B 380 52.34 18.91 -7.60
C TYR B 380 52.51 20.09 -8.55
N PRO B 381 53.20 19.82 -9.65
CA PRO B 381 53.88 18.56 -9.90
C PRO B 381 55.27 18.50 -9.27
N PRO B 382 55.98 17.37 -9.37
CA PRO B 382 57.34 17.26 -8.84
C PRO B 382 58.23 18.42 -9.27
N GLU B 383 58.13 18.79 -10.53
CA GLU B 383 58.69 19.93 -11.21
C GLU B 383 59.84 20.61 -10.49
N LYS B 384 59.51 21.73 -9.83
CA LYS B 384 60.51 22.41 -9.03
C LYS B 384 60.05 22.57 -7.59
N GLU B 385 58.77 22.84 -7.32
CA GLU B 385 58.40 23.05 -5.91
C GLU B 385 59.10 24.29 -5.36
N GLY B 386 58.66 24.86 -4.24
CA GLY B 386 59.20 26.14 -3.83
C GLY B 386 58.48 27.29 -4.51
N GLN B 387 57.69 26.96 -5.53
CA GLN B 387 57.00 27.97 -6.31
C GLN B 387 55.52 28.11 -5.94
N PRO B 388 55.00 29.32 -6.10
CA PRO B 388 53.58 29.63 -6.05
C PRO B 388 52.74 28.51 -6.68
N GLY B 389 51.78 28.00 -5.93
CA GLY B 389 50.84 27.02 -6.41
C GLY B 389 51.38 25.62 -6.42
N ALA B 390 52.60 25.46 -5.90
CA ALA B 390 53.07 24.08 -5.72
C ALA B 390 52.32 23.52 -4.51
N ALA B 391 52.52 24.19 -3.37
CA ALA B 391 51.89 23.78 -2.12
C ALA B 391 50.36 23.77 -2.21
N ARG B 392 49.76 22.60 -2.27
CA ARG B 392 48.37 22.23 -2.21
C ARG B 392 48.10 21.21 -1.10
N GLY B 393 48.99 21.06 -0.11
CA GLY B 393 48.62 20.09 0.92
C GLY B 393 49.81 19.55 1.67
N ASP B 394 49.74 19.49 3.00
CA ASP B 394 50.85 18.95 3.74
C ASP B 394 50.84 17.43 3.76
N CYS B 395 50.58 16.75 2.64
CA CYS B 395 50.79 15.30 2.67
C CYS B 395 52.27 15.09 2.30
N PRO B 396 52.92 14.01 2.69
CA PRO B 396 54.32 13.78 2.29
C PRO B 396 54.45 13.35 0.84
N THR B 397 55.45 13.87 0.11
CA THR B 397 55.53 13.54 -1.31
C THR B 397 55.72 12.07 -1.64
N ASP B 398 55.67 11.11 -0.72
CA ASP B 398 55.81 9.70 -1.11
C ASP B 398 54.48 8.96 -1.02
N SER B 399 53.56 9.63 -0.37
CA SER B 399 52.19 9.23 -0.05
C SER B 399 51.39 8.95 -1.31
N GLY B 400 50.30 8.19 -1.24
CA GLY B 400 49.34 8.10 -2.30
C GLY B 400 49.32 7.09 -3.40
N VAL B 401 50.37 6.30 -3.60
CA VAL B 401 50.44 5.14 -4.47
C VAL B 401 49.41 4.10 -4.05
N PRO B 402 48.35 3.94 -4.84
CA PRO B 402 47.12 3.27 -4.41
C PRO B 402 47.29 1.96 -3.67
N ALA B 403 48.42 1.25 -3.74
CA ALA B 403 48.46 0.04 -2.91
C ALA B 403 49.07 0.35 -1.55
N GLU B 404 49.72 1.51 -1.43
CA GLU B 404 50.28 1.89 -0.12
C GLU B 404 49.16 2.39 0.79
N VAL B 405 48.16 2.97 0.14
CA VAL B 405 46.99 3.58 0.73
C VAL B 405 45.80 2.65 0.89
N GLU B 406 45.42 1.92 -0.15
CA GLU B 406 44.40 0.91 -0.17
C GLU B 406 44.57 -0.13 0.94
N ALA B 407 45.80 -0.30 1.40
CA ALA B 407 46.22 -1.15 2.49
C ALA B 407 46.46 -0.36 3.78
N GLN B 408 47.04 0.84 3.67
CA GLN B 408 47.30 1.66 4.86
C GLN B 408 46.02 2.04 5.57
N PHE B 409 44.94 2.22 4.82
CA PHE B 409 43.66 2.65 5.37
C PHE B 409 42.46 2.09 4.60
N PRO B 410 42.15 0.83 4.81
CA PRO B 410 40.99 0.23 4.16
C PRO B 410 39.66 0.59 4.81
N ASP B 411 39.62 0.95 6.08
CA ASP B 411 38.31 1.19 6.71
C ASP B 411 37.83 2.62 6.47
N ALA B 412 38.65 3.45 5.82
CA ALA B 412 38.25 4.83 5.56
C ALA B 412 36.88 4.93 4.90
N GLN B 413 36.17 5.99 5.27
CA GLN B 413 34.84 6.22 4.74
C GLN B 413 34.54 7.72 4.80
N VAL B 414 33.75 8.17 3.84
CA VAL B 414 33.26 9.54 3.78
C VAL B 414 31.77 9.52 4.05
N VAL B 415 31.28 10.50 4.82
CA VAL B 415 29.83 10.43 5.00
C VAL B 415 29.31 11.82 4.63
N TRP B 416 28.37 11.78 3.73
CA TRP B 416 27.64 12.83 3.08
C TRP B 416 26.25 12.91 3.68
N SER B 417 25.65 14.08 3.77
CA SER B 417 24.29 14.03 4.33
C SER B 417 23.62 15.38 4.19
N ASN B 418 22.43 15.50 4.76
CA ASN B 418 21.72 16.77 4.90
C ASN B 418 21.71 17.60 3.62
N ILE B 419 21.72 16.94 2.48
CA ILE B 419 21.77 17.66 1.21
C ILE B 419 20.61 18.63 1.07
N ARG B 420 20.93 19.84 0.57
CA ARG B 420 19.91 20.84 0.28
C ARG B 420 20.30 21.66 -0.94
N PHE B 421 19.29 22.17 -1.64
CA PHE B 421 19.50 22.94 -2.84
C PHE B 421 18.49 24.06 -2.98
N GLY B 422 18.93 25.32 -3.05
CA GLY B 422 17.87 26.33 -3.20
C GLY B 422 18.51 27.64 -3.61
N PRO B 423 17.66 28.63 -3.88
CA PRO B 423 18.15 29.96 -4.23
C PRO B 423 19.20 30.44 -3.24
N ILE B 424 20.10 31.29 -3.70
CA ILE B 424 21.19 31.82 -2.89
C ILE B 424 20.67 32.32 -1.55
N GLY B 425 21.32 31.88 -0.48
CA GLY B 425 20.90 32.20 0.87
C GLY B 425 19.66 31.46 1.30
N SER B 426 19.34 30.28 0.76
CA SER B 426 18.13 29.62 1.27
C SER B 426 18.47 28.39 2.10
N THR B 427 19.57 27.69 1.79
CA THR B 427 19.84 26.50 2.62
C THR B 427 20.05 26.92 4.09
N TYR B 428 20.84 27.95 4.31
CA TYR B 428 21.25 28.53 5.59
C TYR B 428 21.25 30.05 5.60
N ASP B 429 21.02 30.64 6.79
CA ASP B 429 20.89 32.09 6.87
C ASP B 429 22.20 32.82 7.16
N PHE B 430 22.93 33.07 6.08
CA PHE B 430 24.20 33.78 6.04
C PHE B 430 24.34 34.60 4.76
N PCA C 1 37.28 -22.65 13.89
CA PCA C 1 37.70 -21.57 12.99
CB PCA C 1 36.77 -21.73 11.79
CG PCA C 1 35.62 -22.54 12.25
CD PCA C 1 36.03 -23.29 13.48
OE PCA C 1 35.16 -23.70 14.27
C PCA C 1 37.50 -20.21 13.63
O PCA C 1 36.69 -20.12 14.54
N ARG C 2 38.21 -19.20 13.14
CA ARG C 2 38.07 -17.85 13.67
C ARG C 2 37.13 -17.02 12.79
N ALA C 3 36.77 -15.82 13.26
CA ALA C 3 35.94 -15.01 12.36
C ALA C 3 36.82 -14.38 11.28
N GLY C 4 36.24 -14.18 10.10
CA GLY C 4 36.96 -13.55 9.01
C GLY C 4 36.97 -12.04 9.26
N ASN C 5 38.02 -11.35 8.84
CA ASN C 5 38.16 -9.93 9.14
C ASN C 5 38.56 -9.15 7.90
N GLU C 6 38.28 -9.75 6.75
CA GLU C 6 38.35 -9.16 5.44
C GLU C 6 36.93 -8.71 5.04
N THR C 7 35.98 -9.62 5.24
CA THR C 7 34.60 -9.51 4.80
C THR C 7 33.62 -9.22 5.94
N PRO C 8 33.01 -8.03 5.87
CA PRO C 8 32.00 -7.66 6.87
C PRO C 8 30.84 -8.67 6.80
N GLU C 9 30.23 -8.94 7.94
CA GLU C 9 29.12 -9.89 8.04
C GLU C 9 27.86 -9.14 8.43
N ASN C 10 26.92 -8.96 7.49
CA ASN C 10 25.81 -8.07 7.86
C ASN C 10 24.50 -8.83 7.77
N HIS C 11 24.00 -9.32 8.90
CA HIS C 11 22.80 -10.14 8.82
C HIS C 11 21.61 -9.31 8.32
N PRO C 12 20.92 -9.83 7.31
CA PRO C 12 19.65 -9.27 6.86
C PRO C 12 18.61 -9.38 7.99
N PRO C 13 18.09 -8.20 8.29
CA PRO C 13 17.07 -7.96 9.28
C PRO C 13 15.80 -8.74 8.97
N LEU C 14 15.12 -9.20 10.02
CA LEU C 14 13.83 -9.85 9.78
C LEU C 14 13.00 -9.71 11.05
N THR C 15 11.73 -9.34 10.90
CA THR C 15 10.86 -9.33 12.07
C THR C 15 10.18 -10.71 12.16
N TRP C 16 9.75 -11.05 13.35
CA TRP C 16 8.87 -12.18 13.61
C TRP C 16 7.92 -11.76 14.74
N GLN C 17 6.94 -12.56 15.12
CA GLN C 17 6.04 -12.05 16.16
C GLN C 17 5.88 -13.07 17.28
N ARG C 18 5.96 -12.54 18.51
CA ARG C 18 5.64 -13.44 19.63
C ARG C 18 4.17 -13.23 19.95
N CYS C 19 3.39 -14.28 20.20
CA CYS C 19 1.97 -14.09 20.40
C CYS C 19 1.48 -14.59 21.76
N THR C 20 0.52 -13.85 22.31
CA THR C 20 0.00 -14.17 23.65
C THR C 20 -1.34 -14.89 23.59
N ALA C 21 -2.09 -14.55 22.55
CA ALA C 21 -3.39 -15.15 22.23
C ALA C 21 -3.85 -14.51 20.93
N PRO C 22 -4.88 -14.91 20.22
CA PRO C 22 -5.12 -14.29 18.90
C PRO C 22 -5.35 -12.78 18.99
N GLY C 23 -4.81 -12.11 18.00
CA GLY C 23 -4.68 -10.70 17.74
C GLY C 23 -3.55 -10.11 18.57
N ASN C 24 -3.29 -10.74 19.73
CA ASN C 24 -2.23 -10.19 20.57
C ASN C 24 -0.90 -10.90 20.31
N CYS C 25 -0.01 -10.20 19.62
CA CYS C 25 1.35 -10.61 19.29
C CYS C 25 2.28 -9.41 19.38
N GLN C 26 3.55 -9.60 19.71
CA GLN C 26 4.51 -8.51 19.74
C GLN C 26 5.58 -8.69 18.67
N THR C 27 5.80 -7.64 17.89
CA THR C 27 6.84 -7.66 16.87
C THR C 27 8.22 -7.80 17.52
N VAL C 28 8.97 -8.77 17.02
CA VAL C 28 10.38 -8.94 17.37
C VAL C 28 11.20 -8.48 16.18
N ASN C 29 12.10 -7.52 16.39
CA ASN C 29 12.95 -7.00 15.32
C ASN C 29 14.19 -7.89 15.22
N ALA C 30 14.13 -8.92 14.37
CA ALA C 30 15.16 -9.94 14.41
C ALA C 30 16.13 -9.86 13.23
N GLU C 31 16.89 -10.94 13.02
CA GLU C 31 17.83 -11.01 11.92
C GLU C 31 18.26 -12.44 11.62
N VAL C 32 18.61 -12.71 10.36
CA VAL C 32 18.99 -14.06 9.95
C VAL C 32 20.45 -14.11 9.54
N VAL C 33 20.98 -15.34 9.59
CA VAL C 33 22.40 -15.55 9.23
C VAL C 33 22.60 -16.84 8.48
N ILE C 34 23.46 -16.90 7.47
CA ILE C 34 23.69 -18.11 6.68
C ILE C 34 24.70 -19.01 7.37
N ASP C 35 24.47 -20.31 7.22
CA ASP C 35 25.32 -21.34 7.83
C ASP C 35 26.74 -21.18 7.33
N ALA C 36 27.72 -21.52 8.17
CA ALA C 36 29.13 -21.33 7.90
C ALA C 36 29.66 -22.08 6.68
N ASN C 37 29.12 -23.24 6.33
CA ASN C 37 29.64 -23.98 5.18
C ASN C 37 29.61 -23.17 3.89
N TRP C 38 28.76 -22.15 3.83
CA TRP C 38 28.71 -21.33 2.63
C TRP C 38 29.84 -20.32 2.49
N ARG C 39 30.61 -20.09 3.54
CA ARG C 39 31.50 -18.93 3.58
C ARG C 39 32.88 -19.22 3.02
N TRP C 40 33.58 -18.21 2.51
CA TRP C 40 34.97 -18.46 2.10
C TRP C 40 35.83 -18.67 3.35
N LEU C 41 36.82 -19.54 3.23
CA LEU C 41 37.63 -20.12 4.29
C LEU C 41 39.12 -19.94 4.03
N HIS C 42 39.78 -19.05 4.75
CA HIS C 42 41.18 -18.76 4.47
C HIS C 42 42.06 -18.62 5.71
N ASP C 43 43.36 -18.68 5.41
CA ASP C 43 44.45 -18.59 6.33
C ASP C 43 44.97 -17.15 6.36
N ASP C 44 45.66 -16.79 7.44
CA ASP C 44 46.05 -15.39 7.65
C ASP C 44 47.01 -14.88 6.59
N ASN C 45 47.53 -15.73 5.71
CA ASN C 45 48.34 -15.22 4.61
C ASN C 45 47.54 -15.36 3.31
N MET C 46 46.31 -14.93 3.42
CA MET C 46 45.28 -14.90 2.39
C MET C 46 45.39 -16.12 1.47
N GLN C 47 45.49 -17.28 2.11
CA GLN C 47 45.51 -18.60 1.51
C GLN C 47 44.27 -19.40 1.95
N ASN C 48 43.50 -19.80 0.97
CA ASN C 48 42.24 -20.54 0.94
C ASN C 48 42.39 -21.96 1.46
N CYS C 49 41.84 -22.26 2.63
CA CYS C 49 42.04 -23.55 3.27
C CYS C 49 41.30 -24.66 2.50
N TYR C 50 40.17 -24.31 1.96
CA TYR C 50 39.22 -25.10 1.20
C TYR C 50 38.84 -24.37 -0.09
N ASP C 51 38.46 -25.14 -1.10
CA ASP C 51 37.95 -24.53 -2.32
C ASP C 51 37.58 -25.62 -3.31
N GLY C 52 36.50 -25.34 -4.05
CA GLY C 52 35.90 -26.41 -4.83
C GLY C 52 35.38 -27.43 -3.80
N ASN C 53 35.75 -28.69 -3.93
CA ASN C 53 35.26 -29.64 -2.92
C ASN C 53 36.43 -30.39 -2.27
N GLN C 54 37.50 -29.67 -2.01
CA GLN C 54 38.81 -30.08 -1.63
C GLN C 54 39.48 -29.14 -0.62
N TRP C 55 39.94 -29.69 0.49
CA TRP C 55 40.85 -29.02 1.42
C TRP C 55 42.23 -28.83 0.79
N THR C 56 42.83 -27.67 0.99
CA THR C 56 44.13 -27.33 0.40
C THR C 56 45.27 -27.69 1.34
N ASN C 57 46.52 -27.49 0.93
CA ASN C 57 47.66 -27.68 1.82
C ASN C 57 47.89 -26.54 2.80
N ALA C 58 47.07 -25.49 2.78
CA ALA C 58 47.14 -24.38 3.72
C ALA C 58 46.88 -24.79 5.16
N CYS C 59 46.42 -26.03 5.36
CA CYS C 59 46.17 -26.57 6.68
C CYS C 59 46.24 -28.10 6.67
N SER C 60 46.40 -28.78 7.80
CA SER C 60 46.60 -30.23 7.74
C SER C 60 45.89 -31.08 8.78
N THR C 61 45.37 -30.55 9.88
CA THR C 61 44.71 -31.38 10.88
C THR C 61 43.43 -30.75 11.41
N ALA C 62 42.75 -31.49 12.27
CA ALA C 62 41.49 -31.17 12.90
C ALA C 62 41.38 -29.81 13.56
N THR C 63 42.34 -29.47 14.43
CA THR C 63 42.16 -28.20 15.14
C THR C 63 43.19 -27.16 14.72
N ASP C 64 44.12 -27.53 13.83
CA ASP C 64 45.06 -26.48 13.41
C ASP C 64 44.51 -25.85 12.14
N CYS C 65 43.37 -26.40 11.73
CA CYS C 65 42.58 -25.82 10.65
C CYS C 65 41.63 -24.79 11.30
N ALA C 66 41.39 -25.08 12.56
CA ALA C 66 40.53 -24.23 13.39
C ALA C 66 41.29 -22.99 13.80
N GLU C 67 42.60 -23.09 14.04
CA GLU C 67 43.28 -21.85 14.47
C GLU C 67 43.99 -21.16 13.32
N LYS C 68 44.06 -21.84 12.17
CA LYS C 68 44.78 -21.30 11.02
C LYS C 68 43.88 -20.53 10.06
N CYS C 69 42.75 -21.18 9.81
CA CYS C 69 41.69 -20.87 8.90
C CYS C 69 40.65 -19.99 9.58
N MET C 70 40.16 -19.01 8.85
CA MET C 70 39.14 -18.09 9.33
C MET C 70 38.02 -18.03 8.30
N ILE C 71 36.77 -17.96 8.73
CA ILE C 71 35.60 -17.94 7.85
C ILE C 71 35.12 -16.52 7.62
N GLU C 72 34.79 -16.12 6.40
CA GLU C 72 34.52 -14.70 6.13
C GLU C 72 33.05 -14.33 6.18
N GLY C 73 32.79 -13.02 6.23
CA GLY C 73 31.40 -12.56 6.24
C GLY C 73 30.84 -12.85 4.85
N ALA C 74 29.53 -12.77 4.68
CA ALA C 74 28.85 -13.11 3.44
C ALA C 74 28.74 -11.95 2.45
N GLY C 75 29.41 -10.84 2.73
CA GLY C 75 29.29 -9.64 1.93
C GLY C 75 27.85 -9.32 1.57
N ASP C 76 27.48 -9.59 0.32
CA ASP C 76 26.13 -9.42 -0.19
C ASP C 76 25.45 -10.77 -0.44
N TYR C 77 24.43 -10.93 0.37
CA TYR C 77 23.56 -12.07 0.56
C TYR C 77 22.58 -12.09 -0.62
N LEU C 78 22.19 -10.88 -1.04
CA LEU C 78 21.38 -10.81 -2.26
C LEU C 78 22.26 -11.30 -3.41
N GLY C 79 23.36 -10.58 -3.57
CA GLY C 79 24.26 -10.77 -4.67
C GLY C 79 24.75 -12.18 -4.84
N THR C 80 25.34 -12.76 -3.79
CA THR C 80 25.93 -14.08 -4.03
C THR C 80 25.01 -15.25 -3.68
N TYR C 81 24.27 -15.18 -2.58
CA TYR C 81 23.49 -16.32 -2.11
C TYR C 81 22.00 -16.25 -2.39
N GLY C 82 21.51 -15.31 -3.20
CA GLY C 82 20.09 -15.34 -3.56
C GLY C 82 19.17 -15.00 -2.42
N ALA C 83 19.71 -14.50 -1.30
CA ALA C 83 18.76 -14.25 -0.23
C ALA C 83 18.74 -12.75 0.07
N SER C 84 17.61 -12.34 0.60
CA SER C 84 17.28 -10.96 0.90
C SER C 84 16.05 -10.90 1.81
N THR C 85 15.80 -9.72 2.38
CA THR C 85 14.57 -9.65 3.17
C THR C 85 13.80 -8.35 2.91
N SER C 86 12.51 -8.35 3.17
CA SER C 86 11.70 -7.15 3.27
C SER C 86 10.62 -7.32 4.34
N GLY C 87 10.63 -6.48 5.36
CA GLY C 87 9.68 -6.63 6.45
C GLY C 87 9.80 -7.96 7.17
N ASP C 88 8.73 -8.73 7.14
CA ASP C 88 8.59 -10.01 7.80
C ASP C 88 8.85 -11.18 6.86
N ALA C 89 9.51 -10.87 5.74
CA ALA C 89 9.67 -11.94 4.75
C ALA C 89 11.10 -12.25 4.33
N LEU C 90 11.48 -13.52 4.33
CA LEU C 90 12.79 -13.89 3.82
C LEU C 90 12.73 -14.62 2.48
N THR C 91 13.25 -14.01 1.44
CA THR C 91 13.32 -14.67 0.14
C THR C 91 14.62 -15.41 -0.10
N LEU C 92 14.53 -16.67 -0.54
CA LEU C 92 15.68 -17.49 -0.89
C LEU C 92 15.63 -18.06 -2.31
N LYS C 93 16.52 -17.59 -3.18
CA LYS C 93 16.69 -18.05 -4.56
C LYS C 93 17.31 -19.44 -4.59
N PHE C 94 16.98 -20.26 -5.59
CA PHE C 94 17.60 -21.60 -5.56
C PHE C 94 19.02 -21.55 -6.12
N VAL C 95 19.11 -21.08 -7.36
CA VAL C 95 20.38 -21.00 -8.07
C VAL C 95 20.83 -19.56 -8.25
N THR C 96 22.04 -19.17 -7.82
CA THR C 96 22.38 -17.82 -8.28
C THR C 96 23.83 -17.84 -8.80
N LYS C 97 23.97 -17.25 -9.98
CA LYS C 97 25.20 -17.10 -10.74
C LYS C 97 25.98 -15.88 -10.32
N HIS C 98 27.08 -16.04 -9.56
CA HIS C 98 27.73 -14.79 -9.17
C HIS C 98 28.86 -14.45 -10.15
N GLU C 99 29.54 -13.37 -9.81
CA GLU C 99 30.66 -12.81 -10.54
C GLU C 99 31.61 -13.91 -11.01
N TYR C 100 32.16 -14.63 -10.04
CA TYR C 100 33.04 -15.74 -10.34
C TYR C 100 32.48 -17.04 -9.79
N GLY C 101 31.24 -17.41 -10.13
CA GLY C 101 30.83 -18.71 -9.61
C GLY C 101 29.39 -19.10 -9.73
N THR C 102 28.95 -19.89 -8.74
CA THR C 102 27.57 -20.36 -8.74
C THR C 102 27.21 -21.05 -7.42
N ASN C 103 26.34 -20.39 -6.69
CA ASN C 103 25.78 -20.77 -5.41
C ASN C 103 24.44 -21.49 -5.56
N VAL C 104 24.34 -22.70 -5.02
CA VAL C 104 23.13 -23.48 -5.07
C VAL C 104 22.50 -23.65 -3.69
N GLY C 105 21.29 -23.14 -3.50
CA GLY C 105 20.53 -23.33 -2.27
C GLY C 105 21.18 -22.66 -1.08
N SER C 106 20.48 -22.63 0.06
CA SER C 106 21.04 -21.91 1.20
C SER C 106 20.41 -22.43 2.48
N ARG C 107 20.98 -22.10 3.61
CA ARG C 107 20.51 -22.40 4.96
C ARG C 107 20.82 -21.18 5.85
N PHE C 108 19.75 -20.63 6.41
CA PHE C 108 19.81 -19.47 7.27
C PHE C 108 19.29 -19.81 8.65
N TYR C 109 19.79 -19.09 9.63
CA TYR C 109 19.27 -19.31 10.99
C TYR C 109 18.65 -18.04 11.58
N LEU C 110 17.59 -18.16 12.40
CA LEU C 110 17.03 -16.96 13.01
C LEU C 110 17.83 -16.64 14.28
N MET C 111 18.26 -15.40 14.45
CA MET C 111 19.03 -15.05 15.63
C MET C 111 18.28 -14.11 16.59
N ASN C 112 18.84 -13.98 17.78
CA ASN C 112 18.45 -13.08 18.87
C ASN C 112 19.61 -12.13 19.15
N GLY C 113 19.66 -11.05 18.38
CA GLY C 113 20.79 -10.15 18.29
C GLY C 113 21.93 -10.78 17.50
N PRO C 114 22.94 -9.99 17.21
CA PRO C 114 24.01 -10.43 16.32
C PRO C 114 24.77 -11.63 16.85
N ASP C 115 24.60 -11.96 18.12
CA ASP C 115 25.50 -12.84 18.83
C ASP C 115 24.94 -14.22 19.15
N LYS C 116 23.63 -14.41 18.98
CA LYS C 116 23.03 -15.65 19.46
C LYS C 116 21.92 -16.06 18.49
N TYR C 117 21.60 -17.34 18.45
CA TYR C 117 20.43 -17.87 17.75
C TYR C 117 19.19 -17.64 18.59
N GLN C 118 18.04 -17.38 17.97
CA GLN C 118 16.82 -17.38 18.77
C GLN C 118 16.52 -18.83 19.16
N MET C 119 16.23 -19.10 20.43
CA MET C 119 15.88 -20.43 20.89
C MET C 119 14.37 -20.48 21.10
N PHE C 120 13.80 -21.65 20.80
CA PHE C 120 12.36 -21.82 20.93
C PHE C 120 12.01 -23.04 21.78
N ASN C 121 11.24 -22.85 22.84
CA ASN C 121 10.74 -24.05 23.53
C ASN C 121 9.42 -24.48 22.90
N LEU C 122 9.46 -25.70 22.37
CA LEU C 122 8.39 -26.22 21.56
C LEU C 122 7.22 -26.78 22.34
N MET C 123 7.42 -27.55 23.40
CA MET C 123 6.29 -28.24 24.03
C MET C 123 5.17 -27.32 24.51
N GLY C 124 3.94 -27.59 24.06
CA GLY C 124 2.77 -26.82 24.39
C GLY C 124 2.64 -25.54 23.61
N ASN C 125 3.54 -25.30 22.65
CA ASN C 125 3.59 -24.07 21.89
C ASN C 125 3.32 -24.37 20.42
N GLU C 126 3.18 -23.34 19.61
CA GLU C 126 2.94 -23.46 18.17
C GLU C 126 3.72 -22.42 17.37
N LEU C 127 4.04 -22.80 16.13
CA LEU C 127 4.69 -21.98 15.13
C LEU C 127 3.71 -21.90 13.95
N ALA C 128 3.50 -20.73 13.43
CA ALA C 128 2.78 -20.42 12.22
C ALA C 128 3.75 -19.73 11.26
N PHE C 129 3.55 -19.90 9.97
CA PHE C 129 4.37 -19.18 9.01
C PHE C 129 3.64 -19.08 7.68
N ASP C 130 3.84 -17.99 6.93
CA ASP C 130 3.22 -18.02 5.59
C ASP C 130 4.29 -18.44 4.58
N VAL C 131 3.92 -19.14 3.52
CA VAL C 131 4.94 -19.48 2.53
C VAL C 131 4.43 -19.26 1.12
N ASP C 132 5.33 -18.80 0.27
CA ASP C 132 5.18 -18.84 -1.17
C ASP C 132 6.17 -19.87 -1.72
N LEU C 133 5.75 -21.05 -2.17
CA LEU C 133 6.72 -21.91 -2.84
C LEU C 133 6.22 -22.32 -4.23
N SER C 134 5.35 -21.56 -4.87
CA SER C 134 4.83 -21.91 -6.19
C SER C 134 5.88 -22.23 -7.24
N THR C 135 7.03 -21.57 -7.22
CA THR C 135 8.05 -21.85 -8.23
C THR C 135 9.03 -22.90 -7.74
N VAL C 136 8.72 -23.60 -6.65
CA VAL C 136 9.65 -24.57 -6.08
C VAL C 136 9.23 -25.93 -6.61
N GLU C 137 9.93 -26.29 -7.67
CA GLU C 137 9.63 -27.38 -8.58
C GLU C 137 10.07 -28.73 -8.00
N CYS C 138 9.60 -29.78 -8.68
CA CYS C 138 10.06 -31.14 -8.42
C CYS C 138 11.56 -31.19 -8.19
N GLY C 139 12.05 -31.94 -7.21
CA GLY C 139 13.46 -32.11 -6.89
C GLY C 139 14.08 -31.05 -6.02
N ILE C 140 13.39 -29.94 -5.77
CA ILE C 140 13.85 -28.91 -4.85
C ILE C 140 13.11 -29.05 -3.52
N ASN C 141 13.79 -28.73 -2.43
CA ASN C 141 13.16 -28.76 -1.11
C ASN C 141 13.22 -27.40 -0.43
N SER C 142 12.06 -26.74 -0.26
CA SER C 142 12.05 -25.53 0.56
C SER C 142 11.60 -25.93 1.96
N ALA C 143 12.55 -25.96 2.89
CA ALA C 143 12.39 -26.49 4.23
C ALA C 143 12.53 -25.43 5.31
N LEU C 144 11.65 -25.51 6.28
CA LEU C 144 11.63 -24.69 7.48
C LEU C 144 11.47 -25.69 8.65
N TYR C 145 12.43 -25.70 9.56
CA TYR C 145 12.42 -26.74 10.57
C TYR C 145 13.19 -26.27 11.81
N PHE C 146 13.21 -27.14 12.82
CA PHE C 146 13.88 -26.81 14.06
C PHE C 146 14.98 -27.86 14.30
N VAL C 147 16.17 -27.41 14.67
CA VAL C 147 17.20 -28.27 15.22
C VAL C 147 17.67 -27.78 16.61
N ALA C 148 18.22 -28.75 17.34
CA ALA C 148 18.75 -28.49 18.67
C ALA C 148 20.21 -28.05 18.66
N MET C 149 20.53 -27.00 17.92
CA MET C 149 21.84 -26.38 17.98
C MET C 149 21.96 -25.54 19.27
N GLU C 150 23.15 -25.15 19.68
CA GLU C 150 23.51 -24.30 20.81
C GLU C 150 23.31 -22.82 20.52
N GLU C 151 22.74 -22.08 21.46
CA GLU C 151 22.42 -20.67 21.32
C GLU C 151 23.53 -19.80 20.74
N ASP C 152 24.77 -20.18 21.02
CA ASP C 152 26.00 -19.49 20.63
C ASP C 152 26.75 -20.11 19.46
N GLY C 153 26.08 -20.97 18.71
CA GLY C 153 26.75 -21.67 17.63
C GLY C 153 27.79 -22.69 18.05
N GLY C 154 27.89 -22.98 19.34
CA GLY C 154 28.81 -23.95 19.91
C GLY C 154 30.09 -23.38 20.48
N MET C 155 30.24 -22.07 20.52
CA MET C 155 31.47 -21.40 20.92
C MET C 155 31.94 -21.78 22.32
N ALA C 156 31.15 -21.58 23.36
CA ALA C 156 31.52 -21.91 24.72
C ALA C 156 31.75 -23.40 24.93
N SER C 157 31.08 -24.24 24.13
CA SER C 157 31.23 -25.68 24.31
C SER C 157 32.47 -26.20 23.60
N TYR C 158 32.90 -25.47 22.59
CA TYR C 158 34.04 -25.67 21.73
C TYR C 158 34.80 -24.37 21.53
N PRO C 159 35.71 -24.03 22.43
CA PRO C 159 36.43 -22.76 22.38
C PRO C 159 37.20 -22.51 21.10
N SER C 160 37.41 -23.55 20.32
CA SER C 160 38.15 -23.62 19.08
C SER C 160 37.42 -22.89 17.96
N ASN C 161 36.11 -22.86 18.11
CA ASN C 161 35.17 -22.10 17.29
C ASN C 161 35.02 -20.72 17.95
N GLN C 162 35.69 -19.73 17.39
CA GLN C 162 35.61 -18.34 17.86
C GLN C 162 34.61 -17.51 17.06
N ALA C 163 33.90 -18.10 16.10
CA ALA C 163 32.98 -17.30 15.30
C ALA C 163 31.57 -17.36 15.82
N GLY C 164 31.12 -18.53 16.27
CA GLY C 164 29.83 -18.64 16.91
C GLY C 164 28.66 -18.36 16.01
N ALA C 165 27.55 -17.90 16.59
CA ALA C 165 26.36 -17.79 15.73
C ALA C 165 26.41 -16.59 14.80
N ARG C 166 27.24 -15.58 15.05
CA ARG C 166 27.32 -14.47 14.10
C ARG C 166 27.76 -14.94 12.72
N TYR C 167 28.36 -16.13 12.60
CA TYR C 167 28.69 -16.67 11.30
C TYR C 167 28.07 -18.04 11.10
N GLY C 168 26.95 -18.34 11.74
CA GLY C 168 26.21 -19.56 11.56
C GLY C 168 26.99 -20.85 11.70
N THR C 169 27.81 -20.96 12.75
CA THR C 169 28.57 -22.18 13.03
C THR C 169 27.67 -23.19 13.75
N GLY C 170 28.17 -24.39 13.97
CA GLY C 170 27.63 -25.45 14.75
C GLY C 170 26.27 -25.97 14.33
N TYR C 171 25.96 -26.02 13.04
CA TYR C 171 24.65 -26.61 12.70
C TYR C 171 24.61 -28.08 13.06
N CYS C 172 23.44 -28.67 13.23
CA CYS C 172 23.33 -30.09 13.58
C CYS C 172 21.96 -30.60 13.15
N ASP C 173 21.84 -31.88 12.82
CA ASP C 173 20.48 -32.36 12.59
C ASP C 173 20.43 -33.86 12.87
N ALA C 174 19.26 -34.46 12.72
CA ALA C 174 19.21 -35.89 13.00
C ALA C 174 19.88 -36.71 11.90
N GLN C 175 20.27 -36.11 10.78
CA GLN C 175 20.98 -36.91 9.78
C GLN C 175 22.37 -37.19 10.38
N CYS C 176 22.90 -36.11 10.90
CA CYS C 176 24.25 -35.86 11.37
C CYS C 176 24.97 -35.15 10.22
N ALA C 177 25.40 -33.91 10.46
CA ALA C 177 25.87 -33.12 9.31
C ALA C 177 27.32 -33.35 8.99
N ARG C 178 27.62 -34.52 8.41
CA ARG C 178 29.03 -34.79 8.10
C ARG C 178 29.58 -33.89 7.01
N ASP C 179 28.69 -33.18 6.32
CA ASP C 179 29.14 -32.35 5.20
C ASP C 179 29.68 -31.02 5.71
N LEU C 180 29.75 -30.88 7.03
CA LEU C 180 30.28 -29.64 7.58
C LEU C 180 31.79 -29.74 7.61
N LYS C 181 32.38 -28.61 7.24
CA LYS C 181 33.84 -28.55 7.17
C LYS C 181 34.35 -28.46 8.61
N PHE C 182 33.49 -27.92 9.49
CA PHE C 182 33.90 -27.88 10.91
C PHE C 182 32.83 -28.51 11.79
N VAL C 183 33.22 -29.52 12.56
CA VAL C 183 32.32 -30.16 13.54
C VAL C 183 32.96 -29.95 14.90
N GLY C 184 32.16 -29.63 15.91
CA GLY C 184 32.63 -29.40 17.27
C GLY C 184 33.91 -28.58 17.27
N GLY C 185 33.86 -27.41 16.67
CA GLY C 185 35.00 -26.51 16.54
C GLY C 185 36.24 -27.22 16.07
N LYS C 186 36.08 -28.25 15.23
CA LYS C 186 37.28 -28.92 14.73
C LYS C 186 37.05 -29.21 13.25
N ALA C 187 38.05 -28.98 12.42
CA ALA C 187 37.86 -29.24 11.00
C ALA C 187 37.69 -30.73 10.72
N ASN C 188 36.94 -30.94 9.63
CA ASN C 188 36.62 -32.24 9.06
C ASN C 188 37.58 -32.61 7.93
N ILE C 189 38.80 -32.10 7.92
CA ILE C 189 39.71 -32.24 6.80
C ILE C 189 40.34 -33.63 6.65
N GLU C 190 40.69 -34.34 7.70
CA GLU C 190 41.36 -35.64 7.47
C GLU C 190 40.41 -36.75 7.04
N GLY C 191 40.75 -37.44 5.95
CA GLY C 191 39.93 -38.47 5.35
C GLY C 191 38.81 -37.91 4.49
N TRP C 192 38.66 -36.59 4.50
CA TRP C 192 37.59 -35.91 3.78
C TRP C 192 37.56 -36.38 2.31
N LYS C 193 36.39 -36.87 1.95
CA LYS C 193 36.10 -37.39 0.63
C LYS C 193 35.25 -36.42 -0.17
N SER C 194 35.77 -36.10 -1.35
CA SER C 194 35.11 -35.10 -2.19
C SER C 194 33.90 -35.68 -2.89
N SER C 195 32.84 -34.87 -2.99
CA SER C 195 31.60 -35.38 -3.57
C SER C 195 31.83 -35.90 -4.99
N THR C 196 30.92 -36.74 -5.43
CA THR C 196 30.94 -37.33 -6.76
C THR C 196 30.09 -36.58 -7.78
N SER C 197 29.20 -35.70 -7.34
CA SER C 197 28.31 -34.98 -8.25
C SER C 197 28.40 -33.46 -8.08
N ASP C 198 28.25 -33.07 -6.84
CA ASP C 198 28.34 -31.77 -6.22
C ASP C 198 29.76 -31.25 -6.23
N PRO C 199 29.95 -30.07 -6.80
CA PRO C 199 31.28 -29.50 -7.00
C PRO C 199 31.81 -28.68 -5.85
N ASN C 200 31.08 -28.63 -4.73
CA ASN C 200 31.66 -27.91 -3.59
C ASN C 200 31.54 -28.74 -2.33
N ALA C 201 31.01 -29.95 -2.48
CA ALA C 201 30.68 -30.70 -1.28
C ALA C 201 31.62 -31.89 -1.12
N GLY C 202 31.60 -32.37 0.11
CA GLY C 202 32.35 -33.48 0.62
C GLY C 202 31.85 -33.91 1.99
N VAL C 203 32.40 -35.00 2.47
CA VAL C 203 31.94 -35.66 3.70
C VAL C 203 33.12 -35.86 4.65
N GLY C 204 32.99 -35.49 5.92
CA GLY C 204 34.09 -35.63 6.88
C GLY C 204 33.96 -36.82 7.79
N PRO C 205 34.94 -37.09 8.64
CA PRO C 205 34.75 -38.19 9.60
C PRO C 205 33.96 -37.72 10.81
N TYR C 206 33.69 -36.43 10.96
CA TYR C 206 32.89 -36.03 12.11
C TYR C 206 31.51 -35.51 11.71
N GLY C 207 30.46 -35.95 12.38
CA GLY C 207 29.09 -35.49 12.19
C GLY C 207 28.56 -34.83 13.47
N SER C 208 27.75 -33.82 13.27
CA SER C 208 27.04 -33.02 14.25
C SER C 208 25.58 -33.47 14.20
N CYS C 209 25.20 -34.09 15.30
CA CYS C 209 23.98 -34.86 15.45
C CYS C 209 23.07 -34.22 16.49
N CYS C 210 21.80 -34.08 16.12
CA CYS C 210 20.85 -33.70 17.18
C CYS C 210 19.43 -34.05 16.76
N ALA C 211 18.49 -33.85 17.69
CA ALA C 211 17.09 -33.99 17.34
C ALA C 211 16.70 -32.89 16.36
N GLU C 212 15.69 -33.27 15.58
CA GLU C 212 15.34 -32.38 14.48
C GLU C 212 13.85 -32.46 14.20
N ILE C 213 13.18 -31.33 14.24
CA ILE C 213 11.75 -31.37 13.96
C ILE C 213 11.51 -30.74 12.59
N ASP C 214 11.28 -31.62 11.60
CA ASP C 214 11.00 -31.04 10.28
C ASP C 214 9.52 -30.66 10.20
N VAL C 215 9.27 -29.42 10.55
CA VAL C 215 7.93 -28.83 10.59
C VAL C 215 7.35 -28.81 9.18
N TRP C 216 8.25 -28.49 8.24
CA TRP C 216 7.85 -28.22 6.86
C TRP C 216 8.99 -28.52 5.88
N GLU C 217 8.93 -29.69 5.28
CA GLU C 217 9.84 -29.95 4.16
C GLU C 217 8.93 -29.96 2.93
N SER C 218 9.35 -29.19 1.94
CA SER C 218 8.34 -28.94 0.91
C SER C 218 8.79 -28.46 -0.45
N ASN C 219 7.85 -28.64 -1.37
CA ASN C 219 7.86 -27.97 -2.65
C ASN C 219 6.40 -27.83 -3.12
N ALA C 220 6.25 -27.41 -4.37
CA ALA C 220 4.92 -27.17 -4.91
C ALA C 220 4.17 -28.46 -5.20
N TYR C 221 4.82 -29.63 -5.11
CA TYR C 221 4.21 -30.91 -5.45
C TYR C 221 4.02 -31.81 -4.25
N ALA C 222 4.64 -31.51 -3.11
CA ALA C 222 4.51 -32.43 -1.96
C ALA C 222 5.16 -31.78 -0.74
N PHE C 223 4.90 -32.33 0.44
CA PHE C 223 5.46 -31.82 1.68
C PHE C 223 5.50 -32.95 2.70
N ALA C 224 6.25 -32.71 3.77
CA ALA C 224 6.18 -33.62 4.90
C ALA C 224 6.39 -32.86 6.20
N PHE C 225 5.73 -33.37 7.25
CA PHE C 225 5.92 -32.95 8.64
C PHE C 225 6.57 -34.15 9.34
N THR C 226 7.81 -33.98 9.80
CA THR C 226 8.54 -35.13 10.33
C THR C 226 9.46 -34.77 11.50
N PRO C 227 9.12 -35.18 12.71
CA PRO C 227 10.11 -35.01 13.81
C PRO C 227 11.04 -36.23 13.90
N HIS C 228 12.24 -35.95 14.35
CA HIS C 228 13.37 -36.81 14.52
C HIS C 228 13.98 -36.73 15.90
N ALA C 229 14.07 -37.80 16.69
CA ALA C 229 14.80 -37.65 17.97
C ALA C 229 16.01 -38.60 17.97
N CYS C 230 16.83 -38.51 19.00
CA CYS C 230 18.03 -39.33 19.20
C CYS C 230 18.09 -39.82 20.63
N THR C 231 18.80 -40.89 20.97
CA THR C 231 18.93 -41.22 22.40
C THR C 231 19.60 -40.09 23.16
N THR C 232 20.40 -39.27 22.48
CA THR C 232 20.95 -38.02 23.03
C THR C 232 20.40 -36.91 22.16
N ASN C 233 19.55 -36.09 22.78
CA ASN C 233 18.77 -35.18 21.95
C ASN C 233 19.46 -33.89 21.58
N GLU C 234 20.43 -33.47 22.37
CA GLU C 234 21.13 -32.21 22.17
C GLU C 234 22.35 -32.49 21.30
N TYR C 235 22.99 -31.44 20.83
CA TYR C 235 24.12 -31.51 19.92
C TYR C 235 25.09 -32.57 20.45
N HIS C 236 25.41 -33.58 19.64
CA HIS C 236 26.55 -34.44 20.00
C HIS C 236 27.38 -34.71 18.75
N VAL C 237 28.54 -35.31 18.97
CA VAL C 237 29.42 -35.46 17.80
C VAL C 237 29.65 -36.93 17.48
N CYS C 238 29.39 -37.37 16.26
CA CYS C 238 29.67 -38.78 15.93
C CYS C 238 30.92 -38.90 15.07
N GLU C 239 31.54 -40.08 15.05
CA GLU C 239 32.75 -40.33 14.29
C GLU C 239 32.62 -41.60 13.43
N THR C 240 32.83 -41.36 12.16
CA THR C 240 32.63 -42.26 11.03
C THR C 240 31.68 -43.39 11.38
N THR C 241 32.20 -44.57 11.66
CA THR C 241 31.63 -45.84 12.03
C THR C 241 30.50 -45.69 13.03
N ASN C 242 30.58 -44.66 13.86
CA ASN C 242 29.66 -44.29 14.92
C ASN C 242 28.57 -43.36 14.40
N CYS C 243 28.63 -42.97 13.12
CA CYS C 243 27.68 -42.07 12.52
C CYS C 243 26.59 -42.80 11.72
N GLY C 244 25.39 -42.24 11.70
CA GLY C 244 24.34 -42.70 10.80
C GLY C 244 23.98 -41.67 9.75
N GLY C 245 22.82 -41.75 9.12
CA GLY C 245 22.36 -40.71 8.22
C GLY C 245 22.81 -40.80 6.78
N THR C 246 22.34 -39.89 5.93
CA THR C 246 22.62 -39.81 4.51
C THR C 246 24.11 -39.91 4.16
N TYR C 247 24.95 -39.15 4.84
CA TYR C 247 26.38 -39.09 4.62
C TYR C 247 27.18 -40.23 5.25
N SER C 248 26.53 -41.26 5.75
CA SER C 248 27.21 -42.36 6.43
C SER C 248 26.97 -43.69 5.76
N GLU C 249 27.81 -44.69 6.07
CA GLU C 249 27.66 -45.93 5.28
C GLU C 249 26.44 -46.70 5.75
N ASP C 250 26.15 -46.57 7.04
CA ASP C 250 25.00 -47.19 7.68
C ASP C 250 24.02 -46.11 8.10
N ARG C 251 22.91 -45.97 7.40
CA ARG C 251 21.93 -44.91 7.67
C ARG C 251 21.37 -45.00 9.08
N PHE C 252 21.50 -46.14 9.73
CA PHE C 252 20.92 -46.40 11.04
C PHE C 252 21.96 -46.55 12.13
N ALA C 253 23.22 -46.28 11.81
CA ALA C 253 24.31 -46.47 12.74
C ALA C 253 24.65 -45.29 13.63
N GLY C 254 23.81 -44.81 14.52
CA GLY C 254 24.32 -43.80 15.46
C GLY C 254 23.34 -43.68 16.60
N LYS C 255 23.19 -42.48 17.17
CA LYS C 255 22.19 -42.22 18.20
C LYS C 255 20.91 -41.67 17.61
N CYS C 256 20.91 -41.25 16.35
CA CYS C 256 19.71 -40.62 15.81
C CYS C 256 18.90 -41.47 14.83
N ASP C 257 17.65 -41.06 14.70
CA ASP C 257 16.63 -41.51 13.77
C ASP C 257 16.65 -40.61 12.53
N ALA C 258 17.38 -41.04 11.51
CA ALA C 258 17.45 -40.28 10.26
C ALA C 258 16.12 -40.21 9.53
N ASN C 259 15.20 -41.12 9.83
CA ASN C 259 13.97 -41.20 9.06
C ASN C 259 12.77 -40.55 9.73
N GLY C 260 12.64 -40.67 11.04
CA GLY C 260 11.64 -39.93 11.81
C GLY C 260 10.28 -40.52 11.48
N CYS C 261 9.21 -39.95 12.05
CA CYS C 261 7.87 -40.49 11.79
C CYS C 261 7.18 -39.40 10.97
N ASP C 262 7.01 -39.57 9.66
CA ASP C 262 6.52 -38.42 8.89
C ASP C 262 5.02 -38.44 8.67
N TYR C 263 4.42 -37.31 8.30
CA TYR C 263 3.06 -37.29 7.77
C TYR C 263 3.03 -36.50 6.45
N ASN C 264 3.12 -37.26 5.37
CA ASN C 264 2.96 -36.61 4.06
C ASN C 264 1.59 -37.03 3.55
N PRO C 265 0.61 -36.15 3.39
CA PRO C 265 -0.76 -36.65 3.15
C PRO C 265 -0.85 -37.46 1.85
N TYR C 266 0.08 -37.26 0.92
CA TYR C 266 0.10 -38.04 -0.31
C TYR C 266 0.49 -39.48 -0.01
N ARG C 267 1.70 -39.61 0.57
CA ARG C 267 2.19 -40.93 0.94
C ARG C 267 1.18 -41.65 1.84
N MET C 268 0.46 -40.89 2.63
CA MET C 268 -0.59 -41.36 3.55
C MET C 268 -1.92 -41.65 2.87
N GLY C 269 -1.90 -41.57 1.53
CA GLY C 269 -3.02 -42.06 0.74
C GLY C 269 -3.89 -40.99 0.15
N ASN C 270 -3.45 -39.73 0.19
CA ASN C 270 -4.30 -38.63 -0.28
C ASN C 270 -3.58 -37.86 -1.39
N PRO C 271 -3.76 -38.33 -2.62
CA PRO C 271 -3.06 -37.85 -3.80
C PRO C 271 -3.45 -36.47 -4.32
N ASP C 272 -4.67 -36.00 -4.05
CA ASP C 272 -5.06 -34.69 -4.58
C ASP C 272 -5.41 -33.63 -3.55
N PHE C 273 -4.88 -33.66 -2.35
CA PHE C 273 -5.10 -32.66 -1.31
C PHE C 273 -4.31 -31.36 -1.47
N TYR C 274 -3.01 -31.53 -1.69
CA TYR C 274 -1.90 -30.61 -1.70
C TYR C 274 -1.17 -30.55 -3.03
N GLY C 275 -1.21 -29.38 -3.65
CA GLY C 275 -0.46 -29.13 -4.88
C GLY C 275 -1.21 -28.13 -5.74
N LYS C 276 -0.72 -27.94 -6.96
CA LYS C 276 -1.26 -26.98 -7.90
C LYS C 276 -2.78 -27.00 -7.96
N GLY C 277 -3.42 -25.92 -7.51
CA GLY C 277 -4.87 -25.81 -7.56
C GLY C 277 -5.56 -26.94 -6.83
N LYS C 278 -4.85 -27.54 -5.87
CA LYS C 278 -5.44 -28.61 -5.06
C LYS C 278 -6.28 -28.02 -3.94
N THR C 279 -6.75 -28.86 -3.02
CA THR C 279 -7.40 -28.40 -1.80
C THR C 279 -6.55 -27.35 -1.10
N LEU C 280 -5.27 -27.68 -0.95
CA LEU C 280 -4.23 -26.72 -0.59
C LEU C 280 -3.52 -26.40 -1.92
N ASP C 281 -3.76 -25.19 -2.40
CA ASP C 281 -3.32 -24.79 -3.73
C ASP C 281 -1.96 -24.09 -3.66
N THR C 282 -0.92 -24.82 -3.99
CA THR C 282 0.45 -24.36 -3.83
C THR C 282 0.83 -23.29 -4.83
N SER C 283 -0.07 -23.04 -5.81
CA SER C 283 0.28 -21.97 -6.75
C SER C 283 0.20 -20.61 -6.09
N ARG C 284 -0.36 -20.53 -4.88
CA ARG C 284 -0.38 -19.22 -4.20
C ARG C 284 -0.06 -19.37 -2.72
N LYS C 285 0.14 -18.22 -2.07
CA LYS C 285 0.56 -18.21 -0.67
C LYS C 285 -0.49 -18.87 0.21
N PHE C 286 -0.01 -19.54 1.27
CA PHE C 286 -0.81 -20.18 2.27
C PHE C 286 -0.10 -20.15 3.63
N THR C 287 -0.84 -20.48 4.68
CA THR C 287 -0.29 -20.46 6.04
C THR C 287 -0.14 -21.88 6.57
N VAL C 288 0.93 -22.13 7.30
CA VAL C 288 1.18 -23.39 7.98
C VAL C 288 1.15 -23.22 9.49
N VAL C 289 0.30 -23.94 10.21
CA VAL C 289 0.27 -23.82 11.67
C VAL C 289 0.56 -25.18 12.32
N SER C 290 1.61 -25.28 13.12
CA SER C 290 2.16 -26.52 13.64
C SER C 290 2.30 -26.46 15.15
N ARG C 291 1.72 -27.45 15.84
CA ARG C 291 1.72 -27.47 17.28
C ARG C 291 2.51 -28.68 17.79
N PHE C 292 3.13 -28.51 18.96
CA PHE C 292 3.95 -29.56 19.58
C PHE C 292 3.47 -29.83 20.99
N GLU C 293 2.92 -31.00 21.25
CA GLU C 293 2.40 -31.38 22.56
C GLU C 293 2.87 -32.80 22.92
N GLU C 294 2.80 -33.16 24.19
CA GLU C 294 3.09 -34.54 24.63
C GLU C 294 2.32 -35.50 23.73
N ASN C 295 3.00 -36.49 23.17
CA ASN C 295 2.31 -37.52 22.41
C ASN C 295 1.39 -36.98 21.32
N LYS C 296 1.66 -35.81 20.74
CA LYS C 296 0.75 -35.34 19.69
C LYS C 296 1.23 -34.08 18.97
N LEU C 297 1.85 -34.29 17.80
CA LEU C 297 2.18 -33.18 16.91
C LEU C 297 1.02 -33.06 15.92
N SER C 298 0.63 -31.83 15.62
CA SER C 298 -0.51 -31.58 14.76
C SER C 298 -0.27 -30.31 13.96
N GLN C 299 -0.93 -30.24 12.81
CA GLN C 299 -0.65 -29.15 11.88
C GLN C 299 -1.93 -28.70 11.22
N TYR C 300 -2.09 -27.47 10.75
CA TYR C 300 -3.19 -27.13 9.85
C TYR C 300 -2.81 -25.99 8.90
N PHE C 301 -3.66 -25.75 7.89
CA PHE C 301 -3.40 -24.66 6.98
C PHE C 301 -4.52 -23.63 7.01
N ILE C 302 -4.13 -22.46 6.51
CA ILE C 302 -5.07 -21.38 6.28
C ILE C 302 -4.78 -20.84 4.89
N GLN C 303 -5.81 -20.81 4.06
CA GLN C 303 -5.75 -20.27 2.70
C GLN C 303 -7.05 -19.50 2.40
N ASP C 304 -6.83 -18.26 1.98
CA ASP C 304 -7.92 -17.32 1.73
C ASP C 304 -8.78 -17.22 3.00
N GLY C 305 -8.10 -17.28 4.15
CA GLY C 305 -8.61 -17.21 5.50
C GLY C 305 -9.35 -18.45 5.95
N ARG C 306 -9.41 -19.46 5.10
CA ARG C 306 -10.16 -20.68 5.39
C ARG C 306 -9.26 -21.75 5.99
N LYS C 307 -9.71 -22.31 7.11
CA LYS C 307 -8.98 -23.38 7.76
C LYS C 307 -9.04 -24.63 6.90
N ILE C 308 -7.86 -25.20 6.66
CA ILE C 308 -7.90 -26.44 5.89
C ILE C 308 -7.24 -27.53 6.71
N GLU C 309 -8.00 -28.59 6.96
CA GLU C 309 -7.50 -29.71 7.74
C GLU C 309 -6.84 -30.74 6.82
N ILE C 310 -5.83 -31.41 7.36
CA ILE C 310 -5.07 -32.40 6.63
C ILE C 310 -5.74 -33.74 6.72
N PRO C 311 -5.95 -34.44 5.61
CA PRO C 311 -6.68 -35.70 5.66
C PRO C 311 -5.90 -36.80 6.38
N PRO C 312 -6.61 -37.77 6.96
CA PRO C 312 -6.01 -38.91 7.65
C PRO C 312 -5.68 -40.00 6.63
N PRO C 313 -4.89 -41.00 6.98
CA PRO C 313 -4.46 -41.99 5.99
C PRO C 313 -5.61 -42.78 5.38
N THR C 314 -5.33 -43.39 4.22
CA THR C 314 -6.35 -44.27 3.67
C THR C 314 -5.91 -45.71 3.86
N TRP C 315 -4.70 -45.88 4.38
CA TRP C 315 -4.11 -47.19 4.55
C TRP C 315 -4.84 -47.99 5.63
N GLU C 316 -5.27 -49.20 5.34
CA GLU C 316 -5.89 -50.08 6.34
C GLU C 316 -4.86 -50.47 7.41
N GLY C 317 -5.26 -50.34 8.66
CA GLY C 317 -4.51 -50.61 9.85
C GLY C 317 -3.95 -49.38 10.54
N MET C 318 -4.16 -48.20 9.94
CA MET C 318 -3.65 -46.94 10.46
C MET C 318 -4.79 -46.15 11.08
N PRO C 319 -4.54 -45.12 11.88
CA PRO C 319 -5.64 -44.53 12.66
C PRO C 319 -6.40 -43.47 11.87
N ASN C 320 -7.61 -43.17 12.31
CA ASN C 320 -8.43 -42.18 11.61
C ASN C 320 -8.00 -40.76 11.96
N SER C 321 -6.71 -40.49 11.96
CA SER C 321 -6.25 -39.13 12.21
C SER C 321 -4.92 -38.86 11.53
N SER C 322 -4.69 -37.62 11.07
CA SER C 322 -3.42 -37.22 10.49
C SER C 322 -2.51 -36.60 11.56
N GLU C 323 -2.85 -36.89 12.80
CA GLU C 323 -2.01 -36.43 13.91
C GLU C 323 -0.79 -37.31 14.05
N ILE C 324 0.31 -36.64 14.42
CA ILE C 324 1.52 -37.47 14.62
C ILE C 324 1.57 -37.82 16.09
N THR C 325 1.21 -39.05 16.37
CA THR C 325 0.92 -39.62 17.66
C THR C 325 1.61 -40.97 17.85
N PRO C 326 1.71 -41.44 19.08
CA PRO C 326 2.31 -42.75 19.35
C PRO C 326 1.70 -43.89 18.53
N GLU C 327 0.39 -43.89 18.32
CA GLU C 327 -0.38 -44.79 17.48
C GLU C 327 -0.08 -44.65 15.99
N LEU C 328 0.18 -43.46 15.49
CA LEU C 328 0.59 -43.24 14.11
C LEU C 328 1.95 -43.89 13.88
N CYS C 329 2.86 -43.52 14.77
CA CYS C 329 4.26 -43.86 14.53
C CYS C 329 4.52 -45.34 14.78
N SER C 330 3.62 -45.93 15.52
CA SER C 330 3.25 -47.28 15.77
C SER C 330 3.02 -48.07 14.46
N THR C 331 1.86 -47.74 13.92
CA THR C 331 1.14 -48.47 12.89
C THR C 331 1.74 -48.29 11.51
N MET C 332 2.38 -47.15 11.33
CA MET C 332 3.02 -46.71 10.12
C MET C 332 3.93 -47.71 9.45
N PHE C 333 5.02 -47.99 10.15
CA PHE C 333 6.23 -48.60 9.62
C PHE C 333 6.01 -49.96 9.00
N ASP C 334 5.31 -50.88 9.65
CA ASP C 334 5.15 -52.18 8.97
C ASP C 334 4.11 -52.08 7.87
N VAL C 335 3.19 -51.11 7.95
CA VAL C 335 2.26 -50.93 6.85
C VAL C 335 3.03 -50.60 5.56
N PHE C 336 3.97 -49.66 5.71
CA PHE C 336 4.73 -49.17 4.57
C PHE C 336 5.85 -50.15 4.20
N ASN C 337 6.14 -51.06 5.12
CA ASN C 337 7.25 -52.00 5.05
C ASN C 337 8.59 -51.26 5.15
N ASP C 338 8.69 -50.45 6.21
CA ASP C 338 9.86 -49.66 6.55
C ASP C 338 10.41 -50.02 7.93
N ARG C 339 11.71 -49.76 8.10
CA ARG C 339 12.36 -50.04 9.35
C ARG C 339 11.99 -49.06 10.47
N ASN C 340 11.54 -49.54 11.61
CA ASN C 340 11.15 -48.74 12.78
C ASN C 340 12.31 -48.20 13.59
N ARG C 341 13.01 -47.26 12.96
CA ARG C 341 14.10 -46.59 13.65
C ARG C 341 13.56 -45.58 14.65
N PHE C 342 12.35 -45.06 14.43
CA PHE C 342 11.66 -44.19 15.37
C PHE C 342 11.55 -44.90 16.72
N GLU C 343 11.18 -46.19 16.68
CA GLU C 343 11.07 -47.04 17.85
C GLU C 343 12.41 -47.41 18.47
N GLU C 344 13.37 -47.78 17.60
CA GLU C 344 14.70 -48.12 18.07
C GLU C 344 15.25 -47.08 19.03
N VAL C 345 15.09 -45.79 18.72
CA VAL C 345 15.82 -44.76 19.47
C VAL C 345 14.99 -44.26 20.66
N GLY C 346 13.89 -44.95 20.96
CA GLY C 346 13.08 -44.61 22.13
C GLY C 346 11.64 -44.31 21.79
N GLY C 347 11.31 -44.29 20.50
CA GLY C 347 9.91 -44.08 20.13
C GLY C 347 9.44 -42.68 20.48
N PHE C 348 8.17 -42.53 20.84
CA PHE C 348 7.55 -41.24 21.13
C PHE C 348 7.98 -40.64 22.46
N GLU C 349 8.21 -41.42 23.50
CA GLU C 349 8.74 -40.74 24.71
C GLU C 349 10.09 -40.10 24.46
N GLN C 350 10.90 -40.71 23.58
CA GLN C 350 12.13 -40.00 23.20
C GLN C 350 11.80 -38.68 22.52
N LEU C 351 10.76 -38.64 21.68
CA LEU C 351 10.41 -37.41 20.97
C LEU C 351 9.89 -36.35 21.93
N ASN C 352 9.04 -36.81 22.83
CA ASN C 352 8.51 -35.92 23.87
C ASN C 352 9.71 -35.25 24.53
N ASN C 353 10.70 -36.07 24.88
CA ASN C 353 11.97 -35.56 25.37
C ASN C 353 12.60 -34.51 24.47
N ALA C 354 12.68 -34.80 23.17
CA ALA C 354 13.29 -33.87 22.23
C ALA C 354 12.56 -32.55 22.14
N LEU C 355 11.24 -32.60 22.32
CA LEU C 355 10.42 -31.40 22.22
C LEU C 355 10.71 -30.44 23.37
N ARG C 356 11.31 -31.03 24.41
CA ARG C 356 11.65 -30.33 25.63
C ARG C 356 13.07 -29.79 25.61
N VAL C 357 13.83 -29.95 24.51
CA VAL C 357 15.13 -29.28 24.43
C VAL C 357 15.05 -28.04 23.53
N PRO C 358 15.53 -26.87 23.96
CA PRO C 358 15.42 -25.64 23.16
C PRO C 358 15.89 -25.82 21.72
N MET C 359 15.28 -25.13 20.77
CA MET C 359 15.59 -25.30 19.35
C MET C 359 15.85 -23.97 18.65
N VAL C 360 16.61 -24.01 17.57
CA VAL C 360 16.94 -22.95 16.63
C VAL C 360 16.07 -23.20 15.38
N LEU C 361 15.67 -22.11 14.78
CA LEU C 361 14.70 -22.06 13.68
C LEU C 361 15.55 -21.99 12.40
N VAL C 362 15.38 -22.95 11.51
CA VAL C 362 16.18 -23.07 10.29
C VAL C 362 15.30 -22.77 9.07
N MET C 363 15.74 -21.93 8.14
CA MET C 363 14.99 -21.72 6.89
C MET C 363 15.94 -22.04 5.74
N SER C 364 15.52 -22.95 4.85
CA SER C 364 16.41 -23.38 3.79
C SER C 364 15.70 -23.70 2.49
N ILE C 365 16.51 -23.87 1.45
CA ILE C 365 16.07 -24.38 0.14
C ILE C 365 17.27 -25.07 -0.51
N TRP C 366 17.13 -26.35 -0.84
CA TRP C 366 18.22 -27.21 -1.32
C TRP C 366 17.80 -28.28 -2.32
N ASP C 367 18.75 -28.81 -3.14
CA ASP C 367 18.39 -30.03 -3.89
C ASP C 367 19.24 -31.20 -3.36
N ASP C 368 18.95 -32.44 -3.76
CA ASP C 368 19.58 -33.57 -3.06
C ASP C 368 20.34 -34.50 -3.99
N HIS C 369 21.66 -34.46 -3.86
CA HIS C 369 22.59 -35.25 -4.66
C HIS C 369 22.60 -36.71 -4.26
N TYR C 370 21.81 -37.01 -3.21
CA TYR C 370 21.74 -38.39 -2.75
C TYR C 370 20.48 -39.09 -3.22
N ALA C 371 19.30 -38.46 -3.15
CA ALA C 371 18.17 -39.31 -3.57
C ALA C 371 17.15 -38.54 -4.41
N ASN C 372 17.60 -37.44 -4.99
CA ASN C 372 16.93 -36.56 -5.92
C ASN C 372 15.57 -36.09 -5.40
N MET C 373 15.47 -36.01 -4.08
CA MET C 373 14.26 -35.61 -3.36
C MET C 373 13.09 -36.54 -3.73
N LEU C 374 13.38 -37.74 -4.22
CA LEU C 374 12.27 -38.65 -4.55
C LEU C 374 11.58 -39.07 -3.27
N TRP C 375 12.36 -39.08 -2.17
CA TRP C 375 11.74 -39.48 -0.91
C TRP C 375 10.60 -38.52 -0.57
N LEU C 376 10.67 -37.28 -1.05
CA LEU C 376 9.64 -36.28 -0.81
C LEU C 376 8.45 -36.33 -1.75
N ASP C 377 8.72 -36.35 -3.05
CA ASP C 377 7.76 -35.91 -4.05
C ASP C 377 7.60 -36.89 -5.19
N SER C 378 8.13 -38.12 -5.06
CA SER C 378 7.90 -39.01 -6.23
C SER C 378 7.84 -40.43 -5.69
N ILE C 379 8.33 -41.41 -6.45
CA ILE C 379 8.28 -42.80 -5.97
C ILE C 379 9.65 -43.16 -5.39
N TYR C 380 9.69 -43.81 -4.23
CA TYR C 380 11.00 -44.11 -3.62
C TYR C 380 10.79 -45.23 -2.61
N PRO C 381 11.73 -46.16 -2.56
CA PRO C 381 12.99 -46.12 -3.32
C PRO C 381 12.96 -46.87 -4.65
N PRO C 382 14.02 -46.80 -5.44
CA PRO C 382 14.12 -47.59 -6.67
C PRO C 382 13.76 -49.06 -6.34
N GLU C 383 14.76 -49.77 -5.89
CA GLU C 383 14.78 -51.11 -5.34
C GLU C 383 13.45 -51.82 -5.49
N LYS C 384 12.38 -51.38 -4.84
CA LYS C 384 11.06 -52.00 -4.99
C LYS C 384 9.95 -51.07 -4.53
N GLU C 385 8.78 -51.18 -5.15
CA GLU C 385 7.76 -50.13 -5.07
C GLU C 385 6.37 -50.57 -5.47
N GLY C 386 5.43 -49.63 -5.62
CA GLY C 386 4.03 -49.90 -5.91
C GLY C 386 3.29 -50.34 -4.65
N GLN C 387 4.05 -50.35 -3.57
CA GLN C 387 3.66 -50.83 -2.26
C GLN C 387 3.31 -49.66 -1.35
N PRO C 388 2.50 -49.86 -0.33
CA PRO C 388 2.16 -48.75 0.57
C PRO C 388 3.43 -48.09 1.10
N GLY C 389 3.53 -46.79 0.84
CA GLY C 389 4.60 -45.96 1.33
C GLY C 389 5.60 -45.50 0.30
N ALA C 390 5.77 -46.27 -0.78
CA ALA C 390 6.69 -45.94 -1.85
C ALA C 390 6.37 -44.64 -2.56
N ALA C 391 5.10 -44.27 -2.82
CA ALA C 391 5.04 -43.00 -3.56
C ALA C 391 4.95 -41.86 -2.56
N ARG C 392 5.45 -40.67 -2.90
CA ARG C 392 5.20 -39.56 -1.98
C ARG C 392 4.71 -38.31 -2.70
N GLY C 393 4.60 -38.41 -4.02
CA GLY C 393 4.17 -37.33 -4.90
C GLY C 393 4.12 -37.82 -6.35
N ASP C 394 3.62 -37.04 -7.30
CA ASP C 394 3.54 -37.51 -8.68
C ASP C 394 4.65 -36.90 -9.50
N CYS C 395 5.70 -36.47 -8.79
CA CYS C 395 6.84 -35.95 -9.56
C CYS C 395 7.41 -37.12 -10.37
N PRO C 396 7.92 -36.87 -11.57
CA PRO C 396 8.53 -37.94 -12.37
C PRO C 396 9.65 -38.67 -11.66
N THR C 397 9.79 -39.99 -11.82
CA THR C 397 10.85 -40.72 -11.09
C THR C 397 12.22 -40.32 -11.56
N ASP C 398 12.32 -39.57 -12.67
CA ASP C 398 13.70 -39.11 -12.88
C ASP C 398 13.75 -37.60 -12.77
N SER C 399 13.00 -37.09 -11.79
CA SER C 399 13.18 -35.69 -11.45
C SER C 399 14.25 -35.59 -10.36
N GLY C 400 14.69 -34.35 -10.17
CA GLY C 400 15.48 -34.04 -9.01
C GLY C 400 16.96 -34.22 -9.20
N VAL C 401 17.37 -34.42 -10.45
CA VAL C 401 18.83 -34.55 -10.65
C VAL C 401 19.40 -33.14 -10.52
N PRO C 402 20.26 -32.98 -9.51
CA PRO C 402 20.86 -31.69 -9.17
C PRO C 402 21.39 -30.89 -10.36
N ALA C 403 22.24 -31.46 -11.21
CA ALA C 403 22.73 -30.67 -12.34
C ALA C 403 21.55 -30.22 -13.17
N GLU C 404 20.62 -31.16 -13.33
CA GLU C 404 19.52 -30.88 -14.26
C GLU C 404 18.49 -29.95 -13.63
N VAL C 405 18.04 -30.18 -12.40
CA VAL C 405 17.01 -29.29 -11.86
C VAL C 405 17.55 -27.87 -11.75
N GLU C 406 18.87 -27.79 -11.54
CA GLU C 406 19.46 -26.46 -11.50
C GLU C 406 19.34 -25.82 -12.88
N ALA C 407 19.49 -26.64 -13.92
CA ALA C 407 19.53 -26.11 -15.28
C ALA C 407 18.14 -25.68 -15.75
N GLN C 408 17.12 -26.39 -15.27
CA GLN C 408 15.76 -26.07 -15.68
C GLN C 408 15.16 -24.92 -14.87
N PHE C 409 15.30 -24.86 -13.55
CA PHE C 409 14.62 -23.80 -12.79
C PHE C 409 15.52 -23.02 -11.85
N PRO C 410 16.63 -22.45 -12.30
CA PRO C 410 17.53 -21.70 -11.41
C PRO C 410 16.88 -20.61 -10.58
N ASP C 411 15.76 -20.07 -11.05
CA ASP C 411 15.09 -18.94 -10.42
C ASP C 411 13.98 -19.33 -9.47
N ALA C 412 13.78 -20.64 -9.30
CA ALA C 412 12.84 -21.13 -8.31
C ALA C 412 13.20 -20.49 -6.98
N GLN C 413 12.25 -20.37 -6.06
CA GLN C 413 12.48 -19.56 -4.87
C GLN C 413 11.39 -19.77 -3.84
N VAL C 414 11.75 -19.58 -2.58
CA VAL C 414 10.77 -19.67 -1.49
C VAL C 414 10.77 -18.30 -0.84
N VAL C 415 9.57 -17.83 -0.59
CA VAL C 415 9.41 -16.63 0.23
C VAL C 415 8.71 -17.10 1.51
N TRP C 416 9.43 -16.93 2.61
CA TRP C 416 8.88 -17.30 3.92
C TRP C 416 8.40 -16.00 4.56
N SER C 417 7.23 -15.94 5.19
CA SER C 417 6.94 -14.60 5.76
C SER C 417 6.09 -14.75 7.02
N ASN C 418 5.92 -13.68 7.77
CA ASN C 418 4.95 -13.64 8.86
C ASN C 418 5.09 -14.81 9.82
N ILE C 419 6.30 -14.97 10.36
CA ILE C 419 6.59 -15.98 11.36
C ILE C 419 5.89 -15.61 12.67
N ARG C 420 5.27 -16.55 13.31
CA ARG C 420 4.52 -16.45 14.55
C ARG C 420 4.82 -17.59 15.50
N PHE C 421 4.92 -17.29 16.81
CA PHE C 421 5.17 -18.36 17.77
C PHE C 421 4.61 -18.01 19.14
N GLY C 422 3.95 -18.96 19.74
CA GLY C 422 3.47 -18.82 21.11
C GLY C 422 2.77 -20.08 21.56
N PRO C 423 1.95 -19.91 22.60
CA PRO C 423 1.11 -21.01 23.08
C PRO C 423 0.08 -21.39 22.01
N ILE C 424 -0.29 -22.67 22.09
CA ILE C 424 -1.20 -23.21 21.06
C ILE C 424 -2.48 -22.36 21.08
N GLY C 425 -2.94 -22.09 19.88
CA GLY C 425 -4.10 -21.32 19.49
C GLY C 425 -3.84 -19.83 19.46
N SER C 426 -2.61 -19.41 19.74
CA SER C 426 -2.33 -17.99 19.95
C SER C 426 -1.93 -17.22 18.70
N THR C 427 -1.36 -17.88 17.71
CA THR C 427 -0.83 -17.29 16.50
C THR C 427 -1.96 -17.01 15.51
N TYR C 428 -2.93 -17.91 15.47
CA TYR C 428 -4.15 -17.77 14.70
C TYR C 428 -5.35 -18.27 15.51
N ASP C 429 -6.50 -17.66 15.24
CA ASP C 429 -7.76 -17.90 15.90
C ASP C 429 -8.45 -19.15 15.37
N PHE C 430 -7.95 -20.31 15.76
CA PHE C 430 -8.37 -21.64 15.45
C PHE C 430 -7.76 -22.63 16.46
N PCA D 1 -45.56 2.52 -9.96
CA PCA D 1 -44.75 3.74 -9.95
CB PCA D 1 -44.17 3.75 -8.52
CG PCA D 1 -44.05 2.29 -8.20
CD PCA D 1 -45.29 1.66 -8.78
OE PCA D 1 -45.50 0.45 -8.76
C PCA D 1 -43.56 3.68 -10.92
O PCA D 1 -42.97 2.63 -11.18
N ARG D 2 -43.21 4.85 -11.42
CA ARG D 2 -42.07 4.99 -12.30
C ARG D 2 -40.82 5.38 -11.51
N ALA D 3 -39.71 5.33 -12.25
CA ALA D 3 -38.42 5.71 -11.69
C ALA D 3 -38.37 7.22 -11.52
N GLY D 4 -37.88 7.69 -10.38
CA GLY D 4 -37.73 9.13 -10.13
C GLY D 4 -36.35 9.57 -10.53
N ASN D 5 -36.03 10.85 -10.64
CA ASN D 5 -34.68 11.14 -11.17
C ASN D 5 -33.84 11.93 -10.19
N GLU D 6 -34.27 11.93 -8.93
CA GLU D 6 -33.63 12.79 -7.94
C GLU D 6 -32.34 12.12 -7.47
N THR D 7 -32.41 10.80 -7.47
CA THR D 7 -31.24 10.02 -7.10
C THR D 7 -31.04 8.77 -7.94
N PRO D 8 -29.95 8.77 -8.70
CA PRO D 8 -29.37 7.56 -9.27
C PRO D 8 -29.24 6.44 -8.22
N GLU D 9 -29.59 5.27 -8.70
CA GLU D 9 -29.61 3.93 -8.18
C GLU D 9 -28.34 3.20 -8.63
N ASN D 10 -27.36 3.09 -7.74
CA ASN D 10 -26.18 2.28 -8.08
C ASN D 10 -26.20 0.97 -7.33
N HIS D 11 -26.35 -0.16 -8.00
CA HIS D 11 -26.39 -1.44 -7.28
C HIS D 11 -24.99 -1.75 -6.78
N PRO D 12 -24.86 -2.15 -5.52
CA PRO D 12 -23.56 -2.62 -5.04
C PRO D 12 -23.21 -3.91 -5.79
N PRO D 13 -22.04 -3.98 -6.39
CA PRO D 13 -21.66 -5.23 -7.06
C PRO D 13 -21.51 -6.37 -6.06
N LEU D 14 -21.75 -7.59 -6.51
CA LEU D 14 -21.60 -8.74 -5.62
C LEU D 14 -21.18 -9.96 -6.44
N THR D 15 -20.04 -10.56 -6.12
CA THR D 15 -19.64 -11.76 -6.86
C THR D 15 -20.26 -13.00 -6.22
N TRP D 16 -20.47 -14.06 -6.99
CA TRP D 16 -21.01 -15.32 -6.47
C TRP D 16 -20.54 -16.47 -7.35
N GLN D 17 -20.77 -17.74 -6.98
CA GLN D 17 -20.18 -18.71 -7.92
C GLN D 17 -21.24 -19.71 -8.35
N ARG D 18 -21.19 -20.02 -9.65
CA ARG D 18 -22.11 -21.01 -10.23
C ARG D 18 -21.37 -22.34 -10.38
N CYS D 19 -21.69 -23.34 -9.57
CA CYS D 19 -20.95 -24.59 -9.67
C CYS D 19 -21.63 -25.65 -10.54
N THR D 20 -20.69 -26.23 -11.25
CA THR D 20 -20.81 -27.30 -12.22
C THR D 20 -20.63 -28.63 -11.50
N ALA D 21 -19.70 -28.65 -10.55
CA ALA D 21 -19.31 -29.89 -9.90
C ALA D 21 -18.30 -29.68 -8.79
N PRO D 22 -18.17 -30.65 -7.90
CA PRO D 22 -17.20 -30.60 -6.80
C PRO D 22 -15.84 -30.10 -7.26
N GLY D 23 -15.52 -28.86 -6.94
CA GLY D 23 -14.25 -28.23 -7.17
C GLY D 23 -14.12 -27.40 -8.43
N ASN D 24 -15.16 -27.34 -9.25
CA ASN D 24 -15.24 -26.59 -10.50
C ASN D 24 -16.27 -25.47 -10.43
N CYS D 25 -15.88 -24.31 -9.89
CA CYS D 25 -16.91 -23.29 -9.74
C CYS D 25 -16.47 -22.08 -10.56
N GLN D 26 -17.46 -21.40 -11.13
CA GLN D 26 -17.20 -20.27 -12.03
C GLN D 26 -17.55 -18.99 -11.29
N THR D 27 -16.91 -17.86 -11.59
CA THR D 27 -17.28 -16.68 -10.80
C THR D 27 -18.43 -15.99 -11.53
N VAL D 28 -19.36 -15.35 -10.83
CA VAL D 28 -20.43 -14.58 -11.45
C VAL D 28 -20.33 -13.14 -10.93
N ASN D 29 -20.12 -12.14 -11.76
CA ASN D 29 -19.99 -10.74 -11.38
C ASN D 29 -21.37 -10.07 -11.38
N ALA D 30 -21.95 -9.90 -10.20
CA ALA D 30 -23.33 -9.42 -10.19
C ALA D 30 -23.47 -8.19 -9.31
N GLU D 31 -24.69 -8.10 -8.78
CA GLU D 31 -25.05 -6.91 -8.03
C GLU D 31 -26.32 -7.13 -7.22
N VAL D 32 -26.55 -6.26 -6.23
CA VAL D 32 -27.72 -6.44 -5.39
C VAL D 32 -28.49 -5.12 -5.35
N VAL D 33 -29.72 -5.18 -4.88
CA VAL D 33 -30.59 -4.02 -4.81
C VAL D 33 -31.53 -4.13 -3.62
N ILE D 34 -31.85 -3.02 -2.96
CA ILE D 34 -32.75 -3.09 -1.80
C ILE D 34 -34.22 -3.01 -2.18
N ASP D 35 -35.08 -3.77 -1.50
CA ASP D 35 -36.52 -3.72 -1.62
C ASP D 35 -37.09 -2.31 -1.79
N ALA D 36 -38.00 -2.17 -2.74
CA ALA D 36 -38.64 -0.91 -3.11
C ALA D 36 -39.12 -0.17 -1.87
N ASN D 37 -39.61 -0.93 -0.89
CA ASN D 37 -40.19 -0.29 0.30
C ASN D 37 -39.20 0.60 1.03
N TRP D 38 -37.88 0.43 0.86
CA TRP D 38 -37.00 1.33 1.63
C TRP D 38 -36.79 2.65 0.95
N ARG D 39 -37.49 2.91 -0.17
CA ARG D 39 -37.18 4.05 -1.03
C ARG D 39 -38.12 5.22 -0.84
N TRP D 40 -37.63 6.41 -1.11
CA TRP D 40 -38.36 7.66 -1.10
C TRP D 40 -39.35 7.69 -2.26
N LEU D 41 -40.60 8.06 -1.94
CA LEU D 41 -41.68 8.18 -2.91
C LEU D 41 -42.04 9.65 -3.06
N HIS D 42 -42.06 10.16 -4.28
CA HIS D 42 -42.48 11.56 -4.43
C HIS D 42 -43.16 11.80 -5.77
N ASP D 43 -43.68 13.01 -5.94
CA ASP D 43 -44.41 13.44 -7.13
C ASP D 43 -43.58 14.35 -8.02
N ASP D 44 -44.13 14.65 -9.19
CA ASP D 44 -43.41 15.48 -10.17
C ASP D 44 -43.15 16.87 -9.59
N ASN D 45 -43.96 17.29 -8.63
CA ASN D 45 -43.79 18.62 -8.02
C ASN D 45 -43.31 18.56 -6.58
N MET D 46 -42.25 17.83 -6.34
CA MET D 46 -41.59 17.54 -5.07
C MET D 46 -42.54 17.66 -3.88
N GLN D 47 -43.38 16.64 -3.74
CA GLN D 47 -44.22 16.49 -2.56
C GLN D 47 -44.29 14.99 -2.23
N ASN D 48 -43.61 14.64 -1.15
CA ASN D 48 -43.44 13.25 -0.75
C ASN D 48 -44.76 12.51 -0.79
N CYS D 49 -44.76 11.30 -1.34
CA CYS D 49 -46.00 10.55 -1.51
C CYS D 49 -46.37 9.81 -0.24
N TYR D 50 -45.32 9.48 0.49
CA TYR D 50 -45.43 8.78 1.77
C TYR D 50 -44.36 9.42 2.66
N ASP D 51 -44.71 9.59 3.93
CA ASP D 51 -43.73 10.12 4.88
C ASP D 51 -44.02 9.56 6.26
N GLY D 52 -42.96 9.24 7.02
CA GLY D 52 -43.30 8.67 8.35
C GLY D 52 -43.88 7.28 8.14
N ASN D 53 -45.17 7.12 8.41
CA ASN D 53 -45.81 5.82 8.23
C ASN D 53 -47.22 6.01 7.68
N GLN D 54 -47.39 7.18 7.05
CA GLN D 54 -48.70 7.47 6.46
C GLN D 54 -48.52 7.91 5.01
N TRP D 55 -49.51 7.67 4.15
CA TRP D 55 -49.37 8.27 2.81
C TRP D 55 -49.65 9.76 2.91
N THR D 56 -49.45 10.54 1.85
CA THR D 56 -49.64 11.98 1.89
C THR D 56 -50.73 12.49 0.95
N ASN D 57 -50.74 13.81 0.80
CA ASN D 57 -51.68 14.53 -0.05
C ASN D 57 -51.32 14.49 -1.53
N ALA D 58 -50.11 14.04 -1.83
CA ALA D 58 -49.64 14.00 -3.22
C ALA D 58 -50.39 12.94 -4.02
N CYS D 59 -50.97 12.01 -3.28
CA CYS D 59 -51.69 10.86 -3.81
C CYS D 59 -53.20 10.96 -3.66
N SER D 60 -53.82 9.80 -3.54
CA SER D 60 -55.25 9.62 -3.26
C SER D 60 -55.70 8.18 -3.48
N THR D 61 -55.40 7.55 -4.64
CA THR D 61 -55.85 6.15 -4.73
C THR D 61 -54.78 5.24 -5.33
N ALA D 62 -55.09 3.95 -5.29
CA ALA D 62 -54.26 2.83 -5.66
C ALA D 62 -53.70 2.96 -7.07
N THR D 63 -54.47 3.58 -7.95
CA THR D 63 -54.15 3.73 -9.36
C THR D 63 -53.47 5.06 -9.66
N ASP D 64 -53.77 6.15 -8.96
CA ASP D 64 -53.09 7.39 -9.43
C ASP D 64 -51.79 7.61 -8.69
N CYS D 65 -51.67 6.90 -7.57
CA CYS D 65 -50.41 6.81 -6.86
C CYS D 65 -49.36 6.16 -7.76
N ALA D 66 -49.79 5.06 -8.39
CA ALA D 66 -48.91 4.38 -9.35
C ALA D 66 -48.51 5.32 -10.46
N GLU D 67 -49.29 6.37 -10.76
CA GLU D 67 -48.74 7.18 -11.88
C GLU D 67 -48.32 8.56 -11.40
N LYS D 68 -48.76 8.96 -10.21
CA LYS D 68 -48.34 10.23 -9.64
C LYS D 68 -47.04 10.14 -8.87
N CYS D 69 -46.63 8.94 -8.45
CA CYS D 69 -45.46 8.85 -7.57
C CYS D 69 -44.24 8.27 -8.27
N MET D 70 -43.05 8.64 -7.78
CA MET D 70 -41.84 8.06 -8.37
C MET D 70 -40.88 7.56 -7.29
N ILE D 71 -40.25 6.40 -7.53
CA ILE D 71 -39.31 5.83 -6.56
C ILE D 71 -37.90 6.30 -6.88
N GLU D 72 -37.09 6.54 -5.85
CA GLU D 72 -35.75 7.09 -6.03
C GLU D 72 -34.65 6.05 -5.81
N GLY D 73 -33.45 6.49 -6.17
CA GLY D 73 -32.24 5.69 -6.09
C GLY D 73 -31.93 5.56 -4.61
N ALA D 74 -31.06 4.62 -4.22
CA ALA D 74 -30.82 4.50 -2.79
C ALA D 74 -29.50 5.19 -2.41
N GLY D 75 -29.11 6.12 -3.27
CA GLY D 75 -27.88 6.88 -3.17
C GLY D 75 -26.72 5.98 -2.75
N ASP D 76 -26.22 6.29 -1.56
CA ASP D 76 -25.30 5.47 -0.79
C ASP D 76 -26.11 4.63 0.22
N TYR D 77 -25.93 3.36 0.00
CA TYR D 77 -26.39 2.15 0.65
C TYR D 77 -25.77 1.98 2.03
N LEU D 78 -24.49 2.30 2.17
CA LEU D 78 -23.85 2.35 3.46
C LEU D 78 -24.43 3.49 4.30
N GLY D 79 -24.32 4.70 3.77
CA GLY D 79 -24.74 5.90 4.45
C GLY D 79 -26.08 5.75 5.15
N THR D 80 -27.11 5.40 4.39
CA THR D 80 -28.48 5.41 4.87
C THR D 80 -28.98 4.04 5.33
N TYR D 81 -28.53 2.96 4.68
CA TYR D 81 -29.18 1.67 4.99
C TYR D 81 -28.31 0.68 5.74
N GLY D 82 -27.02 0.97 5.87
CA GLY D 82 -26.05 0.12 6.51
C GLY D 82 -25.56 -1.04 5.67
N ALA D 83 -25.72 -0.87 4.37
CA ALA D 83 -25.54 -1.86 3.32
C ALA D 83 -24.23 -1.67 2.57
N SER D 84 -23.33 -2.62 2.58
CA SER D 84 -22.05 -2.45 1.88
C SER D 84 -21.49 -3.78 1.37
N THR D 85 -20.81 -3.71 0.22
CA THR D 85 -20.40 -4.96 -0.41
C THR D 85 -18.91 -4.95 -0.69
N SER D 86 -18.24 -6.11 -0.61
CA SER D 86 -16.80 -6.11 -0.92
C SER D 86 -16.41 -7.45 -1.51
N GLY D 87 -16.28 -7.52 -2.85
CA GLY D 87 -16.08 -8.85 -3.41
C GLY D 87 -17.32 -9.71 -3.27
N ASP D 88 -17.17 -10.89 -2.69
CA ASP D 88 -18.23 -11.84 -2.44
C ASP D 88 -18.96 -11.61 -1.13
N ALA D 89 -18.83 -10.43 -0.54
CA ALA D 89 -19.43 -10.25 0.78
C ALA D 89 -20.34 -9.01 0.80
N LEU D 90 -21.53 -9.24 1.32
CA LEU D 90 -22.56 -8.24 1.55
C LEU D 90 -22.83 -8.13 3.05
N THR D 91 -22.51 -6.98 3.64
CA THR D 91 -22.72 -6.76 5.07
C THR D 91 -24.07 -6.07 5.26
N LEU D 92 -24.88 -6.42 6.25
CA LEU D 92 -26.14 -5.71 6.50
C LEU D 92 -26.14 -5.17 7.92
N LYS D 93 -26.26 -3.87 8.12
CA LYS D 93 -26.34 -3.35 9.49
C LYS D 93 -27.80 -3.26 9.92
N PHE D 94 -28.03 -3.60 11.20
CA PHE D 94 -29.39 -3.67 11.73
C PHE D 94 -29.95 -2.26 11.81
N VAL D 95 -29.28 -1.45 12.64
CA VAL D 95 -29.79 -0.08 12.82
C VAL D 95 -28.84 0.95 12.23
N THR D 96 -29.37 1.82 11.36
CA THR D 96 -28.50 2.90 10.89
C THR D 96 -29.20 4.21 11.24
N LYS D 97 -28.41 5.10 11.80
CA LYS D 97 -28.86 6.45 12.14
C LYS D 97 -28.05 7.38 11.24
N HIS D 98 -28.73 8.35 10.66
CA HIS D 98 -28.16 9.24 9.65
C HIS D 98 -28.70 10.66 9.81
N GLU D 99 -28.12 11.55 9.03
CA GLU D 99 -28.34 12.97 8.89
C GLU D 99 -29.65 13.47 9.50
N TYR D 100 -30.77 12.98 8.98
CA TYR D 100 -32.08 13.38 9.46
C TYR D 100 -32.98 12.15 9.68
N GLY D 101 -32.42 10.95 9.56
CA GLY D 101 -33.12 9.70 9.58
C GLY D 101 -32.42 8.51 10.22
N THR D 102 -33.20 7.48 10.51
CA THR D 102 -32.79 6.27 11.21
C THR D 102 -33.46 5.05 10.56
N ASN D 103 -32.66 4.18 9.99
CA ASN D 103 -32.99 2.97 9.28
C ASN D 103 -32.83 1.69 10.11
N VAL D 104 -33.88 0.91 10.20
CA VAL D 104 -33.84 -0.38 10.90
C VAL D 104 -34.00 -1.52 9.90
N GLY D 105 -33.01 -2.40 9.86
CA GLY D 105 -33.06 -3.57 8.99
C GLY D 105 -33.04 -3.20 7.52
N SER D 106 -33.01 -4.22 6.68
CA SER D 106 -32.98 -4.15 5.22
C SER D 106 -33.31 -5.47 4.54
N ARG D 107 -33.74 -5.45 3.29
CA ARG D 107 -34.02 -6.64 2.48
C ARG D 107 -33.49 -6.40 1.05
N PHE D 108 -32.60 -7.23 0.55
CA PHE D 108 -31.82 -7.17 -0.65
C PHE D 108 -32.03 -8.30 -1.64
N TYR D 109 -31.98 -8.02 -2.94
CA TYR D 109 -32.20 -9.08 -3.94
C TYR D 109 -30.95 -9.23 -4.78
N LEU D 110 -30.58 -10.48 -5.05
CA LEU D 110 -29.45 -10.77 -5.93
C LEU D 110 -29.86 -10.62 -7.39
N MET D 111 -29.11 -9.84 -8.16
CA MET D 111 -29.49 -9.52 -9.53
C MET D 111 -28.64 -10.22 -10.57
N ASN D 112 -29.15 -10.22 -11.80
CA ASN D 112 -28.45 -10.72 -12.98
C ASN D 112 -28.54 -9.64 -14.03
N GLY D 113 -27.55 -8.74 -14.02
CA GLY D 113 -27.68 -7.52 -14.80
C GLY D 113 -28.67 -6.58 -14.12
N PRO D 114 -28.54 -5.29 -14.42
CA PRO D 114 -29.30 -4.21 -13.81
C PRO D 114 -30.81 -4.32 -13.94
N ASP D 115 -31.28 -5.19 -14.81
CA ASP D 115 -32.66 -5.19 -15.25
C ASP D 115 -33.57 -6.24 -14.63
N LYS D 116 -33.01 -7.38 -14.27
CA LYS D 116 -33.63 -8.62 -13.85
C LYS D 116 -33.04 -9.19 -12.54
N TYR D 117 -33.84 -10.02 -11.87
CA TYR D 117 -33.32 -10.70 -10.69
C TYR D 117 -32.61 -11.96 -11.17
N GLN D 118 -31.62 -12.44 -10.43
CA GLN D 118 -31.03 -13.72 -10.77
C GLN D 118 -32.03 -14.80 -10.33
N MET D 119 -32.39 -15.66 -11.25
CA MET D 119 -33.38 -16.71 -10.94
C MET D 119 -32.68 -18.02 -10.63
N PHE D 120 -33.34 -18.80 -9.77
CA PHE D 120 -32.79 -20.10 -9.44
C PHE D 120 -33.92 -21.12 -9.54
N ASN D 121 -33.55 -22.23 -10.10
CA ASN D 121 -34.21 -23.50 -10.30
C ASN D 121 -33.80 -24.42 -9.16
N LEU D 122 -34.63 -24.57 -8.12
CA LEU D 122 -34.11 -25.24 -6.94
C LEU D 122 -34.03 -26.75 -7.03
N MET D 123 -34.94 -27.37 -7.78
CA MET D 123 -34.98 -28.82 -7.68
C MET D 123 -33.72 -29.47 -8.23
N GLY D 124 -33.14 -30.39 -7.46
CA GLY D 124 -31.94 -31.10 -7.80
C GLY D 124 -30.66 -30.34 -7.59
N ASN D 125 -30.77 -29.14 -7.02
CA ASN D 125 -29.61 -28.26 -6.91
C ASN D 125 -29.42 -27.84 -5.45
N GLU D 126 -28.31 -27.18 -5.15
CA GLU D 126 -28.03 -26.81 -3.76
C GLU D 126 -27.48 -25.39 -3.67
N LEU D 127 -27.81 -24.72 -2.57
CA LEU D 127 -27.24 -23.43 -2.23
C LEU D 127 -26.26 -23.54 -1.06
N ALA D 128 -25.17 -22.80 -1.13
CA ALA D 128 -24.18 -22.70 -0.07
C ALA D 128 -23.83 -21.24 0.15
N PHE D 129 -23.63 -20.85 1.41
CA PHE D 129 -23.16 -19.50 1.69
C PHE D 129 -22.36 -19.52 2.99
N ASP D 130 -21.47 -18.57 3.19
CA ASP D 130 -20.89 -18.36 4.51
C ASP D 130 -21.69 -17.26 5.20
N VAL D 131 -21.77 -17.33 6.53
CA VAL D 131 -22.41 -16.24 7.28
C VAL D 131 -21.57 -15.90 8.50
N ASP D 132 -21.45 -14.63 8.85
CA ASP D 132 -20.97 -14.36 10.22
C ASP D 132 -22.16 -13.74 10.96
N LEU D 133 -22.76 -14.47 11.90
CA LEU D 133 -23.90 -13.80 12.56
C LEU D 133 -23.65 -13.69 14.06
N SER D 134 -22.37 -13.59 14.43
CA SER D 134 -21.93 -13.51 15.81
C SER D 134 -22.57 -12.35 16.57
N THR D 135 -22.85 -11.20 15.94
CA THR D 135 -23.49 -10.14 16.75
C THR D 135 -24.99 -9.95 16.52
N VAL D 136 -25.65 -10.98 16.06
CA VAL D 136 -27.10 -10.96 15.87
C VAL D 136 -27.75 -11.61 17.09
N GLU D 137 -28.24 -10.74 17.95
CA GLU D 137 -28.75 -11.04 19.28
C GLU D 137 -30.22 -11.46 19.24
N CYS D 138 -30.76 -12.07 20.29
CA CYS D 138 -32.17 -12.32 20.46
C CYS D 138 -33.07 -11.21 19.91
N GLY D 139 -34.08 -11.59 19.15
CA GLY D 139 -35.11 -10.73 18.60
C GLY D 139 -34.74 -10.13 17.26
N ILE D 140 -33.55 -10.46 16.78
CA ILE D 140 -33.10 -10.02 15.47
C ILE D 140 -32.95 -11.24 14.55
N ASN D 141 -33.46 -11.10 13.34
CA ASN D 141 -33.38 -12.20 12.38
C ASN D 141 -32.49 -11.76 11.23
N SER D 142 -31.40 -12.47 11.03
CA SER D 142 -30.54 -12.48 9.86
C SER D 142 -31.08 -13.56 8.91
N ALA D 143 -31.62 -13.24 7.74
CA ALA D 143 -32.21 -14.37 7.01
C ALA D 143 -31.75 -14.40 5.55
N LEU D 144 -31.67 -15.61 5.01
CA LEU D 144 -31.32 -15.84 3.60
C LEU D 144 -32.32 -16.86 3.08
N TYR D 145 -33.09 -16.49 2.05
CA TYR D 145 -34.16 -17.39 1.66
C TYR D 145 -34.47 -17.22 0.17
N PHE D 146 -35.39 -18.04 -0.28
CA PHE D 146 -35.91 -17.89 -1.64
C PHE D 146 -37.40 -17.58 -1.71
N VAL D 147 -37.81 -16.72 -2.63
CA VAL D 147 -39.27 -16.60 -2.88
C VAL D 147 -39.58 -16.51 -4.37
N ALA D 148 -40.77 -16.88 -4.78
CA ALA D 148 -41.18 -16.89 -6.17
C ALA D 148 -41.59 -15.51 -6.69
N MET D 149 -40.65 -14.57 -6.65
CA MET D 149 -40.82 -13.27 -7.26
C MET D 149 -40.78 -13.43 -8.79
N GLU D 150 -41.23 -12.44 -9.54
CA GLU D 150 -41.10 -12.41 -10.98
C GLU D 150 -39.74 -11.81 -11.34
N GLU D 151 -39.08 -12.29 -12.39
CA GLU D 151 -37.71 -11.83 -12.69
C GLU D 151 -37.62 -10.35 -12.95
N ASP D 152 -38.69 -9.70 -13.46
CA ASP D 152 -38.49 -8.25 -13.69
C ASP D 152 -38.91 -7.45 -12.46
N GLY D 153 -39.66 -8.09 -11.55
CA GLY D 153 -40.21 -7.38 -10.40
C GLY D 153 -41.64 -6.97 -10.74
N GLY D 154 -42.15 -7.59 -11.79
CA GLY D 154 -43.52 -7.58 -12.26
C GLY D 154 -43.83 -6.46 -13.21
N MET D 155 -42.77 -5.90 -13.79
CA MET D 155 -42.94 -4.78 -14.72
C MET D 155 -43.91 -5.18 -15.83
N ALA D 156 -43.75 -6.41 -16.32
CA ALA D 156 -44.52 -6.78 -17.51
C ALA D 156 -45.96 -7.09 -17.12
N SER D 157 -46.13 -7.87 -16.06
CA SER D 157 -47.42 -8.29 -15.57
C SER D 157 -48.31 -7.14 -15.11
N TYR D 158 -47.71 -6.08 -14.58
CA TYR D 158 -48.43 -4.95 -14.02
C TYR D 158 -47.86 -3.65 -14.56
N PRO D 159 -48.16 -3.28 -15.79
CA PRO D 159 -47.49 -2.14 -16.43
C PRO D 159 -47.46 -0.86 -15.61
N SER D 160 -48.32 -0.68 -14.62
CA SER D 160 -48.37 0.55 -13.82
C SER D 160 -47.09 0.75 -13.03
N ASN D 161 -46.43 -0.38 -12.81
CA ASN D 161 -45.09 -0.35 -12.20
C ASN D 161 -44.02 -0.11 -13.25
N GLN D 162 -43.47 1.11 -13.30
CA GLN D 162 -42.50 1.45 -14.32
C GLN D 162 -41.06 1.40 -13.81
N ALA D 163 -40.90 1.00 -12.56
CA ALA D 163 -39.54 0.97 -12.00
C ALA D 163 -38.95 -0.44 -12.08
N GLY D 164 -39.66 -1.48 -11.68
CA GLY D 164 -39.21 -2.85 -11.90
C GLY D 164 -38.11 -3.30 -10.95
N ALA D 165 -37.26 -4.23 -11.38
CA ALA D 165 -36.27 -4.83 -10.52
C ALA D 165 -35.13 -3.90 -10.19
N ARG D 166 -34.88 -2.89 -11.04
CA ARG D 166 -33.88 -1.86 -10.83
C ARG D 166 -34.03 -1.21 -9.45
N TYR D 167 -35.25 -1.17 -8.98
CA TYR D 167 -35.73 -0.54 -7.76
C TYR D 167 -36.19 -1.57 -6.75
N GLY D 168 -35.99 -2.84 -7.13
CA GLY D 168 -36.35 -3.91 -6.20
C GLY D 168 -37.84 -3.98 -5.99
N THR D 169 -38.63 -3.83 -7.07
CA THR D 169 -40.06 -3.93 -6.87
C THR D 169 -40.46 -5.39 -6.84
N GLY D 170 -41.64 -5.72 -6.36
CA GLY D 170 -42.19 -7.04 -6.60
C GLY D 170 -42.11 -8.11 -5.55
N TYR D 171 -41.70 -7.76 -4.32
CA TYR D 171 -41.56 -8.79 -3.30
C TYR D 171 -42.87 -9.51 -3.09
N CYS D 172 -42.78 -10.75 -2.65
CA CYS D 172 -43.92 -11.58 -2.31
C CYS D 172 -43.42 -12.64 -1.34
N ASP D 173 -44.28 -13.15 -0.47
CA ASP D 173 -43.76 -14.24 0.41
C ASP D 173 -44.90 -15.07 0.93
N ALA D 174 -44.63 -16.11 1.72
CA ALA D 174 -45.72 -16.98 2.14
C ALA D 174 -46.54 -16.33 3.25
N GLN D 175 -46.17 -15.13 3.68
CA GLN D 175 -46.98 -14.34 4.59
C GLN D 175 -48.07 -13.56 3.83
N CYS D 176 -47.65 -12.89 2.77
CA CYS D 176 -48.35 -11.99 1.89
C CYS D 176 -48.00 -10.57 2.36
N ALA D 177 -46.93 -10.01 1.81
CA ALA D 177 -46.48 -8.70 2.22
C ALA D 177 -47.53 -7.61 2.02
N ARG D 178 -48.48 -7.48 2.93
CA ARG D 178 -49.47 -6.41 2.95
C ARG D 178 -48.88 -5.11 3.50
N ASP D 179 -47.61 -5.15 3.88
CA ASP D 179 -46.84 -4.02 4.38
C ASP D 179 -46.15 -3.25 3.26
N LEU D 180 -46.21 -3.83 2.06
CA LEU D 180 -45.71 -3.19 0.86
C LEU D 180 -46.58 -2.01 0.46
N LYS D 181 -45.93 -0.90 0.12
CA LYS D 181 -46.66 0.29 -0.27
C LYS D 181 -47.25 0.10 -1.65
N PHE D 182 -46.53 -0.67 -2.47
CA PHE D 182 -47.12 -1.06 -3.76
C PHE D 182 -47.13 -2.59 -3.86
N VAL D 183 -48.28 -3.08 -4.30
CA VAL D 183 -48.51 -4.51 -4.43
C VAL D 183 -49.17 -4.80 -5.77
N GLY D 184 -48.53 -5.56 -6.67
CA GLY D 184 -49.17 -5.75 -7.98
C GLY D 184 -49.44 -4.40 -8.65
N GLY D 185 -48.44 -3.54 -8.62
CA GLY D 185 -48.33 -2.27 -9.25
C GLY D 185 -49.28 -1.19 -8.81
N LYS D 186 -50.15 -1.46 -7.85
CA LYS D 186 -51.12 -0.53 -7.31
C LYS D 186 -50.76 -0.20 -5.84
N ALA D 187 -50.90 1.04 -5.45
CA ALA D 187 -50.56 1.54 -4.12
C ALA D 187 -51.53 1.01 -3.07
N ASN D 188 -50.99 0.82 -1.87
CA ASN D 188 -51.71 0.26 -0.73
C ASN D 188 -52.21 1.43 0.14
N ILE D 189 -52.54 2.53 -0.54
CA ILE D 189 -52.93 3.75 0.15
C ILE D 189 -54.33 3.73 0.75
N GLU D 190 -55.26 3.07 0.08
CA GLU D 190 -56.66 3.06 0.46
C GLU D 190 -56.95 2.21 1.68
N GLY D 191 -56.98 2.83 2.86
CA GLY D 191 -57.25 2.05 4.07
C GLY D 191 -55.98 1.64 4.78
N TRP D 192 -54.88 2.33 4.47
CA TRP D 192 -53.58 2.12 5.10
C TRP D 192 -53.62 2.35 6.60
N LYS D 193 -53.17 1.37 7.39
CA LYS D 193 -53.22 1.41 8.84
C LYS D 193 -51.78 1.41 9.37
N SER D 194 -51.36 2.60 9.77
CA SER D 194 -50.03 2.90 10.26
C SER D 194 -49.74 2.08 11.51
N SER D 195 -48.60 1.39 11.53
CA SER D 195 -48.34 0.52 12.68
C SER D 195 -48.34 1.36 13.97
N THR D 196 -48.64 0.68 15.06
CA THR D 196 -48.70 1.19 16.42
C THR D 196 -47.33 1.54 16.97
N SER D 197 -46.37 0.66 16.67
CA SER D 197 -45.07 0.56 17.27
C SER D 197 -43.92 0.88 16.32
N ASP D 198 -44.23 0.94 15.03
CA ASP D 198 -43.19 1.23 14.04
C ASP D 198 -43.57 2.46 13.22
N PRO D 199 -42.75 3.48 13.40
CA PRO D 199 -42.89 4.78 12.75
C PRO D 199 -42.58 4.76 11.26
N ASN D 200 -42.28 3.58 10.77
CA ASN D 200 -41.93 3.37 9.37
C ASN D 200 -42.84 2.46 8.57
N ALA D 201 -43.79 1.75 9.17
CA ALA D 201 -44.53 0.71 8.46
C ALA D 201 -46.03 0.84 8.58
N GLY D 202 -46.78 0.14 7.73
CA GLY D 202 -48.24 0.14 7.82
C GLY D 202 -48.81 -1.14 7.23
N VAL D 203 -50.14 -1.24 7.12
CA VAL D 203 -50.74 -2.41 6.45
C VAL D 203 -51.81 -1.89 5.50
N GLY D 204 -51.71 -2.35 4.25
CA GLY D 204 -52.76 -1.97 3.30
C GLY D 204 -53.68 -3.15 3.07
N PRO D 205 -54.65 -2.99 2.17
CA PRO D 205 -55.61 -4.07 1.94
C PRO D 205 -55.14 -5.13 0.95
N TYR D 206 -54.07 -4.90 0.18
CA TYR D 206 -53.75 -5.96 -0.79
C TYR D 206 -52.90 -7.06 -0.18
N GLY D 207 -51.79 -7.46 -0.77
CA GLY D 207 -50.89 -8.48 -0.27
C GLY D 207 -50.18 -9.23 -1.38
N SER D 208 -48.86 -9.37 -1.31
CA SER D 208 -48.13 -10.09 -2.36
C SER D 208 -47.71 -11.45 -1.85
N CYS D 209 -48.41 -12.47 -2.34
CA CYS D 209 -48.27 -13.84 -1.88
C CYS D 209 -47.52 -14.69 -2.90
N CYS D 210 -46.76 -15.68 -2.41
CA CYS D 210 -46.05 -16.64 -3.22
C CYS D 210 -45.27 -17.64 -2.34
N ALA D 211 -44.90 -18.77 -2.94
CA ALA D 211 -44.04 -19.71 -2.24
C ALA D 211 -42.78 -19.04 -1.72
N GLU D 212 -42.32 -19.56 -0.60
CA GLU D 212 -41.17 -19.04 0.13
C GLU D 212 -40.41 -20.21 0.74
N ILE D 213 -39.17 -20.43 0.26
CA ILE D 213 -38.37 -21.43 0.97
C ILE D 213 -37.39 -20.69 1.87
N ASP D 214 -37.74 -20.64 3.16
CA ASP D 214 -36.81 -20.02 4.10
C ASP D 214 -35.59 -20.92 4.31
N VAL D 215 -34.52 -20.72 3.53
CA VAL D 215 -33.34 -21.57 3.63
C VAL D 215 -32.73 -21.39 5.02
N TRP D 216 -32.89 -20.17 5.51
CA TRP D 216 -32.14 -19.73 6.68
C TRP D 216 -32.80 -18.57 7.39
N GLU D 217 -33.49 -18.87 8.49
CA GLU D 217 -33.90 -17.75 9.35
C GLU D 217 -33.07 -17.93 10.61
N SER D 218 -32.41 -16.89 11.13
CA SER D 218 -31.47 -17.22 12.19
C SER D 218 -31.04 -16.05 13.05
N ASN D 219 -30.32 -16.41 14.11
CA ASN D 219 -29.42 -15.46 14.74
C ASN D 219 -28.33 -16.25 15.47
N ALA D 220 -27.76 -15.69 16.53
CA ALA D 220 -26.65 -16.30 17.27
C ALA D 220 -27.12 -17.38 18.22
N TYR D 221 -28.44 -17.55 18.25
CA TYR D 221 -29.09 -18.40 19.22
C TYR D 221 -30.00 -19.45 18.63
N ALA D 222 -30.48 -19.18 17.40
CA ALA D 222 -31.37 -20.23 16.87
C ALA D 222 -31.56 -19.98 15.37
N PHE D 223 -31.91 -21.01 14.63
CA PHE D 223 -32.15 -21.00 13.21
C PHE D 223 -33.25 -22.02 12.90
N ALA D 224 -33.91 -21.83 11.77
CA ALA D 224 -34.88 -22.69 11.15
C ALA D 224 -34.65 -22.71 9.63
N PHE D 225 -34.82 -23.89 9.10
CA PHE D 225 -35.01 -24.30 7.72
C PHE D 225 -36.49 -24.58 7.49
N THR D 226 -37.18 -23.76 6.69
CA THR D 226 -38.63 -23.83 6.59
C THR D 226 -39.15 -23.49 5.21
N PRO D 227 -39.44 -24.51 4.41
CA PRO D 227 -40.15 -24.27 3.15
C PRO D 227 -41.64 -24.02 3.38
N HIS D 228 -42.21 -23.07 2.62
CA HIS D 228 -43.64 -22.81 2.64
C HIS D 228 -44.22 -22.84 1.22
N ALA D 229 -45.39 -23.45 1.06
CA ALA D 229 -46.10 -23.57 -0.21
C ALA D 229 -47.46 -22.87 -0.16
N CYS D 230 -48.06 -22.65 -1.31
CA CYS D 230 -49.38 -22.02 -1.45
C CYS D 230 -50.20 -22.81 -2.48
N THR D 231 -51.52 -22.68 -2.51
CA THR D 231 -52.25 -23.43 -3.56
C THR D 231 -51.96 -22.84 -4.93
N THR D 232 -51.35 -21.66 -5.00
CA THR D 232 -50.78 -21.01 -6.17
C THR D 232 -49.40 -20.50 -5.79
N ASN D 233 -48.33 -21.19 -6.15
CA ASN D 233 -47.03 -20.83 -5.58
C ASN D 233 -46.48 -19.54 -6.17
N GLU D 234 -46.95 -19.20 -7.36
CA GLU D 234 -46.52 -18.01 -8.08
C GLU D 234 -47.08 -16.75 -7.43
N TYR D 235 -46.41 -15.63 -7.67
CA TYR D 235 -46.84 -14.29 -7.25
C TYR D 235 -48.33 -14.17 -7.52
N HIS D 236 -49.11 -13.85 -6.49
CA HIS D 236 -50.51 -13.48 -6.76
C HIS D 236 -50.87 -12.43 -5.70
N VAL D 237 -51.98 -11.74 -5.90
CA VAL D 237 -52.35 -10.65 -4.99
C VAL D 237 -53.59 -11.06 -4.21
N CYS D 238 -53.59 -10.96 -2.89
CA CYS D 238 -54.77 -11.28 -2.10
C CYS D 238 -55.45 -9.97 -1.72
N GLU D 239 -56.55 -9.99 -1.01
CA GLU D 239 -57.18 -8.74 -0.57
C GLU D 239 -57.87 -8.93 0.78
N THR D 240 -57.55 -8.09 1.74
CA THR D 240 -58.03 -8.02 3.10
C THR D 240 -58.33 -9.34 3.80
N THR D 241 -59.60 -9.74 3.80
CA THR D 241 -60.02 -10.97 4.47
C THR D 241 -59.68 -12.17 3.58
N ASN D 242 -59.22 -11.84 2.36
CA ASN D 242 -58.76 -12.87 1.47
C ASN D 242 -57.28 -13.18 1.71
N CYS D 243 -56.62 -12.37 2.54
CA CYS D 243 -55.22 -12.60 2.87
C CYS D 243 -55.10 -13.38 4.18
N GLY D 244 -53.92 -13.96 4.29
CA GLY D 244 -53.38 -14.70 5.41
C GLY D 244 -52.12 -13.99 5.89
N GLY D 245 -51.31 -14.67 6.68
CA GLY D 245 -50.05 -14.09 7.10
C GLY D 245 -50.17 -13.21 8.33
N THR D 246 -49.01 -12.77 8.76
CA THR D 246 -48.76 -12.04 9.98
C THR D 246 -49.53 -10.73 10.01
N TYR D 247 -49.74 -10.13 8.84
CA TYR D 247 -50.37 -8.81 8.81
C TYR D 247 -51.90 -8.90 8.77
N SER D 248 -52.48 -10.09 8.85
CA SER D 248 -53.90 -10.24 8.66
C SER D 248 -54.66 -10.74 9.90
N GLU D 249 -55.97 -10.52 9.83
CA GLU D 249 -57.00 -10.93 10.76
C GLU D 249 -56.97 -12.44 10.95
N ASP D 250 -56.79 -13.17 9.84
CA ASP D 250 -56.67 -14.63 10.00
C ASP D 250 -55.38 -15.20 9.46
N ARG D 251 -54.38 -15.49 10.29
CA ARG D 251 -53.10 -16.04 9.83
C ARG D 251 -53.23 -17.16 8.82
N PHE D 252 -54.29 -17.95 8.95
CA PHE D 252 -54.43 -19.12 8.08
C PHE D 252 -55.37 -18.86 6.91
N ALA D 253 -55.70 -17.60 6.69
CA ALA D 253 -56.67 -17.17 5.70
C ALA D 253 -56.14 -17.08 4.29
N GLY D 254 -54.90 -17.47 3.93
CA GLY D 254 -54.93 -17.17 2.46
C GLY D 254 -55.00 -18.40 1.59
N LYS D 255 -54.17 -18.46 0.54
CA LYS D 255 -53.92 -19.68 -0.22
C LYS D 255 -52.58 -20.27 0.24
N CYS D 256 -51.95 -19.56 1.17
CA CYS D 256 -50.56 -19.87 1.49
C CYS D 256 -50.40 -20.40 2.91
N ASP D 257 -49.28 -21.08 3.10
CA ASP D 257 -48.93 -21.58 4.44
C ASP D 257 -47.86 -20.69 5.08
N ALA D 258 -48.31 -19.85 6.00
CA ALA D 258 -47.52 -18.87 6.72
C ALA D 258 -46.54 -19.47 7.72
N ASN D 259 -46.76 -20.70 8.12
CA ASN D 259 -45.88 -21.38 9.08
C ASN D 259 -44.86 -22.26 8.38
N GLY D 260 -45.27 -23.07 7.38
CA GLY D 260 -44.25 -23.86 6.67
C GLY D 260 -44.06 -25.22 7.29
N CYS D 261 -42.96 -25.92 7.03
CA CYS D 261 -42.60 -27.17 7.71
C CYS D 261 -41.16 -26.92 8.15
N ASP D 262 -40.94 -26.62 9.42
CA ASP D 262 -39.69 -26.08 9.88
C ASP D 262 -38.77 -27.10 10.52
N TYR D 263 -37.47 -26.94 10.28
CA TYR D 263 -36.50 -27.74 11.02
C TYR D 263 -35.57 -26.77 11.77
N ASN D 264 -35.84 -26.65 13.05
CA ASN D 264 -35.05 -25.92 14.06
C ASN D 264 -34.58 -26.99 15.04
N PRO D 265 -33.28 -27.22 15.13
CA PRO D 265 -32.85 -28.39 15.94
C PRO D 265 -33.14 -28.18 17.43
N TYR D 266 -33.10 -26.93 17.86
CA TYR D 266 -33.41 -26.68 19.29
C TYR D 266 -34.87 -27.08 19.48
N ARG D 267 -35.70 -26.53 18.60
CA ARG D 267 -37.12 -26.89 18.66
C ARG D 267 -37.28 -28.40 18.59
N MET D 268 -36.41 -29.01 17.79
CA MET D 268 -36.50 -30.46 17.61
C MET D 268 -35.89 -31.25 18.74
N GLY D 269 -35.45 -30.60 19.81
CA GLY D 269 -35.02 -31.25 21.03
C GLY D 269 -33.54 -31.20 21.31
N ASN D 270 -32.77 -30.58 20.45
CA ASN D 270 -31.31 -30.44 20.56
C ASN D 270 -30.92 -29.05 21.04
N PRO D 271 -31.05 -28.79 22.34
CA PRO D 271 -30.82 -27.46 22.92
C PRO D 271 -29.37 -26.99 22.89
N ASP D 272 -28.48 -27.97 22.79
CA ASP D 272 -27.06 -27.66 22.95
C ASP D 272 -26.32 -27.70 21.64
N PHE D 273 -27.03 -27.72 20.50
CA PHE D 273 -26.30 -27.96 19.26
C PHE D 273 -25.77 -26.67 18.63
N TYR D 274 -26.62 -25.66 18.53
CA TYR D 274 -26.40 -24.40 17.87
C TYR D 274 -26.35 -23.23 18.83
N GLY D 275 -25.26 -22.47 18.80
CA GLY D 275 -25.22 -21.26 19.62
C GLY D 275 -23.81 -20.79 19.87
N LYS D 276 -23.60 -19.75 20.68
CA LYS D 276 -22.20 -19.43 20.98
C LYS D 276 -21.55 -20.48 21.89
N GLY D 277 -20.42 -20.99 21.42
CA GLY D 277 -19.54 -21.97 21.98
C GLY D 277 -19.95 -23.40 21.71
N LYS D 278 -21.13 -23.56 21.11
CA LYS D 278 -21.72 -24.89 20.94
C LYS D 278 -21.12 -25.62 19.74
N THR D 279 -21.68 -26.76 19.38
CA THR D 279 -21.19 -27.65 18.33
C THR D 279 -21.03 -26.90 17.01
N LEU D 280 -22.09 -26.14 16.72
CA LEU D 280 -22.02 -25.08 15.72
C LEU D 280 -21.95 -23.79 16.55
N ASP D 281 -20.79 -23.19 16.45
CA ASP D 281 -20.36 -22.03 17.19
C ASP D 281 -20.74 -20.74 16.49
N THR D 282 -21.90 -20.19 16.88
CA THR D 282 -22.33 -18.96 16.19
C THR D 282 -21.47 -17.75 16.51
N SER D 283 -20.46 -17.89 17.37
CA SER D 283 -19.63 -16.70 17.59
C SER D 283 -18.56 -16.65 16.51
N ARG D 284 -18.53 -17.70 15.68
CA ARG D 284 -17.61 -17.77 14.57
C ARG D 284 -18.29 -18.00 13.22
N LYS D 285 -17.63 -17.63 12.13
CA LYS D 285 -18.16 -17.80 10.79
C LYS D 285 -18.32 -19.25 10.40
N PHE D 286 -19.35 -19.57 9.60
CA PHE D 286 -19.49 -20.96 9.17
C PHE D 286 -20.17 -21.02 7.80
N THR D 287 -20.19 -22.20 7.19
CA THR D 287 -20.89 -22.46 5.93
C THR D 287 -22.19 -23.23 6.16
N VAL D 288 -23.25 -22.84 5.44
CA VAL D 288 -24.52 -23.57 5.43
C VAL D 288 -24.73 -24.09 3.98
N VAL D 289 -24.98 -25.36 3.80
CA VAL D 289 -25.25 -26.00 2.53
C VAL D 289 -26.67 -26.60 2.63
N SER D 290 -27.55 -26.21 1.72
CA SER D 290 -28.95 -26.57 1.75
C SER D 290 -29.31 -27.10 0.35
N ARG D 291 -30.06 -28.17 0.38
CA ARG D 291 -30.31 -28.96 -0.83
C ARG D 291 -31.81 -29.15 -1.01
N PHE D 292 -32.23 -29.08 -2.26
CA PHE D 292 -33.62 -29.26 -2.63
C PHE D 292 -33.85 -30.40 -3.60
N GLU D 293 -34.50 -31.43 -3.11
CA GLU D 293 -34.86 -32.61 -3.89
C GLU D 293 -36.30 -33.02 -3.56
N GLU D 294 -36.95 -33.63 -4.55
CA GLU D 294 -38.35 -34.00 -4.43
C GLU D 294 -38.47 -34.85 -3.16
N ASN D 295 -39.42 -34.48 -2.33
CA ASN D 295 -39.68 -35.12 -1.04
C ASN D 295 -38.45 -35.08 -0.14
N LYS D 296 -37.54 -34.14 -0.40
CA LYS D 296 -36.45 -34.08 0.58
C LYS D 296 -35.68 -32.78 0.44
N LEU D 297 -35.60 -32.08 1.54
CA LEU D 297 -34.80 -30.89 1.79
C LEU D 297 -33.79 -31.30 2.88
N SER D 298 -32.52 -31.04 2.66
CA SER D 298 -31.53 -31.36 3.68
C SER D 298 -30.50 -30.24 3.80
N GLN D 299 -29.87 -30.23 4.97
CA GLN D 299 -29.06 -29.09 5.35
C GLN D 299 -27.84 -29.58 6.14
N TYR D 300 -26.68 -28.99 5.88
CA TYR D 300 -25.54 -29.37 6.71
C TYR D 300 -24.67 -28.13 6.88
N PHE D 301 -23.72 -28.18 7.79
CA PHE D 301 -22.80 -27.05 7.97
C PHE D 301 -21.35 -27.50 7.85
N ILE D 302 -20.55 -26.49 7.53
CA ILE D 302 -19.10 -26.64 7.58
C ILE D 302 -18.61 -25.50 8.46
N GLN D 303 -17.82 -25.78 9.49
CA GLN D 303 -17.24 -24.68 10.26
C GLN D 303 -15.77 -25.05 10.56
N ASP D 304 -14.91 -24.08 10.40
CA ASP D 304 -13.46 -24.25 10.47
C ASP D 304 -13.02 -25.54 9.77
N GLY D 305 -13.57 -25.71 8.58
CA GLY D 305 -13.28 -26.69 7.58
C GLY D 305 -13.63 -28.10 7.98
N ARG D 306 -14.65 -28.23 8.83
CA ARG D 306 -15.11 -29.48 9.36
C ARG D 306 -16.59 -29.66 9.09
N LYS D 307 -16.99 -30.73 8.41
CA LYS D 307 -18.44 -30.90 8.18
C LYS D 307 -19.07 -31.06 9.56
N ILE D 308 -20.26 -30.44 9.73
CA ILE D 308 -21.07 -30.64 10.92
C ILE D 308 -22.53 -30.92 10.53
N GLU D 309 -23.08 -32.05 10.93
CA GLU D 309 -24.42 -32.49 10.58
C GLU D 309 -25.41 -32.00 11.64
N ILE D 310 -26.66 -31.79 11.20
CA ILE D 310 -27.73 -31.36 12.10
C ILE D 310 -28.39 -32.54 12.77
N PRO D 311 -28.43 -32.54 14.11
CA PRO D 311 -28.88 -33.75 14.81
C PRO D 311 -30.39 -33.97 14.63
N PRO D 312 -30.80 -35.23 14.75
CA PRO D 312 -32.17 -35.66 14.50
C PRO D 312 -33.10 -35.26 15.64
N PRO D 313 -34.41 -35.38 15.46
CA PRO D 313 -35.31 -34.96 16.54
C PRO D 313 -35.20 -35.86 17.75
N THR D 314 -35.44 -35.31 18.94
CA THR D 314 -35.50 -36.25 20.06
C THR D 314 -36.94 -36.52 20.47
N TRP D 315 -37.91 -35.91 19.81
CA TRP D 315 -39.31 -36.18 20.12
C TRP D 315 -39.77 -37.52 19.58
N GLU D 316 -40.25 -38.37 20.48
CA GLU D 316 -40.62 -39.73 20.12
C GLU D 316 -41.71 -39.67 19.06
N GLY D 317 -41.62 -40.48 18.01
CA GLY D 317 -42.65 -40.53 16.99
C GLY D 317 -42.27 -39.87 15.69
N MET D 318 -41.19 -39.10 15.73
CA MET D 318 -40.61 -38.42 14.60
C MET D 318 -39.52 -39.29 13.97
N PRO D 319 -39.33 -39.12 12.68
CA PRO D 319 -38.30 -39.90 12.01
C PRO D 319 -36.93 -39.52 12.57
N ASN D 320 -36.09 -40.53 12.68
CA ASN D 320 -34.68 -40.40 13.05
C ASN D 320 -33.84 -39.74 11.96
N SER D 321 -34.27 -38.58 11.52
CA SER D 321 -33.57 -37.81 10.52
C SER D 321 -33.98 -36.33 10.61
N SER D 322 -33.02 -35.48 10.34
CA SER D 322 -33.16 -34.04 10.40
C SER D 322 -33.55 -33.53 9.01
N GLU D 323 -33.74 -34.44 8.06
CA GLU D 323 -34.15 -34.01 6.72
C GLU D 323 -35.58 -33.53 6.69
N ILE D 324 -35.95 -32.61 5.80
CA ILE D 324 -37.37 -32.20 5.70
C ILE D 324 -38.10 -32.96 4.60
N THR D 325 -38.86 -33.97 5.01
CA THR D 325 -39.49 -34.98 4.18
C THR D 325 -40.99 -35.13 4.47
N PRO D 326 -41.75 -35.85 3.65
CA PRO D 326 -43.16 -36.10 3.92
C PRO D 326 -43.39 -36.54 5.36
N GLU D 327 -42.58 -37.49 5.80
CA GLU D 327 -42.63 -38.10 7.12
C GLU D 327 -42.32 -37.11 8.22
N LEU D 328 -41.25 -36.32 8.13
CA LEU D 328 -40.95 -35.31 9.13
C LEU D 328 -42.19 -34.42 9.30
N CYS D 329 -42.67 -33.90 8.15
CA CYS D 329 -43.77 -32.92 8.22
C CYS D 329 -45.05 -33.53 8.70
N SER D 330 -45.43 -34.78 8.37
CA SER D 330 -46.67 -35.24 8.99
C SER D 330 -46.50 -35.41 10.49
N THR D 331 -45.46 -36.14 10.91
CA THR D 331 -45.33 -36.40 12.34
C THR D 331 -45.21 -35.12 13.17
N MET D 332 -44.72 -34.09 12.51
CA MET D 332 -44.57 -32.72 12.97
C MET D 332 -45.77 -32.25 13.79
N PHE D 333 -46.81 -31.84 13.08
CA PHE D 333 -48.04 -31.29 13.61
C PHE D 333 -48.94 -32.39 14.17
N ASP D 334 -48.33 -33.30 14.92
CA ASP D 334 -48.81 -34.44 15.66
C ASP D 334 -48.19 -34.47 17.05
N VAL D 335 -46.85 -34.36 17.08
CA VAL D 335 -46.12 -34.26 18.33
C VAL D 335 -46.35 -32.85 18.86
N PHE D 336 -46.25 -31.89 17.93
CA PHE D 336 -46.61 -30.53 18.20
C PHE D 336 -48.11 -30.38 17.90
N ASN D 337 -48.83 -29.85 18.87
CA ASN D 337 -50.24 -29.55 18.77
C ASN D 337 -50.39 -28.22 18.02
N ASP D 338 -49.87 -28.23 16.80
CA ASP D 338 -49.77 -27.11 15.89
C ASP D 338 -50.78 -27.26 14.76
N ARG D 339 -51.37 -26.14 14.35
CA ARG D 339 -52.36 -26.31 13.27
C ARG D 339 -51.61 -26.74 12.02
N ASN D 340 -51.99 -27.85 11.40
CA ASN D 340 -51.33 -28.42 10.22
C ASN D 340 -51.67 -27.70 8.92
N ARG D 341 -51.16 -26.47 8.81
CA ARG D 341 -51.46 -25.68 7.63
C ARG D 341 -50.72 -26.25 6.43
N PHE D 342 -49.52 -26.78 6.63
CA PHE D 342 -48.74 -27.41 5.55
C PHE D 342 -49.56 -28.45 4.82
N GLU D 343 -50.20 -29.35 5.60
CA GLU D 343 -51.00 -30.30 4.82
C GLU D 343 -52.21 -29.54 4.26
N GLU D 344 -52.67 -28.49 4.94
CA GLU D 344 -53.83 -27.76 4.39
C GLU D 344 -53.61 -27.32 2.96
N VAL D 345 -52.49 -26.68 2.63
CA VAL D 345 -52.38 -26.23 1.25
C VAL D 345 -51.88 -27.29 0.27
N GLY D 346 -51.99 -28.57 0.57
CA GLY D 346 -51.54 -29.55 -0.41
C GLY D 346 -50.44 -30.47 -0.01
N GLY D 347 -49.76 -30.29 1.13
CA GLY D 347 -48.79 -31.31 1.53
C GLY D 347 -47.39 -31.14 1.02
N PHE D 348 -46.54 -32.18 1.17
CA PHE D 348 -45.19 -32.00 0.65
C PHE D 348 -45.23 -31.94 -0.87
N GLU D 349 -46.33 -32.52 -1.42
CA GLU D 349 -46.37 -32.51 -2.88
C GLU D 349 -46.51 -31.09 -3.40
N GLN D 350 -47.18 -30.24 -2.60
CA GLN D 350 -47.34 -28.87 -3.05
C GLN D 350 -46.00 -28.15 -2.98
N LEU D 351 -45.15 -28.59 -2.07
CA LEU D 351 -43.80 -28.01 -1.94
C LEU D 351 -42.92 -28.38 -3.14
N ASN D 352 -42.99 -29.66 -3.50
CA ASN D 352 -42.40 -30.18 -4.72
C ASN D 352 -42.72 -29.22 -5.86
N ASN D 353 -44.01 -28.87 -6.05
CA ASN D 353 -44.33 -27.95 -7.14
C ASN D 353 -43.69 -26.58 -6.94
N ALA D 354 -43.75 -26.15 -5.68
CA ALA D 354 -43.16 -24.85 -5.36
C ALA D 354 -41.68 -24.86 -5.74
N LEU D 355 -41.00 -25.99 -5.49
CA LEU D 355 -39.58 -26.12 -5.76
C LEU D 355 -39.31 -26.10 -7.26
N ARG D 356 -40.38 -26.33 -8.03
CA ARG D 356 -40.15 -26.24 -9.47
C ARG D 356 -40.51 -24.84 -10.00
N VAL D 357 -40.67 -23.84 -9.15
CA VAL D 357 -40.93 -22.46 -9.49
C VAL D 357 -39.69 -21.58 -9.32
N PRO D 358 -39.11 -21.03 -10.37
CA PRO D 358 -37.87 -20.25 -10.23
C PRO D 358 -37.94 -19.19 -9.15
N MET D 359 -36.85 -19.09 -8.39
CA MET D 359 -36.88 -18.19 -7.24
C MET D 359 -35.88 -17.04 -7.33
N VAL D 360 -36.16 -16.02 -6.51
CA VAL D 360 -35.23 -14.90 -6.38
C VAL D 360 -34.57 -15.01 -5.00
N LEU D 361 -33.27 -14.74 -4.94
CA LEU D 361 -32.56 -14.92 -3.69
C LEU D 361 -32.71 -13.69 -2.82
N VAL D 362 -33.13 -13.87 -1.58
CA VAL D 362 -33.30 -12.76 -0.66
C VAL D 362 -32.29 -12.81 0.49
N MET D 363 -31.83 -11.63 0.88
CA MET D 363 -30.90 -11.45 1.99
C MET D 363 -31.41 -10.32 2.87
N SER D 364 -31.57 -10.60 4.17
CA SER D 364 -32.16 -9.61 5.05
C SER D 364 -31.67 -9.67 6.49
N ILE D 365 -32.05 -8.62 7.19
CA ILE D 365 -31.97 -8.59 8.65
C ILE D 365 -33.17 -7.78 9.14
N TRP D 366 -33.84 -8.27 10.17
CA TRP D 366 -35.05 -7.53 10.58
C TRP D 366 -35.40 -7.79 12.04
N ASP D 367 -36.24 -6.97 12.66
CA ASP D 367 -36.82 -7.37 13.94
C ASP D 367 -38.34 -7.49 13.80
N ASP D 368 -38.99 -8.10 14.78
CA ASP D 368 -40.37 -8.55 14.75
C ASP D 368 -41.30 -7.80 15.68
N HIS D 369 -42.10 -6.87 15.15
CA HIS D 369 -42.96 -6.04 15.99
C HIS D 369 -44.24 -6.76 16.43
N TYR D 370 -44.58 -7.81 15.73
CA TYR D 370 -45.73 -8.65 16.02
C TYR D 370 -45.47 -9.69 17.09
N ALA D 371 -44.45 -10.53 16.94
CA ALA D 371 -44.18 -11.61 17.90
C ALA D 371 -42.74 -11.59 18.42
N ASN D 372 -41.98 -10.51 18.21
CA ASN D 372 -40.75 -10.27 18.90
C ASN D 372 -39.69 -11.33 18.61
N MET D 373 -39.87 -12.06 17.53
CA MET D 373 -39.01 -13.16 17.08
C MET D 373 -39.00 -14.33 18.06
N LEU D 374 -40.02 -14.45 18.90
CA LEU D 374 -40.03 -15.48 19.93
C LEU D 374 -40.14 -16.87 19.33
N TRP D 375 -40.82 -16.96 18.21
CA TRP D 375 -41.03 -18.21 17.49
C TRP D 375 -39.74 -18.81 16.95
N LEU D 376 -38.71 -17.99 16.77
CA LEU D 376 -37.40 -18.41 16.30
C LEU D 376 -36.49 -18.88 17.41
N ASP D 377 -36.44 -18.07 18.48
CA ASP D 377 -35.38 -18.24 19.46
C ASP D 377 -35.89 -18.30 20.88
N SER D 378 -37.20 -18.25 21.13
CA SER D 378 -37.54 -18.31 22.58
C SER D 378 -38.62 -19.38 22.78
N ILE D 379 -39.53 -19.08 23.67
CA ILE D 379 -40.63 -19.97 24.01
C ILE D 379 -41.90 -19.37 23.42
N TYR D 380 -42.51 -20.08 22.49
CA TYR D 380 -43.68 -19.54 21.81
C TYR D 380 -44.65 -20.68 21.58
N PRO D 381 -45.94 -20.40 21.76
CA PRO D 381 -46.44 -19.15 22.32
C PRO D 381 -46.33 -19.15 23.85
N PRO D 382 -46.32 -17.96 24.43
CA PRO D 382 -45.95 -17.73 25.82
C PRO D 382 -46.96 -18.30 26.82
N GLU D 383 -48.20 -18.39 26.37
CA GLU D 383 -49.41 -18.71 27.09
C GLU D 383 -49.18 -19.63 28.29
N LYS D 384 -48.33 -20.64 28.12
CA LYS D 384 -48.06 -21.57 29.21
C LYS D 384 -46.63 -22.10 29.14
N GLU D 385 -46.18 -22.48 27.94
CA GLU D 385 -44.83 -22.98 27.76
C GLU D 385 -44.61 -24.31 28.47
N GLY D 386 -43.54 -25.01 28.10
CA GLY D 386 -43.22 -26.33 28.59
C GLY D 386 -43.68 -27.47 27.72
N GLN D 387 -44.52 -27.26 26.70
CA GLN D 387 -44.99 -28.40 25.90
C GLN D 387 -44.17 -28.56 24.63
N PRO D 388 -44.12 -29.74 24.01
CA PRO D 388 -43.31 -29.94 22.81
C PRO D 388 -43.65 -28.94 21.71
N GLY D 389 -42.66 -28.17 21.26
CA GLY D 389 -42.93 -27.27 20.13
C GLY D 389 -42.71 -25.81 20.53
N ALA D 390 -43.02 -25.52 21.78
CA ALA D 390 -42.91 -24.24 22.46
C ALA D 390 -41.51 -23.69 22.60
N ALA D 391 -40.57 -24.49 23.10
CA ALA D 391 -39.22 -23.92 23.23
C ALA D 391 -38.49 -24.01 21.90
N ARG D 392 -37.97 -22.86 21.46
CA ARG D 392 -37.29 -22.74 20.16
C ARG D 392 -35.89 -22.19 20.26
N GLY D 393 -35.59 -21.50 21.35
CA GLY D 393 -34.22 -21.03 21.62
C GLY D 393 -34.08 -20.70 23.11
N ASP D 394 -32.94 -20.18 23.55
CA ASP D 394 -32.66 -19.88 24.95
C ASP D 394 -32.84 -18.39 25.26
N CYS D 395 -33.53 -17.71 24.36
CA CYS D 395 -33.70 -16.26 24.53
C CYS D 395 -34.83 -15.98 25.54
N PRO D 396 -34.69 -15.00 26.42
CA PRO D 396 -35.80 -14.63 27.30
C PRO D 396 -37.07 -14.38 26.50
N THR D 397 -38.18 -14.66 27.17
CA THR D 397 -39.53 -14.49 26.71
C THR D 397 -39.89 -13.01 26.64
N ASP D 398 -39.02 -12.15 27.19
CA ASP D 398 -39.28 -10.72 26.99
C ASP D 398 -38.14 -10.11 26.18
N SER D 399 -37.60 -10.95 25.29
CA SER D 399 -36.56 -10.46 24.39
C SER D 399 -37.25 -10.01 23.11
N GLY D 400 -36.52 -9.34 22.24
CA GLY D 400 -37.00 -9.01 20.91
C GLY D 400 -37.82 -7.76 20.84
N VAL D 401 -38.01 -7.02 21.95
CA VAL D 401 -38.86 -5.82 21.75
C VAL D 401 -38.10 -4.85 20.87
N PRO D 402 -38.76 -4.53 19.75
CA PRO D 402 -38.19 -3.71 18.68
C PRO D 402 -37.42 -2.51 19.22
N ALA D 403 -38.13 -1.62 19.89
CA ALA D 403 -37.56 -0.43 20.52
C ALA D 403 -36.44 -0.82 21.46
N GLU D 404 -36.60 -1.97 22.12
CA GLU D 404 -35.54 -2.30 23.07
C GLU D 404 -34.30 -2.81 22.37
N VAL D 405 -34.50 -3.74 21.43
CA VAL D 405 -33.35 -4.38 20.80
C VAL D 405 -32.54 -3.41 19.94
N GLU D 406 -33.24 -2.43 19.39
CA GLU D 406 -32.57 -1.45 18.54
C GLU D 406 -31.71 -0.50 19.34
N ALA D 407 -32.07 -0.26 20.61
CA ALA D 407 -31.24 0.67 21.39
C ALA D 407 -30.09 -0.05 22.07
N GLN D 408 -30.37 -1.32 22.31
CA GLN D 408 -29.38 -2.17 22.96
C GLN D 408 -28.28 -2.59 22.00
N PHE D 409 -28.69 -3.13 20.85
CA PHE D 409 -27.72 -3.65 19.90
C PHE D 409 -27.73 -2.99 18.53
N PRO D 410 -27.90 -1.69 18.34
CA PRO D 410 -27.99 -1.08 17.01
C PRO D 410 -26.87 -1.42 16.03
N ASP D 411 -25.73 -1.95 16.45
CA ASP D 411 -24.66 -2.22 15.49
C ASP D 411 -24.55 -3.73 15.30
N ALA D 412 -25.66 -4.39 15.66
CA ALA D 412 -25.76 -5.80 15.28
C ALA D 412 -25.62 -5.90 13.78
N GLN D 413 -24.92 -6.92 13.24
CA GLN D 413 -24.87 -6.99 11.79
C GLN D 413 -24.73 -8.43 11.31
N VAL D 414 -25.08 -8.60 10.04
CA VAL D 414 -24.82 -9.88 9.36
C VAL D 414 -23.95 -9.62 8.13
N VAL D 415 -22.96 -10.49 7.96
CA VAL D 415 -22.13 -10.40 6.74
C VAL D 415 -22.33 -11.73 6.01
N TRP D 416 -23.01 -11.67 4.87
CA TRP D 416 -23.26 -12.84 4.05
C TRP D 416 -22.12 -12.97 3.04
N SER D 417 -21.59 -14.18 2.80
CA SER D 417 -20.58 -14.20 1.71
C SER D 417 -20.46 -15.57 1.07
N ASN D 418 -19.75 -15.55 -0.07
CA ASN D 418 -19.40 -16.76 -0.79
C ASN D 418 -20.60 -17.66 -1.05
N ILE D 419 -21.59 -17.05 -1.74
CA ILE D 419 -22.74 -17.85 -2.14
C ILE D 419 -22.31 -18.66 -3.37
N ARG D 420 -22.65 -19.93 -3.29
CA ARG D 420 -22.41 -20.90 -4.35
C ARG D 420 -23.72 -21.55 -4.75
N PHE D 421 -23.92 -21.88 -6.02
CA PHE D 421 -25.09 -22.60 -6.49
C PHE D 421 -24.76 -23.57 -7.63
N GLY D 422 -25.43 -24.70 -7.61
CA GLY D 422 -25.23 -25.74 -8.61
C GLY D 422 -25.89 -27.01 -8.15
N PRO D 423 -25.58 -28.13 -8.80
CA PRO D 423 -26.19 -29.40 -8.43
C PRO D 423 -25.68 -29.90 -7.08
N ILE D 424 -26.50 -30.70 -6.45
CA ILE D 424 -26.26 -31.47 -5.26
C ILE D 424 -24.82 -31.98 -5.25
N GLY D 425 -24.11 -31.80 -4.15
CA GLY D 425 -22.77 -32.28 -3.92
C GLY D 425 -21.67 -31.40 -4.51
N SER D 426 -22.06 -30.31 -5.17
CA SER D 426 -21.10 -29.60 -6.01
C SER D 426 -20.51 -28.30 -5.50
N THR D 427 -21.05 -27.69 -4.45
CA THR D 427 -20.51 -26.40 -4.02
C THR D 427 -19.34 -26.63 -3.07
N TYR D 428 -19.38 -27.78 -2.42
CA TYR D 428 -18.46 -28.41 -1.51
C TYR D 428 -18.51 -29.94 -1.62
N ASP D 429 -17.33 -30.50 -1.44
CA ASP D 429 -17.04 -31.91 -1.54
C ASP D 429 -17.53 -32.62 -0.28
N PHE D 430 -18.85 -32.66 -0.14
CA PHE D 430 -19.42 -33.24 1.08
C PHE D 430 -20.75 -33.94 0.85
C2 BGC E . -15.09 43.22 -5.60
C3 BGC E . -14.73 41.83 -5.13
C4 BGC E . -13.87 41.03 -6.08
C5 BGC E . -13.10 41.76 -7.14
C6 BGC E . -13.01 40.85 -8.39
C1 BGC E . -13.92 43.80 -6.38
O1 BGC E . -14.06 45.16 -6.72
O2 BGC E . -15.36 44.06 -4.47
O3 BGC E . -15.87 41.07 -4.73
O4 BGC E . -13.01 40.16 -5.34
O5 BGC E . -13.73 42.98 -7.55
O6 BGC E . -14.03 39.85 -8.31
C2 BGC E . -12.73 37.91 -4.49
C3 BGC E . -13.45 36.63 -4.05
C4 BGC E . -14.71 36.95 -3.25
C5 BGC E . -15.55 38.01 -3.97
C6 BGC E . -16.76 38.38 -3.11
C1 BGC E . -13.71 38.94 -5.05
O2 BGC E . -11.78 37.64 -5.52
O3 BGC E . -12.58 35.84 -3.22
O4 BGC E . -15.49 35.78 -3.04
O5 BGC E . -14.73 39.20 -4.07
O6 BGC E . -17.57 39.29 -3.84
C2 BGC F . 46.73 19.25 -12.85
C3 BGC F . 45.32 19.07 -12.36
C4 BGC F . 44.70 20.15 -11.51
C5 BGC F . 45.43 21.47 -11.55
C6 BGC F . 45.11 22.22 -10.24
C1 BGC F . 47.32 20.64 -12.69
O1 BGC F . 48.75 20.50 -12.58
O2 BGC F . 46.87 18.81 -14.20
O3 BGC F . 45.18 17.81 -11.69
O4 BGC F . 43.32 20.30 -11.87
O5 BGC F . 46.85 21.30 -11.52
O6 BGC F . 45.34 21.29 -9.17
C2 BGC F . 41.06 19.60 -11.39
C3 BGC F . 40.27 18.52 -10.64
C4 BGC F . 40.48 17.23 -11.44
C5 BGC F . 41.98 16.93 -11.47
C6 BGC F . 42.29 15.56 -12.04
C1 BGC F . 42.55 19.21 -11.35
O2 BGC F . 40.88 20.86 -10.75
O3 BGC F . 38.89 18.85 -10.53
O4 BGC F . 39.70 16.17 -10.93
O5 BGC F . 42.72 17.99 -12.07
O6 BGC F . 42.61 15.58 -13.43
C2 BGC G . 14.03 -42.88 2.82
C3 BGC G . 14.46 -41.85 3.87
C4 BGC G . 13.27 -40.95 4.24
C5 BGC G . 12.06 -41.81 4.56
C6 BGC G . 10.85 -40.93 4.86
C1 BGC G . 12.82 -43.65 3.34
O1 BGC G . 12.50 -44.68 2.42
O2 BGC G . 15.10 -43.79 2.57
O3 BGC G . 15.53 -41.05 3.36
O4 BGC G . 13.66 -40.24 5.43
O5 BGC G . 11.73 -42.72 3.49
O6 BGC G . 9.87 -41.70 5.56
C2 BGC G . 13.52 -37.97 6.40
C3 BGC G . 13.73 -36.50 6.01
C4 BGC G . 15.07 -36.31 5.32
C5 BGC G . 15.12 -37.24 4.09
C6 BGC G . 16.52 -37.15 3.48
C1 BGC G . 13.73 -38.83 5.15
O2 BGC G . 12.23 -38.09 6.97
O3 BGC G . 13.57 -35.63 7.13
O4 BGC G . 15.26 -34.94 4.96
O5 BGC G . 15.02 -38.57 4.63
O6 BGC G . 17.40 -37.81 4.38
C2 BGC H . -45.89 -19.72 15.10
C3 BGC H . -45.47 -19.20 13.73
C4 BGC H . -44.18 -19.88 13.22
C5 BGC H . -44.31 -21.39 13.35
C6 BGC H . -42.96 -22.07 13.03
C1 BGC H . -45.94 -21.26 15.10
O1 BGC H . -46.14 -21.71 16.45
O2 BGC H . -47.16 -19.17 15.45
O3 BGC H . -45.34 -17.78 13.74
O4 BGC H . -44.11 -19.60 11.82
O5 BGC H . -44.69 -21.82 14.65
O6 BGC H . -41.95 -21.51 13.87
C2 BGC H . -42.61 -19.15 10.01
C3 BGC H . -41.52 -18.22 9.50
C4 BGC H . -41.94 -16.75 9.58
C5 BGC H . -42.45 -16.47 10.99
C6 BGC H . -42.98 -15.05 11.13
C1 BGC H . -43.05 -18.73 11.43
O2 BGC H . -42.15 -20.51 10.08
O3 BGC H . -41.14 -18.56 8.16
O4 BGC H . -40.81 -15.93 9.21
O5 BGC H . -43.53 -17.37 11.34
O6 BGC H . -41.94 -14.09 10.92
#